data_8KI8
#
_entry.id   8KI8
#
_cell.length_a   1.00
_cell.length_b   1.00
_cell.length_c   1.00
_cell.angle_alpha   90.00
_cell.angle_beta   90.00
_cell.angle_gamma   90.00
#
_symmetry.space_group_name_H-M   'P 1'
#
loop_
_entity.id
_entity.type
_entity.pdbx_description
1 polymer 'RNA-directed RNA polymerase L'
2 polymer "RNA (5'-R(P*AP*GP*AP*GP*CP*AP*AP*UP*CP*A)-3')"
#
loop_
_entity_poly.entity_id
_entity_poly.type
_entity_poly.pdbx_seq_one_letter_code
_entity_poly.pdbx_strand_id
1 'polypeptide(L)'
;VFFSHWTSKYKERNPTEIAYSEDIERIIDSLVTDEITKEEIIHFLFGNFCFHIETMNDQHIADKFKGYQSSCINLKIEPK
VDLADLKDHLIQKQQIWESLYGKHLEKIMLRIREKKKKEKEIPDITTAFNQNAAEYEEKYPNCFTNDLSETKTNFSMTWS
PSFEKIELSSEVDYNNAIINKFRESFKSSSRVIYNSPYSSINNQTNKARDITNLVRLCLTELSCDTTKMEKQELEDEIDI
NTGSIKVERTKKSKEWNKQGSCLTRNKNEFCMKETGRENKTIYFKGLAVMNIGMSSKKRILKKEEIKERISKGLEYDTSE
RQADPNDDYSSIDMSSLTHMKKLIRHDNEDSLSWCERIKDSLFVLHNGDIREEGKITSVYNNYAKNPECLYIQDSVLKTE
LETCKKINKLCNDLAIYHYSEDMMQFSKGLMVADRYMTKESFKILTTANTSMMLLAFKGDGMNTGGSGVPYIALHIVDED
MSDQFNICYTKEIYSYFRNGSNYIYIMRPQRLNQVRLLSLFKTPSKVPVCFAQFSKKANEMEKWLKNKDIEKVNVFSMTM
TVKQILINIVFSSVMIGTVTKLSRMGIFDFMRYAGFLPLSDYSNIKEYIRDKFDPDITNVADIYFVNGIKKLLFRMEDLN
LSTNAKPVVVDHENDIIGGITDLNIKCPITGSTLLTLEDLYNNVYLAIYMMPKSLHNHVHNLTSLLNVPAEWELKFRKEL
GFNIFEDIYPKKAMFDDKDLFSINGALNVKALSDYYLGNIENVGLMRSEIENKEDFLSPCYKISTLKSSKKCSQSNIIST
DEIIECLQNAKIQDIENWKGNNLAIIKGLIRTYNEEKNRLVEFFEDNCVNSLYLVEKLKEIINSGSITVGKSVTSKFIRN
NHPLTVETYLKTKLYYRNNVTVLKSKKVSEELYDLVKQFHNMMEIDLDSVMNLGKGTEGKKHTFLQMLEFVMSKAKNVTG
SVDFLVSVFEKMQRTKTDREIYLMSMKVKMMLYFIEHTFKHVAQSDPSEAISISGDNKIRALSTLSLDTITSYNDILNKN
SKKSRLAFLSADQSKWSASDLTYKYVLAIILNPILTTGEASLMIECILMYVKLKKVCIPTDIFLNLRKAQGTFGQNETAI
GLLTKGLTTNTYPVSMNWLQGNLNYLSSVYHSCAMKAYHKTLECYKDCDFQTRWIVHSDDNATSLIASGEVDKMLTDFSS
SSLPEMLFRSIEAHFKSFCITLNPKKSYASSSEVEFISERIVNGAIIPLYCRHLANCCTESSHISYFDDLMSLSIHVTML
LRKGCPNEVIPFAYGAVQVQALSIYSMLPGEVNDSIRIFKKLGVSLKSNEIPTNMGGWLTSPIEPLSILGPSSNDQIIYY
NVIRDFLNKKSLEEVKDSVSSSSYLQMRFRELKGKYEKGTLEEKDKKMIFLINLFEKASVSEDSDVLTIGMKFQTMLTQI
IKLPNFINENALNKMSSYKDFSKLYPNLKKNEDLYKSTKNLKIDEDAILEEDELYEKIASSLEMESVHDIMIKNPETILI
APLNDRDFLLSQLFMYTSPSKRNQLSNQSTEKLALDRVLRSKARTFVDISSTVKMTYEENMEKKILEMLKFDLDSYCSFK
TCVNLVIKDVNFSMLIPILDSAYPCESRKRDNYNFRWFQTEKWIPVVEGSPGLVVMHAVYGSNYIENLGLKNIPLTDDSI
NVLTSTFGTGLIMEDVKSLVKGKDSFETEAFSNSNECQRLVKACNYMIAAQNRLLAINTCFTRKSFPFYSKFNLGRGFIS
NTLALLSTIYSKEES
;
A
2 'polyribonucleotide' AGAGCAAUCA E
#
# COMPACT_ATOMS: atom_id res chain seq x y z
N VAL A 1 -42.20 -4.98 17.86
CA VAL A 1 -41.14 -5.68 18.56
C VAL A 1 -39.80 -4.96 18.37
N PHE A 2 -38.95 -5.08 19.40
CA PHE A 2 -37.56 -4.60 19.43
C PHE A 2 -37.43 -3.08 19.37
N PHE A 3 -38.55 -2.34 19.49
CA PHE A 3 -38.61 -0.88 19.64
C PHE A 3 -37.91 -0.16 18.47
N SER A 4 -38.54 -0.30 17.30
CA SER A 4 -38.07 0.35 16.09
C SER A 4 -38.12 1.86 16.23
N HIS A 5 -36.96 2.51 16.29
CA HIS A 5 -36.86 3.94 16.52
C HIS A 5 -36.67 4.68 15.22
N TRP A 6 -37.32 5.84 15.11
CA TRP A 6 -37.22 6.72 13.95
C TRP A 6 -35.82 7.32 13.93
N THR A 7 -34.95 6.78 13.07
CA THR A 7 -33.56 7.21 13.01
C THR A 7 -33.33 8.29 11.94
N SER A 8 -34.15 9.33 11.99
CA SER A 8 -34.05 10.46 11.06
C SER A 8 -34.92 11.60 11.59
N LYS A 9 -34.82 12.74 10.93
CA LYS A 9 -35.74 13.86 11.13
C LYS A 9 -36.44 14.26 9.85
N TYR A 10 -36.26 13.48 8.78
CA TYR A 10 -36.87 13.73 7.47
C TYR A 10 -38.14 12.93 7.27
N LYS A 11 -38.94 12.80 8.33
CA LYS A 11 -40.06 11.85 8.37
C LYS A 11 -41.13 12.16 7.34
N GLU A 12 -41.28 13.42 6.95
CA GLU A 12 -42.35 13.82 6.04
C GLU A 12 -41.89 13.93 4.59
N ARG A 13 -40.66 13.56 4.26
CA ARG A 13 -40.17 13.68 2.90
C ARG A 13 -40.33 12.36 2.14
N ASN A 14 -40.94 12.46 0.94
CA ASN A 14 -41.16 11.39 -0.02
C ASN A 14 -40.10 11.43 -1.11
N PRO A 15 -39.80 10.29 -1.74
CA PRO A 15 -38.81 10.30 -2.84
C PRO A 15 -39.20 11.13 -4.05
N THR A 16 -40.49 11.28 -4.33
CA THR A 16 -40.94 12.02 -5.52
C THR A 16 -41.58 13.34 -5.11
N GLU A 17 -41.23 14.40 -5.84
CA GLU A 17 -41.79 15.75 -5.76
C GLU A 17 -41.62 16.44 -4.41
N ILE A 18 -40.86 15.84 -3.50
CA ILE A 18 -40.52 16.47 -2.23
C ILE A 18 -39.02 16.71 -2.10
N ALA A 19 -38.18 15.90 -2.75
CA ALA A 19 -36.73 16.07 -2.68
C ALA A 19 -36.30 17.23 -3.57
N TYR A 20 -34.98 17.38 -3.73
CA TYR A 20 -34.44 18.55 -4.42
C TYR A 20 -34.59 18.47 -5.93
N SER A 21 -34.81 17.27 -6.48
CA SER A 21 -34.81 17.09 -7.93
C SER A 21 -36.10 16.42 -8.40
N GLU A 22 -36.48 16.75 -9.64
CA GLU A 22 -37.63 16.17 -10.30
C GLU A 22 -37.23 15.07 -11.29
N ASP A 23 -36.03 14.52 -11.14
CA ASP A 23 -35.52 13.47 -12.02
C ASP A 23 -36.28 12.15 -11.88
N ILE A 24 -36.96 11.93 -10.75
CA ILE A 24 -37.69 10.68 -10.53
C ILE A 24 -38.85 10.55 -11.51
N GLU A 25 -39.48 11.68 -11.87
CA GLU A 25 -40.60 11.66 -12.81
C GLU A 25 -40.17 11.17 -14.19
N ARG A 26 -39.04 11.65 -14.70
CA ARG A 26 -38.61 11.20 -16.02
C ARG A 26 -37.85 9.87 -15.96
N ILE A 27 -37.32 9.49 -14.80
CA ILE A 27 -36.86 8.11 -14.61
C ILE A 27 -38.03 7.14 -14.74
N ILE A 28 -39.17 7.51 -14.15
CA ILE A 28 -40.40 6.74 -14.32
C ILE A 28 -40.85 6.76 -15.79
N ASP A 29 -40.85 7.94 -16.41
CA ASP A 29 -41.35 8.10 -17.77
C ASP A 29 -40.44 7.45 -18.81
N SER A 30 -39.21 7.12 -18.46
CA SER A 30 -38.32 6.39 -19.35
C SER A 30 -38.38 4.87 -19.14
N LEU A 31 -39.24 4.40 -18.25
CA LEU A 31 -39.34 2.98 -17.94
C LEU A 31 -40.56 2.30 -18.54
N VAL A 32 -41.40 3.03 -19.27
CA VAL A 32 -42.64 2.45 -19.80
C VAL A 32 -42.32 1.63 -21.04
N THR A 33 -42.80 0.39 -21.06
CA THR A 33 -42.71 -0.47 -22.22
C THR A 33 -44.08 -0.52 -22.91
N ASP A 34 -44.20 -1.38 -23.92
CA ASP A 34 -45.46 -1.55 -24.62
C ASP A 34 -46.48 -2.40 -23.85
N GLU A 35 -46.04 -3.11 -22.81
CA GLU A 35 -46.91 -3.94 -22.01
C GLU A 35 -47.08 -3.48 -20.57
N ILE A 36 -46.10 -2.74 -20.03
CA ILE A 36 -46.16 -2.22 -18.66
C ILE A 36 -46.12 -0.71 -18.74
N THR A 37 -47.11 -0.05 -18.13
CA THR A 37 -47.31 1.38 -18.26
C THR A 37 -46.95 2.10 -16.95
N LYS A 38 -47.27 3.40 -16.91
CA LYS A 38 -46.77 4.30 -15.87
C LYS A 38 -47.36 3.96 -14.49
N GLU A 39 -48.68 3.80 -14.42
CA GLU A 39 -49.31 3.46 -13.14
C GLU A 39 -48.89 2.07 -12.68
N GLU A 40 -48.67 1.15 -13.62
CA GLU A 40 -48.15 -0.18 -13.31
C GLU A 40 -46.77 -0.12 -12.68
N ILE A 41 -45.84 0.60 -13.30
CA ILE A 41 -44.47 0.63 -12.80
C ILE A 41 -44.38 1.39 -11.48
N ILE A 42 -45.19 2.43 -11.31
CA ILE A 42 -45.10 3.14 -10.03
C ILE A 42 -45.83 2.39 -8.92
N HIS A 43 -46.87 1.59 -9.25
CA HIS A 43 -47.49 0.71 -8.28
C HIS A 43 -46.49 -0.32 -7.77
N PHE A 44 -45.80 -1.00 -8.69
CA PHE A 44 -44.82 -2.01 -8.30
C PHE A 44 -43.66 -1.38 -7.53
N LEU A 45 -43.14 -0.26 -8.03
CA LEU A 45 -41.93 0.34 -7.47
C LEU A 45 -42.18 0.93 -6.09
N PHE A 46 -43.31 1.61 -5.89
CA PHE A 46 -43.57 2.27 -4.62
C PHE A 46 -44.42 1.41 -3.69
N GLY A 47 -44.81 0.20 -4.09
CA GLY A 47 -45.53 -0.63 -3.16
C GLY A 47 -45.09 -2.07 -3.09
N ASN A 48 -43.91 -2.40 -3.59
CA ASN A 48 -43.44 -3.78 -3.49
C ASN A 48 -42.93 -4.17 -2.09
N PHE A 49 -43.06 -3.30 -1.09
CA PHE A 49 -42.68 -3.65 0.27
C PHE A 49 -43.66 -4.60 0.94
N CYS A 50 -44.84 -4.81 0.34
CA CYS A 50 -45.87 -5.64 0.94
C CYS A 50 -45.49 -7.11 1.04
N PHE A 51 -44.52 -7.56 0.24
CA PHE A 51 -44.00 -8.91 0.42
C PHE A 51 -43.16 -9.02 1.69
N HIS A 52 -42.49 -7.95 2.08
CA HIS A 52 -41.75 -7.90 3.34
C HIS A 52 -42.60 -7.31 4.46
N ILE A 53 -43.80 -7.84 4.68
CA ILE A 53 -44.71 -7.30 5.68
C ILE A 53 -44.83 -8.17 6.91
N GLU A 54 -44.40 -9.43 6.86
CA GLU A 54 -44.52 -10.31 8.01
C GLU A 54 -43.45 -10.04 9.06
N THR A 55 -42.36 -9.37 8.70
CA THR A 55 -41.24 -9.14 9.61
C THR A 55 -40.94 -7.65 9.75
N MET A 56 -41.98 -6.81 9.79
CA MET A 56 -41.80 -5.39 10.05
C MET A 56 -42.78 -4.93 11.12
N ASN A 57 -42.41 -3.84 11.80
CA ASN A 57 -43.22 -3.28 12.86
C ASN A 57 -44.39 -2.48 12.29
N ASP A 58 -45.38 -2.21 13.16
CA ASP A 58 -46.59 -1.52 12.73
C ASP A 58 -46.32 -0.08 12.34
N GLN A 59 -45.41 0.58 13.05
CA GLN A 59 -45.00 1.95 12.67
C GLN A 59 -44.31 1.95 11.32
N HIS A 60 -43.48 0.94 11.05
CA HIS A 60 -42.83 0.81 9.75
C HIS A 60 -43.84 0.61 8.62
N ILE A 61 -44.82 -0.27 8.85
CA ILE A 61 -45.85 -0.54 7.84
C ILE A 61 -46.69 0.71 7.58
N ALA A 62 -47.09 1.41 8.64
CA ALA A 62 -47.90 2.63 8.48
C ALA A 62 -47.11 3.73 7.77
N ASP A 63 -45.83 3.89 8.11
CA ASP A 63 -45.00 4.91 7.47
C ASP A 63 -44.79 4.61 5.98
N LYS A 64 -44.52 3.35 5.64
CA LYS A 64 -44.31 3.02 4.23
C LYS A 64 -45.61 3.10 3.43
N PHE A 65 -46.75 2.76 4.04
CA PHE A 65 -48.02 2.90 3.32
C PHE A 65 -48.40 4.37 3.13
N LYS A 66 -48.13 5.21 4.13
CA LYS A 66 -48.37 6.64 3.98
C LYS A 66 -47.46 7.24 2.91
N GLY A 67 -46.20 6.79 2.86
CA GLY A 67 -45.30 7.25 1.80
C GLY A 67 -45.75 6.81 0.42
N TYR A 68 -46.26 5.56 0.31
CA TYR A 68 -46.81 5.09 -0.96
C TYR A 68 -48.01 5.92 -1.39
N GLN A 69 -48.92 6.23 -0.46
CA GLN A 69 -50.10 7.02 -0.79
C GLN A 69 -49.71 8.43 -1.21
N SER A 70 -48.74 9.04 -0.51
CA SER A 70 -48.27 10.37 -0.88
C SER A 70 -47.59 10.38 -2.24
N SER A 71 -46.78 9.36 -2.54
CA SER A 71 -46.11 9.29 -3.83
C SER A 71 -47.10 9.07 -4.97
N CYS A 72 -48.11 8.22 -4.76
CA CYS A 72 -49.09 7.97 -5.80
C CYS A 72 -50.02 9.17 -6.00
N ILE A 73 -50.25 9.95 -4.94
CA ILE A 73 -50.97 11.21 -5.10
C ILE A 73 -50.12 12.21 -5.88
N ASN A 74 -48.81 12.24 -5.59
CA ASN A 74 -47.91 13.18 -6.25
C ASN A 74 -47.74 12.88 -7.73
N LEU A 75 -47.74 11.59 -8.11
CA LEU A 75 -47.55 11.20 -9.50
C LEU A 75 -48.86 11.10 -10.27
N LYS A 76 -49.94 11.71 -9.77
CA LYS A 76 -51.19 11.97 -10.51
C LYS A 76 -51.90 10.69 -10.94
N ILE A 77 -52.01 9.73 -10.02
CA ILE A 77 -52.89 8.58 -10.21
C ILE A 77 -53.79 8.45 -8.99
N GLU A 78 -54.66 7.44 -9.02
CA GLU A 78 -55.50 7.12 -7.88
C GLU A 78 -54.87 5.95 -7.13
N PRO A 79 -54.41 6.12 -5.89
CA PRO A 79 -53.80 5.01 -5.16
C PRO A 79 -54.85 4.02 -4.65
N LYS A 80 -54.37 2.83 -4.35
CA LYS A 80 -55.21 1.83 -3.72
C LYS A 80 -55.48 2.20 -2.27
N VAL A 81 -56.68 1.86 -1.79
CA VAL A 81 -57.12 2.32 -0.48
C VAL A 81 -56.71 1.36 0.63
N ASP A 82 -56.43 0.09 0.30
CA ASP A 82 -56.20 -0.91 1.33
C ASP A 82 -55.12 -1.90 0.92
N LEU A 83 -54.60 -2.59 1.93
CA LEU A 83 -53.53 -3.56 1.74
C LEU A 83 -53.97 -4.75 0.89
N ALA A 84 -55.21 -5.22 1.05
CA ALA A 84 -55.70 -6.33 0.25
C ALA A 84 -55.82 -5.96 -1.22
N ASP A 85 -56.30 -4.74 -1.50
CA ASP A 85 -56.35 -4.24 -2.87
C ASP A 85 -54.94 -4.11 -3.45
N LEU A 86 -53.98 -3.65 -2.63
CA LEU A 86 -52.60 -3.55 -3.10
C LEU A 86 -51.99 -4.92 -3.37
N LYS A 87 -52.34 -5.93 -2.57
CA LYS A 87 -51.83 -7.29 -2.83
C LYS A 87 -52.45 -7.91 -4.07
N ASP A 88 -53.75 -7.66 -4.32
CA ASP A 88 -54.37 -8.14 -5.55
C ASP A 88 -53.73 -7.50 -6.78
N HIS A 89 -53.51 -6.18 -6.72
CA HIS A 89 -52.79 -5.49 -7.78
C HIS A 89 -51.39 -6.04 -7.93
N LEU A 90 -50.70 -6.32 -6.83
CA LEU A 90 -49.33 -6.81 -6.90
C LEU A 90 -49.22 -8.24 -7.44
N ILE A 91 -50.22 -9.09 -7.24
CA ILE A 91 -50.12 -10.42 -7.87
C ILE A 91 -50.40 -10.31 -9.38
N GLN A 92 -51.31 -9.41 -9.78
CA GLN A 92 -51.43 -9.12 -11.22
C GLN A 92 -50.12 -8.55 -11.78
N LYS A 93 -49.46 -7.69 -11.01
CA LYS A 93 -48.16 -7.15 -11.38
C LYS A 93 -47.14 -8.26 -11.53
N GLN A 94 -47.07 -9.17 -10.55
CA GLN A 94 -46.06 -10.22 -10.56
C GLN A 94 -46.23 -11.16 -11.75
N GLN A 95 -47.47 -11.35 -12.22
CA GLN A 95 -47.65 -12.04 -13.51
C GLN A 95 -47.06 -11.23 -14.66
N ILE A 96 -47.47 -9.96 -14.78
CA ILE A 96 -47.05 -9.16 -15.93
C ILE A 96 -45.57 -8.79 -15.91
N TRP A 97 -44.90 -8.91 -14.76
CA TRP A 97 -43.48 -8.67 -14.60
C TRP A 97 -42.66 -9.95 -14.69
N GLU A 98 -43.26 -11.11 -14.38
CA GLU A 98 -42.59 -12.37 -14.63
C GLU A 98 -42.62 -12.74 -16.11
N SER A 99 -43.49 -12.11 -16.90
CA SER A 99 -43.46 -12.31 -18.35
C SER A 99 -42.41 -11.41 -19.04
N LEU A 100 -41.14 -11.60 -18.64
CA LEU A 100 -40.04 -10.82 -19.23
C LEU A 100 -38.77 -11.62 -19.55
N TYR A 101 -38.52 -12.74 -18.86
CA TYR A 101 -37.23 -13.41 -18.97
C TYR A 101 -37.08 -14.15 -20.29
N GLY A 102 -38.19 -14.61 -20.89
CA GLY A 102 -38.11 -15.20 -22.22
C GLY A 102 -37.71 -14.19 -23.29
N LYS A 103 -38.26 -12.98 -23.21
CA LYS A 103 -37.86 -11.91 -24.11
C LYS A 103 -36.40 -11.53 -23.91
N HIS A 104 -35.95 -11.49 -22.65
CA HIS A 104 -34.54 -11.22 -22.39
C HIS A 104 -33.63 -12.32 -22.94
N LEU A 105 -34.05 -13.58 -22.81
CA LEU A 105 -33.26 -14.69 -23.33
C LEU A 105 -33.13 -14.64 -24.85
N GLU A 106 -34.25 -14.34 -25.54
CA GLU A 106 -34.18 -14.16 -26.99
C GLU A 106 -33.32 -12.97 -27.38
N LYS A 107 -33.34 -11.89 -26.58
CA LYS A 107 -32.49 -10.74 -26.85
C LYS A 107 -31.01 -11.08 -26.74
N ILE A 108 -30.62 -11.82 -25.70
CA ILE A 108 -29.20 -12.18 -25.59
C ILE A 108 -28.79 -13.21 -26.64
N MET A 109 -29.72 -14.07 -27.09
CA MET A 109 -29.37 -15.00 -28.15
C MET A 109 -29.15 -14.27 -29.49
N LEU A 110 -30.02 -13.29 -29.78
CA LEU A 110 -29.83 -12.47 -30.98
C LEU A 110 -28.55 -11.64 -30.89
N ARG A 111 -28.22 -11.16 -29.69
CA ARG A 111 -26.99 -10.39 -29.51
C ARG A 111 -25.75 -11.26 -29.70
N ILE A 112 -25.79 -12.51 -29.23
CA ILE A 112 -24.68 -13.44 -29.45
C ILE A 112 -24.51 -13.73 -30.94
N ARG A 113 -25.62 -13.99 -31.65
CA ARG A 113 -25.55 -14.25 -33.08
C ARG A 113 -25.08 -13.03 -33.87
N GLU A 114 -25.43 -11.82 -33.42
CA GLU A 114 -24.96 -10.61 -34.09
C GLU A 114 -23.48 -10.37 -33.84
N LYS A 115 -23.02 -10.61 -32.60
CA LYS A 115 -21.61 -10.39 -32.27
C LYS A 115 -20.71 -11.45 -32.90
N LYS A 116 -21.25 -12.62 -33.21
CA LYS A 116 -20.44 -13.69 -33.81
C LYS A 116 -19.95 -13.32 -35.21
N LYS A 117 -20.81 -12.67 -36.01
CA LYS A 117 -20.49 -12.43 -37.41
C LYS A 117 -19.60 -11.22 -37.65
N LYS A 118 -19.45 -10.33 -36.66
CA LYS A 118 -18.71 -9.10 -36.87
C LYS A 118 -17.20 -9.25 -36.65
N GLU A 119 -16.76 -10.34 -36.02
CA GLU A 119 -15.36 -10.48 -35.66
C GLU A 119 -14.51 -10.83 -36.87
N LYS A 120 -13.24 -10.45 -36.80
CA LYS A 120 -12.24 -10.82 -37.79
C LYS A 120 -11.21 -11.74 -37.14
N GLU A 121 -10.76 -12.75 -37.88
CA GLU A 121 -9.88 -13.78 -37.36
C GLU A 121 -8.44 -13.47 -37.75
N ILE A 122 -7.58 -13.36 -36.74
CA ILE A 122 -6.14 -13.21 -36.98
C ILE A 122 -5.58 -14.57 -37.39
N PRO A 123 -4.84 -14.66 -38.50
CA PRO A 123 -4.37 -15.98 -38.99
C PRO A 123 -3.38 -16.67 -38.05
N ASP A 124 -2.33 -15.97 -37.63
CA ASP A 124 -1.37 -16.56 -36.70
C ASP A 124 -0.73 -15.49 -35.83
N ILE A 125 0.09 -15.96 -34.88
CA ILE A 125 0.70 -15.11 -33.86
C ILE A 125 1.71 -14.15 -34.50
N THR A 126 2.42 -14.59 -35.54
CA THR A 126 3.34 -13.70 -36.24
C THR A 126 2.60 -12.56 -36.93
N THR A 127 1.43 -12.84 -37.51
CA THR A 127 0.61 -11.78 -38.08
C THR A 127 0.05 -10.86 -37.01
N ALA A 128 -0.28 -11.41 -35.82
CA ALA A 128 -0.72 -10.56 -34.72
C ALA A 128 0.38 -9.60 -34.27
N PHE A 129 1.61 -10.11 -34.16
CA PHE A 129 2.77 -9.28 -33.82
C PHE A 129 3.03 -8.22 -34.89
N ASN A 130 2.91 -8.61 -36.17
CA ASN A 130 3.13 -7.68 -37.27
C ASN A 130 2.05 -6.60 -37.31
N GLN A 131 0.81 -6.95 -37.00
CA GLN A 131 -0.26 -5.96 -36.97
C GLN A 131 -0.09 -5.00 -35.81
N ASN A 132 0.35 -5.50 -34.65
CA ASN A 132 0.64 -4.62 -33.52
C ASN A 132 1.78 -3.66 -33.84
N ALA A 133 2.84 -4.17 -34.49
CA ALA A 133 3.96 -3.32 -34.90
C ALA A 133 3.52 -2.29 -35.94
N ALA A 134 2.65 -2.68 -36.87
CA ALA A 134 2.18 -1.76 -37.90
C ALA A 134 1.31 -0.66 -37.31
N GLU A 135 0.43 -0.99 -36.35
CA GLU A 135 -0.38 0.05 -35.74
C GLU A 135 0.47 0.94 -34.83
N TYR A 136 1.52 0.40 -34.21
CA TYR A 136 2.42 1.27 -33.45
C TYR A 136 3.24 2.17 -34.36
N GLU A 137 3.59 1.69 -35.55
CA GLU A 137 4.28 2.55 -36.52
C GLU A 137 3.36 3.62 -37.09
N GLU A 138 2.07 3.31 -37.25
CA GLU A 138 1.10 4.32 -37.66
C GLU A 138 0.91 5.37 -36.57
N LYS A 139 0.93 4.95 -35.30
CA LYS A 139 0.82 5.90 -34.20
C LYS A 139 2.07 6.78 -34.10
N TYR A 140 3.24 6.16 -34.11
CA TYR A 140 4.52 6.88 -34.05
C TYR A 140 5.30 6.63 -35.33
N PRO A 141 5.41 7.62 -36.22
CA PRO A 141 6.08 7.38 -37.50
C PRO A 141 7.59 7.29 -37.35
N ASN A 142 8.19 6.39 -38.15
CA ASN A 142 9.64 6.19 -38.26
C ASN A 142 10.29 5.84 -36.92
N CYS A 143 9.58 5.10 -36.08
CA CYS A 143 10.13 4.71 -34.79
C CYS A 143 11.11 3.54 -34.91
N PHE A 144 10.85 2.61 -35.83
CA PHE A 144 11.68 1.43 -35.95
C PHE A 144 12.91 1.71 -36.80
N THR A 145 14.09 1.45 -36.23
CA THR A 145 15.36 1.62 -36.92
C THR A 145 16.08 0.29 -37.01
N ASN A 146 17.08 0.24 -37.90
CA ASN A 146 17.91 -0.95 -38.07
C ASN A 146 19.34 -0.75 -37.57
N ASP A 147 19.76 0.49 -37.32
CA ASP A 147 21.11 0.75 -36.83
C ASP A 147 21.16 0.52 -35.32
N LEU A 148 21.94 -0.47 -34.89
CA LEU A 148 22.03 -0.81 -33.48
C LEU A 148 22.91 0.15 -32.68
N SER A 149 23.67 1.03 -33.35
CA SER A 149 24.59 1.92 -32.68
C SER A 149 23.94 3.23 -32.24
N GLU A 150 22.61 3.32 -32.28
CA GLU A 150 21.91 4.53 -31.84
C GLU A 150 20.78 4.23 -30.86
N THR A 151 20.75 3.03 -30.28
CA THR A 151 19.76 2.69 -29.27
C THR A 151 20.24 3.17 -27.91
N LYS A 152 19.57 2.75 -26.84
CA LYS A 152 19.87 3.25 -25.51
C LYS A 152 20.89 2.33 -24.82
N THR A 153 21.18 2.65 -23.56
CA THR A 153 22.22 1.96 -22.82
C THR A 153 21.78 0.54 -22.46
N ASN A 154 22.74 -0.39 -22.47
CA ASN A 154 22.43 -1.81 -22.32
C ASN A 154 22.43 -2.27 -20.87
N PHE A 155 23.57 -2.17 -20.20
CA PHE A 155 23.73 -2.76 -18.87
C PHE A 155 23.41 -1.77 -17.75
N SER A 156 22.24 -1.14 -17.86
CA SER A 156 21.70 -0.15 -16.90
C SER A 156 22.74 0.97 -16.72
N MET A 157 22.99 1.44 -15.51
CA MET A 157 23.99 2.47 -15.26
C MET A 157 25.19 1.93 -14.49
N THR A 158 25.27 0.62 -14.27
CA THR A 158 26.24 0.01 -13.39
C THR A 158 27.15 -0.96 -14.14
N TRP A 159 28.44 -0.93 -13.81
CA TRP A 159 29.44 -1.80 -14.43
C TRP A 159 30.34 -2.32 -13.33
N SER A 160 30.33 -3.64 -13.11
CA SER A 160 31.10 -4.27 -12.03
C SER A 160 31.99 -5.38 -12.57
N PRO A 161 33.20 -5.07 -13.03
CA PRO A 161 34.17 -6.12 -13.33
C PRO A 161 34.91 -6.59 -12.09
N SER A 162 35.21 -7.89 -12.09
CA SER A 162 35.97 -8.47 -11.01
C SER A 162 37.42 -8.02 -11.06
N PHE A 163 38.04 -7.92 -9.89
CA PHE A 163 39.39 -7.37 -9.79
C PHE A 163 40.29 -8.34 -9.05
N GLU A 164 41.56 -8.38 -9.45
CA GLU A 164 42.45 -9.48 -9.13
C GLU A 164 43.59 -9.12 -8.19
N LYS A 165 43.78 -7.84 -7.88
CA LYS A 165 44.93 -7.40 -7.09
C LYS A 165 44.51 -7.13 -5.65
N ILE A 166 45.26 -7.68 -4.71
CA ILE A 166 44.96 -7.52 -3.29
C ILE A 166 45.91 -6.51 -2.66
N ASN A 175 41.58 3.54 0.84
CA ASN A 175 40.88 4.39 -0.12
C ASN A 175 41.86 5.16 -1.01
N ASN A 176 42.90 5.71 -0.38
CA ASN A 176 43.89 6.48 -1.14
C ASN A 176 44.82 5.61 -1.97
N ALA A 177 44.94 4.32 -1.63
CA ALA A 177 45.79 3.43 -2.43
C ALA A 177 45.23 3.21 -3.83
N ILE A 178 43.92 3.03 -3.94
CA ILE A 178 43.28 2.89 -5.24
C ILE A 178 43.41 4.18 -6.04
N ILE A 179 43.28 5.33 -5.36
CA ILE A 179 43.31 6.61 -6.03
C ILE A 179 44.72 6.93 -6.54
N ASN A 180 45.76 6.65 -5.74
CA ASN A 180 47.11 6.88 -6.26
C ASN A 180 47.57 5.79 -7.23
N LYS A 181 46.96 4.59 -7.18
CA LYS A 181 47.18 3.63 -8.25
C LYS A 181 46.62 4.13 -9.57
N PHE A 182 45.43 4.74 -9.53
CA PHE A 182 44.87 5.34 -10.73
C PHE A 182 45.68 6.55 -11.19
N ARG A 183 46.24 7.31 -10.24
CA ARG A 183 47.17 8.40 -10.57
C ARG A 183 48.41 7.87 -11.28
N GLU A 184 48.96 6.76 -10.80
CA GLU A 184 50.15 6.19 -11.44
C GLU A 184 49.83 5.63 -12.81
N SER A 185 48.65 5.03 -12.97
CA SER A 185 48.29 4.46 -14.27
C SER A 185 47.90 5.52 -15.29
N PHE A 186 47.40 6.67 -14.84
CA PHE A 186 46.87 7.68 -15.75
C PHE A 186 47.89 8.76 -16.14
N LYS A 187 49.19 8.47 -16.02
CA LYS A 187 50.21 9.44 -16.40
C LYS A 187 51.07 8.98 -17.57
N SER A 188 50.68 7.92 -18.27
CA SER A 188 51.47 7.40 -19.37
C SER A 188 51.23 8.23 -20.64
N SER A 189 51.81 7.77 -21.75
CA SER A 189 51.68 8.47 -23.01
C SER A 189 50.27 8.30 -23.59
N SER A 190 49.93 9.20 -24.52
CA SER A 190 48.59 9.22 -25.10
C SER A 190 48.49 8.15 -26.18
N ARG A 191 48.04 6.96 -25.78
CA ARG A 191 47.73 5.88 -26.72
C ARG A 191 46.24 5.57 -26.64
N VAL A 192 45.42 6.62 -26.63
CA VAL A 192 43.98 6.48 -26.40
C VAL A 192 43.33 5.82 -27.62
N ILE A 193 42.54 4.78 -27.35
CA ILE A 193 41.86 4.02 -28.40
C ILE A 193 40.35 4.14 -28.15
N TYR A 194 39.62 4.58 -29.17
CA TYR A 194 38.17 4.67 -29.12
C TYR A 194 37.56 3.49 -29.87
N ASN A 195 36.33 3.16 -29.51
CA ASN A 195 35.63 2.02 -30.11
C ASN A 195 34.23 2.43 -30.54
N SER A 196 33.77 1.82 -31.62
CA SER A 196 32.39 1.99 -32.06
C SER A 196 31.45 1.23 -31.12
N PRO A 197 30.22 1.71 -30.93
CA PRO A 197 29.29 1.03 -30.01
C PRO A 197 28.95 -0.40 -30.38
N TYR A 198 28.85 -0.73 -31.66
CA TYR A 198 28.54 -2.10 -32.08
C TYR A 198 29.39 -2.49 -33.27
N SER A 199 30.69 -2.15 -33.19
CA SER A 199 31.71 -2.45 -34.21
C SER A 199 31.36 -1.92 -35.60
N THR A 205 33.75 11.84 -32.79
CA THR A 205 34.39 11.32 -31.59
C THR A 205 34.94 12.45 -30.74
N ASN A 206 34.26 13.61 -30.77
CA ASN A 206 34.70 14.75 -29.98
C ASN A 206 34.36 14.59 -28.50
N LYS A 207 33.23 13.94 -28.19
CA LYS A 207 32.83 13.74 -26.81
C LYS A 207 33.79 12.80 -26.08
N ALA A 208 34.27 11.77 -26.78
CA ALA A 208 35.25 10.85 -26.19
C ALA A 208 36.57 11.55 -25.91
N ARG A 209 37.02 12.41 -26.83
CA ARG A 209 38.24 13.18 -26.62
C ARG A 209 38.09 14.15 -25.45
N ASP A 210 36.94 14.83 -25.36
CA ASP A 210 36.70 15.77 -24.27
C ASP A 210 36.65 15.05 -22.93
N ILE A 211 35.98 13.91 -22.86
CA ILE A 211 35.88 13.19 -21.59
C ILE A 211 37.22 12.55 -21.23
N THR A 212 38.03 12.18 -22.21
CA THR A 212 39.35 11.61 -21.93
C THR A 212 40.30 12.68 -21.40
N ASN A 213 40.29 13.87 -22.02
CA ASN A 213 41.09 14.97 -21.51
C ASN A 213 40.62 15.42 -20.13
N LEU A 214 39.31 15.39 -19.89
CA LEU A 214 38.77 15.76 -18.58
C LEU A 214 39.20 14.79 -17.49
N VAL A 215 39.10 13.47 -17.77
CA VAL A 215 39.48 12.51 -16.74
C VAL A 215 41.00 12.49 -16.54
N ARG A 216 41.79 12.73 -17.60
CA ARG A 216 43.23 12.75 -17.41
C ARG A 216 43.67 14.02 -16.68
N LEU A 217 42.97 15.13 -16.87
CA LEU A 217 43.28 16.34 -16.10
C LEU A 217 42.90 16.17 -14.64
N CYS A 218 41.70 15.64 -14.37
CA CYS A 218 41.25 15.44 -13.00
C CYS A 218 42.03 14.36 -12.27
N LEU A 219 42.65 13.43 -12.98
CA LEU A 219 43.47 12.42 -12.34
C LEU A 219 44.96 12.73 -12.38
N THR A 220 45.38 13.78 -13.09
CA THR A 220 46.78 14.16 -13.12
C THR A 220 47.07 15.39 -12.27
N GLU A 221 46.38 16.50 -12.54
CA GLU A 221 46.80 17.79 -12.01
C GLU A 221 45.98 18.28 -10.84
N LEU A 222 44.83 17.68 -10.55
CA LEU A 222 43.92 18.23 -9.56
C LEU A 222 43.77 17.41 -8.30
N SER A 223 44.14 16.13 -8.30
CA SER A 223 44.00 15.28 -7.14
C SER A 223 45.37 14.99 -6.55
N CYS A 224 45.51 15.21 -5.26
CA CYS A 224 46.78 14.99 -4.57
C CYS A 224 46.60 14.10 -3.35
N LEU A 263 43.68 21.89 -2.96
CA LEU A 263 42.72 22.13 -1.88
C LEU A 263 41.77 20.94 -1.76
N THR A 264 41.81 20.27 -0.62
CA THR A 264 41.02 19.07 -0.36
C THR A 264 40.14 19.28 0.86
N ARG A 265 39.04 18.52 0.90
CA ARG A 265 38.11 18.55 2.02
C ARG A 265 37.54 17.15 2.20
N ASN A 266 37.44 16.73 3.48
CA ASN A 266 36.83 15.46 3.90
C ASN A 266 37.53 14.24 3.29
N LYS A 267 38.82 14.39 2.97
CA LYS A 267 39.75 13.38 2.46
C LYS A 267 39.41 12.89 1.05
N ASN A 268 38.33 13.36 0.45
CA ASN A 268 37.94 12.88 -0.87
C ASN A 268 37.44 13.94 -1.84
N GLU A 269 36.98 15.10 -1.39
CA GLU A 269 36.32 16.07 -2.27
C GLU A 269 37.25 17.25 -2.51
N PHE A 270 37.53 17.55 -3.78
CA PHE A 270 38.46 18.63 -4.10
C PHE A 270 37.81 19.60 -5.07
N CYS A 271 38.17 20.87 -4.93
CA CYS A 271 37.65 21.96 -5.74
C CYS A 271 38.70 22.39 -6.76
N MET A 272 38.33 23.37 -7.58
CA MET A 272 39.23 23.86 -8.63
C MET A 272 39.14 25.39 -8.66
N LYS A 273 40.21 26.04 -8.22
CA LYS A 273 40.40 27.48 -8.37
C LYS A 273 41.79 27.86 -8.85
N GLU A 274 42.84 27.19 -8.35
CA GLU A 274 44.22 27.60 -8.60
C GLU A 274 44.85 26.73 -9.68
N THR A 275 44.37 26.89 -10.91
CA THR A 275 44.89 26.14 -12.03
C THR A 275 45.00 27.05 -13.26
N GLY A 276 45.62 26.52 -14.32
CA GLY A 276 45.86 27.30 -15.51
C GLY A 276 44.61 27.48 -16.37
N ARG A 277 44.73 28.39 -17.33
CA ARG A 277 43.60 28.72 -18.20
C ARG A 277 43.29 27.57 -19.16
N GLU A 278 44.32 26.86 -19.63
CA GLU A 278 44.08 25.70 -20.49
C GLU A 278 43.39 24.58 -19.73
N ASN A 279 43.78 24.37 -18.47
CA ASN A 279 43.11 23.39 -17.63
C ASN A 279 41.67 23.80 -17.34
N LYS A 280 41.44 25.11 -17.15
CA LYS A 280 40.08 25.60 -16.97
C LYS A 280 39.23 25.38 -18.23
N THR A 281 39.83 25.59 -19.40
CA THR A 281 39.12 25.36 -20.66
C THR A 281 38.79 23.88 -20.86
N ILE A 282 39.74 23.00 -20.52
CA ILE A 282 39.50 21.55 -20.62
C ILE A 282 38.41 21.12 -19.65
N TYR A 283 38.44 21.65 -18.42
CA TYR A 283 37.42 21.35 -17.42
C TYR A 283 36.04 21.83 -17.86
N PHE A 284 35.97 23.05 -18.43
CA PHE A 284 34.69 23.57 -18.87
C PHE A 284 34.16 22.84 -20.09
N LYS A 285 35.05 22.37 -20.98
CA LYS A 285 34.61 21.51 -22.08
C LYS A 285 34.10 20.17 -21.57
N GLY A 286 34.73 19.63 -20.53
CA GLY A 286 34.25 18.39 -19.94
C GLY A 286 32.87 18.53 -19.31
N LEU A 287 32.65 19.60 -18.55
CA LEU A 287 31.31 19.83 -18.01
C LEU A 287 30.30 20.27 -19.08
N ALA A 288 30.76 20.84 -20.20
CA ALA A 288 29.85 21.11 -21.30
C ALA A 288 29.38 19.82 -21.96
N VAL A 289 30.28 18.84 -22.06
CA VAL A 289 29.89 17.49 -22.49
C VAL A 289 28.95 16.87 -21.46
N MET A 290 29.26 17.05 -20.17
CA MET A 290 28.48 16.48 -19.09
C MET A 290 27.10 17.08 -18.95
N ASN A 291 26.89 18.30 -19.47
CA ASN A 291 25.66 19.10 -19.28
C ASN A 291 25.34 19.29 -17.80
N ILE A 292 26.31 19.81 -17.06
CA ILE A 292 26.15 20.04 -15.63
C ILE A 292 26.90 21.30 -15.22
N HIS A 339 8.90 13.53 -31.14
CA HIS A 339 9.41 12.31 -30.55
C HIS A 339 10.76 11.93 -31.15
N MET A 340 11.61 11.30 -30.35
CA MET A 340 12.93 10.85 -30.79
C MET A 340 13.16 9.42 -30.29
N LYS A 341 12.16 8.57 -30.50
CA LYS A 341 12.25 7.18 -30.09
C LYS A 341 12.95 6.34 -31.16
N LYS A 342 13.93 5.56 -30.73
CA LYS A 342 14.66 4.63 -31.61
C LYS A 342 14.41 3.23 -31.08
N LEU A 343 13.65 2.45 -31.84
CA LEU A 343 13.20 1.14 -31.41
C LEU A 343 13.68 0.06 -32.38
N ILE A 344 13.89 -1.14 -31.87
CA ILE A 344 14.28 -2.28 -32.68
C ILE A 344 13.12 -3.26 -32.72
N ARG A 345 12.96 -3.91 -33.88
CA ARG A 345 11.83 -4.81 -34.10
C ARG A 345 12.00 -6.11 -33.33
N HIS A 346 10.89 -6.83 -33.20
CA HIS A 346 10.85 -8.06 -32.41
C HIS A 346 11.41 -9.26 -33.14
N ASP A 347 11.70 -9.16 -34.43
CA ASP A 347 12.16 -10.29 -35.23
C ASP A 347 13.58 -10.07 -35.74
N ASN A 348 14.46 -9.60 -34.86
CA ASN A 348 15.86 -9.38 -35.20
C ASN A 348 16.68 -10.55 -34.66
N GLU A 349 17.44 -11.20 -35.55
CA GLU A 349 18.34 -12.28 -35.14
C GLU A 349 19.71 -11.76 -34.75
N ASP A 350 20.10 -10.59 -35.28
CA ASP A 350 21.35 -9.96 -34.90
C ASP A 350 21.36 -9.59 -33.42
N SER A 351 20.22 -9.09 -32.92
CA SER A 351 20.09 -8.79 -31.50
C SER A 351 20.12 -10.05 -30.65
N LEU A 352 19.57 -11.16 -31.15
CA LEU A 352 19.63 -12.42 -30.43
C LEU A 352 21.06 -12.93 -30.31
N SER A 353 21.82 -12.88 -31.41
CA SER A 353 23.22 -13.31 -31.37
C SER A 353 24.05 -12.40 -30.48
N TRP A 354 23.81 -11.09 -30.54
CA TRP A 354 24.53 -10.15 -29.70
C TRP A 354 24.21 -10.36 -28.22
N CYS A 355 22.95 -10.65 -27.90
CA CYS A 355 22.57 -10.90 -26.51
C CYS A 355 23.16 -12.22 -26.00
N GLU A 356 23.26 -13.23 -26.87
CA GLU A 356 23.93 -14.48 -26.47
C GLU A 356 25.40 -14.24 -26.15
N ARG A 357 26.08 -13.44 -26.99
CA ARG A 357 27.48 -13.11 -26.71
C ARG A 357 27.62 -12.25 -25.46
N ILE A 358 26.64 -11.37 -25.21
CA ILE A 358 26.62 -10.57 -23.98
C ILE A 358 26.51 -11.45 -22.74
N LYS A 359 25.62 -12.46 -22.79
CA LYS A 359 25.46 -13.38 -21.67
C LYS A 359 26.73 -14.19 -21.41
N ASP A 360 27.36 -14.69 -22.49
CA ASP A 360 28.60 -15.46 -22.33
C ASP A 360 29.72 -14.60 -21.76
N SER A 361 29.85 -13.36 -22.25
CA SER A 361 30.90 -12.48 -21.74
C SER A 361 30.66 -12.06 -20.30
N LEU A 362 29.39 -11.84 -19.91
CA LEU A 362 29.09 -11.52 -18.51
C LEU A 362 29.40 -12.69 -17.59
N PHE A 363 29.09 -13.93 -18.02
CA PHE A 363 29.43 -15.08 -17.18
C PHE A 363 30.93 -15.29 -17.09
N VAL A 364 31.68 -14.97 -18.15
CA VAL A 364 33.14 -15.04 -18.05
C VAL A 364 33.65 -13.95 -17.11
N LEU A 365 33.05 -12.75 -17.16
CA LEU A 365 33.45 -11.64 -16.31
C LEU A 365 33.22 -11.93 -14.84
N HIS A 366 32.11 -12.60 -14.51
CA HIS A 366 31.78 -12.84 -13.10
C HIS A 366 32.70 -13.86 -12.42
N ASN A 367 33.40 -14.69 -13.19
CA ASN A 367 34.28 -15.71 -12.60
C ASN A 367 35.73 -15.24 -12.47
N GLY A 368 35.95 -14.10 -11.82
CA GLY A 368 37.32 -13.62 -11.67
C GLY A 368 37.64 -12.91 -10.38
N ASP A 369 36.70 -12.89 -9.42
CA ASP A 369 36.90 -12.15 -8.20
C ASP A 369 37.72 -12.95 -7.19
N ILE A 370 38.48 -12.24 -6.37
CA ILE A 370 39.38 -12.86 -5.40
C ILE A 370 39.00 -12.56 -3.96
N ARG A 371 38.04 -11.68 -3.71
CA ARG A 371 37.63 -11.38 -2.34
C ARG A 371 36.89 -12.57 -1.73
N GLU A 372 37.06 -12.74 -0.42
CA GLU A 372 36.41 -13.82 0.31
C GLU A 372 35.81 -13.36 1.63
N GLU A 373 35.80 -12.06 1.91
CA GLU A 373 35.19 -11.52 3.12
C GLU A 373 34.46 -10.24 2.79
N GLY A 374 33.43 -9.94 3.57
CA GLY A 374 32.64 -8.75 3.32
C GLY A 374 31.52 -8.60 4.32
N LYS A 375 30.56 -7.75 3.97
CA LYS A 375 29.43 -7.45 4.83
C LYS A 375 28.20 -8.30 4.51
N ILE A 376 27.81 -8.34 3.23
CA ILE A 376 26.70 -9.20 2.80
C ILE A 376 27.07 -10.66 2.93
N THR A 377 28.33 -11.00 2.64
CA THR A 377 28.81 -12.36 2.70
C THR A 377 28.72 -12.93 4.12
N SER A 378 29.01 -12.10 5.13
CA SER A 378 28.99 -12.56 6.51
C SER A 378 27.59 -12.95 6.96
N VAL A 379 26.60 -12.10 6.68
CA VAL A 379 25.23 -12.39 7.12
C VAL A 379 24.63 -13.54 6.31
N TYR A 380 24.91 -13.61 5.01
CA TYR A 380 24.34 -14.69 4.22
C TYR A 380 25.01 -16.03 4.52
N ASN A 381 26.31 -16.02 4.81
CA ASN A 381 26.98 -17.25 5.22
C ASN A 381 26.57 -17.66 6.61
N ASN A 382 26.24 -16.71 7.49
CA ASN A 382 25.69 -17.05 8.80
C ASN A 382 24.36 -17.75 8.67
N TYR A 383 23.49 -17.24 7.79
CA TYR A 383 22.16 -17.83 7.71
C TYR A 383 22.08 -19.08 6.83
N ALA A 384 22.99 -19.25 5.86
CA ALA A 384 22.87 -20.36 4.92
C ALA A 384 24.05 -21.33 4.91
N LYS A 385 25.16 -21.02 5.59
CA LYS A 385 26.29 -21.94 5.61
C LYS A 385 26.00 -23.13 6.51
N ASN A 386 25.40 -22.89 7.67
CA ASN A 386 24.97 -23.94 8.59
C ASN A 386 23.50 -23.70 8.90
N PRO A 387 22.61 -24.13 8.01
CA PRO A 387 21.17 -23.86 8.19
C PRO A 387 20.45 -24.86 9.08
N GLU A 388 21.16 -25.72 9.80
CA GLU A 388 20.53 -26.63 10.75
C GLU A 388 20.16 -25.96 12.06
N CYS A 389 20.66 -24.75 12.31
CA CYS A 389 20.35 -24.04 13.54
C CYS A 389 18.97 -23.40 13.52
N LEU A 390 18.30 -23.39 12.37
CA LEU A 390 16.94 -22.86 12.26
C LEU A 390 15.88 -23.92 12.45
N TYR A 391 16.23 -25.20 12.30
CA TYR A 391 15.28 -26.28 12.42
C TYR A 391 15.47 -26.98 13.78
N ILE A 392 14.50 -27.84 14.11
CA ILE A 392 14.55 -28.62 15.33
C ILE A 392 14.91 -30.08 15.04
N GLN A 393 14.26 -30.69 14.05
CA GLN A 393 14.54 -32.07 13.66
C GLN A 393 15.47 -32.03 12.45
N ASP A 394 16.77 -31.96 12.72
CA ASP A 394 17.75 -31.80 11.66
C ASP A 394 18.01 -33.12 10.92
N SER A 395 18.01 -34.24 11.64
CA SER A 395 18.47 -35.50 11.07
C SER A 395 17.46 -36.14 10.12
N VAL A 396 16.20 -35.74 10.18
CA VAL A 396 15.18 -36.42 9.38
C VAL A 396 15.16 -35.92 7.94
N LEU A 397 15.78 -34.78 7.65
CA LEU A 397 15.93 -34.30 6.28
C LEU A 397 17.39 -33.90 6.06
N LYS A 398 18.03 -34.53 5.08
CA LYS A 398 19.45 -34.32 4.84
C LYS A 398 19.77 -33.91 3.41
N THR A 399 18.79 -33.89 2.52
CA THR A 399 19.02 -33.47 1.14
C THR A 399 18.76 -31.99 0.95
N GLU A 400 17.73 -31.47 1.63
CA GLU A 400 17.34 -30.07 1.53
C GLU A 400 18.44 -29.14 2.04
N LEU A 401 19.04 -29.49 3.17
CA LEU A 401 20.06 -28.62 3.78
C LEU A 401 21.33 -28.62 2.93
N GLU A 402 21.69 -29.78 2.36
CA GLU A 402 22.85 -29.84 1.48
C GLU A 402 22.60 -29.09 0.17
N THR A 403 21.37 -29.11 -0.34
CA THR A 403 21.04 -28.32 -1.52
C THR A 403 21.16 -26.82 -1.23
N CYS A 404 20.70 -26.39 -0.05
CA CYS A 404 20.86 -24.99 0.34
C CYS A 404 22.33 -24.62 0.50
N LYS A 405 23.14 -25.53 1.05
CA LYS A 405 24.59 -25.29 1.18
C LYS A 405 25.25 -25.19 -0.19
N LYS A 406 24.82 -26.01 -1.15
CA LYS A 406 25.40 -25.95 -2.49
C LYS A 406 25.03 -24.67 -3.22
N ILE A 407 23.79 -24.19 -3.02
CA ILE A 407 23.39 -22.90 -3.59
C ILE A 407 24.20 -21.77 -2.95
N ASN A 408 24.45 -21.86 -1.65
CA ASN A 408 25.28 -20.86 -0.97
C ASN A 408 26.73 -20.89 -1.49
N LYS A 409 27.26 -22.09 -1.75
CA LYS A 409 28.61 -22.19 -2.30
C LYS A 409 28.69 -21.61 -3.71
N LEU A 410 27.66 -21.84 -4.53
CA LEU A 410 27.62 -21.24 -5.85
C LEU A 410 27.53 -19.71 -5.78
N CYS A 411 26.74 -19.19 -4.82
CA CYS A 411 26.66 -17.75 -4.61
C CYS A 411 27.99 -17.17 -4.15
N ASN A 412 28.74 -17.92 -3.34
CA ASN A 412 30.07 -17.49 -2.93
C ASN A 412 31.04 -17.49 -4.12
N ASP A 413 30.99 -18.52 -4.95
CA ASP A 413 31.95 -18.67 -6.04
C ASP A 413 31.62 -17.83 -7.27
N LEU A 414 30.41 -17.29 -7.38
CA LEU A 414 30.04 -16.51 -8.55
C LEU A 414 29.93 -15.01 -8.27
N ALA A 415 30.51 -14.55 -7.15
CA ALA A 415 30.67 -13.12 -6.81
C ALA A 415 29.33 -12.38 -6.70
N ILE A 416 28.27 -13.10 -6.34
CA ILE A 416 26.95 -12.50 -6.23
C ILE A 416 26.89 -11.55 -5.05
N TYR A 417 27.39 -11.99 -3.89
CA TYR A 417 27.38 -11.17 -2.69
C TYR A 417 28.26 -9.94 -2.85
N HIS A 418 29.43 -10.11 -3.47
CA HIS A 418 30.35 -8.99 -3.66
C HIS A 418 29.82 -8.00 -4.68
N TYR A 419 29.16 -8.49 -5.74
CA TYR A 419 28.53 -7.60 -6.71
C TYR A 419 27.41 -6.77 -6.08
N SER A 420 26.58 -7.43 -5.27
CA SER A 420 25.50 -6.72 -4.57
C SER A 420 26.05 -5.73 -3.55
N GLU A 421 27.13 -6.11 -2.87
CA GLU A 421 27.77 -5.21 -1.91
C GLU A 421 28.35 -3.98 -2.58
N ASP A 422 29.00 -4.16 -3.74
CA ASP A 422 29.53 -3.02 -4.49
C ASP A 422 28.42 -2.09 -4.95
N MET A 423 27.30 -2.67 -5.41
CA MET A 423 26.16 -1.85 -5.84
C MET A 423 25.57 -1.05 -4.68
N MET A 424 25.43 -1.70 -3.51
CA MET A 424 24.88 -1.01 -2.35
C MET A 424 25.81 0.10 -1.85
N GLN A 425 27.12 -0.15 -1.83
CA GLN A 425 28.07 0.87 -1.41
C GLN A 425 28.11 2.05 -2.36
N PHE A 426 28.06 1.79 -3.68
CA PHE A 426 28.08 2.89 -4.64
C PHE A 426 26.79 3.70 -4.60
N SER A 427 25.65 3.03 -4.39
CA SER A 427 24.39 3.75 -4.24
C SER A 427 24.38 4.62 -2.98
N LYS A 428 24.90 4.09 -1.87
CA LYS A 428 24.98 4.87 -0.64
C LYS A 428 25.92 6.06 -0.80
N GLY A 429 27.05 5.87 -1.48
CA GLY A 429 27.95 6.98 -1.73
C GLY A 429 27.35 8.05 -2.64
N LEU A 430 26.57 7.63 -3.64
CA LEU A 430 25.91 8.59 -4.52
C LEU A 430 24.79 9.34 -3.81
N MET A 431 24.08 8.68 -2.89
CA MET A 431 23.09 9.39 -2.07
C MET A 431 23.76 10.38 -1.12
N VAL A 432 24.89 9.98 -0.53
CA VAL A 432 25.60 10.85 0.41
C VAL A 432 26.21 12.05 -0.32
N ALA A 433 26.68 11.86 -1.55
CA ALA A 433 27.39 12.89 -2.31
C ALA A 433 26.53 14.10 -2.67
N ASP A 434 25.20 14.01 -2.54
CA ASP A 434 24.32 15.17 -2.70
C ASP A 434 24.40 16.02 -1.44
N ARG A 435 25.46 16.83 -1.37
CA ARG A 435 25.71 17.69 -0.21
C ARG A 435 25.97 19.12 -0.66
N TYR A 436 26.49 19.95 0.25
CA TYR A 436 26.68 21.40 0.09
C TYR A 436 27.77 21.78 -0.93
N MET A 437 28.33 20.87 -1.72
CA MET A 437 29.36 21.21 -2.71
C MET A 437 28.76 22.04 -3.85
N THR A 438 29.64 22.68 -4.60
CA THR A 438 29.27 23.48 -5.76
C THR A 438 29.72 22.77 -7.04
N LYS A 439 29.53 23.44 -8.17
CA LYS A 439 29.81 22.82 -9.47
C LYS A 439 31.30 22.74 -9.79
N GLU A 440 32.14 23.54 -9.12
CA GLU A 440 33.58 23.51 -9.38
C GLU A 440 34.32 22.54 -8.48
N SER A 441 33.61 21.76 -7.67
CA SER A 441 34.22 20.76 -6.81
C SER A 441 33.65 19.38 -7.15
N PHE A 442 34.51 18.36 -7.03
CA PHE A 442 34.14 17.00 -7.40
C PHE A 442 34.60 16.03 -6.31
N LYS A 443 33.96 14.87 -6.29
CA LYS A 443 34.19 13.84 -5.29
C LYS A 443 34.69 12.57 -5.98
N ILE A 444 35.52 11.82 -5.27
CA ILE A 444 36.04 10.54 -5.76
C ILE A 444 35.49 9.45 -4.87
N LEU A 445 34.80 8.48 -5.47
CA LEU A 445 34.13 7.41 -4.74
C LEU A 445 34.85 6.09 -5.02
N THR A 446 35.26 5.42 -3.95
CA THR A 446 35.87 4.09 -4.01
C THR A 446 35.21 3.20 -2.98
N THR A 447 34.75 2.04 -3.43
CA THR A 447 34.16 1.03 -2.54
C THR A 447 35.28 0.07 -2.09
N ALA A 448 34.90 -1.07 -1.52
CA ALA A 448 35.87 -2.08 -1.13
C ALA A 448 36.49 -2.81 -2.32
N ASN A 449 35.95 -2.63 -3.53
CA ASN A 449 36.56 -3.21 -4.72
C ASN A 449 37.85 -2.47 -5.04
N THR A 450 38.91 -3.23 -5.33
CA THR A 450 40.26 -2.70 -5.30
C THR A 450 40.64 -1.88 -6.53
N SER A 451 39.83 -1.87 -7.59
CA SER A 451 40.26 -1.16 -8.79
C SER A 451 39.14 -0.42 -9.52
N MET A 452 38.05 -0.07 -8.86
CA MET A 452 36.97 0.67 -9.49
C MET A 452 36.84 2.05 -8.84
N MET A 453 36.73 3.08 -9.68
CA MET A 453 36.74 4.46 -9.22
C MET A 453 35.59 5.21 -9.88
N LEU A 454 34.93 6.07 -9.11
CA LEU A 454 33.88 6.94 -9.62
C LEU A 454 34.28 8.38 -9.41
N LEU A 455 34.12 9.20 -10.45
CA LEU A 455 34.25 10.65 -10.35
C LEU A 455 32.85 11.23 -10.36
N ALA A 456 32.41 11.79 -9.24
CA ALA A 456 31.07 12.33 -9.08
C ALA A 456 31.14 13.85 -9.06
N PHE A 457 30.29 14.48 -9.87
CA PHE A 457 30.22 15.93 -9.95
C PHE A 457 28.99 16.42 -9.18
N LYS A 458 28.71 17.72 -9.30
CA LYS A 458 27.61 18.34 -8.58
C LYS A 458 26.24 17.83 -9.05
N SER A 467 17.44 16.18 -10.07
CA SER A 467 17.88 15.55 -11.31
C SER A 467 18.82 14.38 -11.03
N GLY A 468 19.87 14.64 -10.25
CA GLY A 468 20.80 13.62 -9.85
C GLY A 468 22.22 14.15 -9.84
N VAL A 469 23.17 13.23 -9.76
CA VAL A 469 24.59 13.55 -9.73
C VAL A 469 25.26 12.81 -10.89
N PRO A 470 25.90 13.51 -11.82
CA PRO A 470 26.61 12.83 -12.91
C PRO A 470 27.92 12.22 -12.41
N TYR A 471 28.37 11.19 -13.12
CA TYR A 471 29.57 10.48 -12.70
C TYR A 471 30.23 9.78 -13.87
N ILE A 472 31.52 9.52 -13.72
CA ILE A 472 32.35 8.77 -14.66
C ILE A 472 32.91 7.56 -13.93
N ALA A 473 32.83 6.39 -14.55
CA ALA A 473 33.38 5.18 -13.98
C ALA A 473 34.67 4.79 -14.71
N LEU A 474 35.66 4.36 -13.94
CA LEU A 474 36.94 3.94 -14.49
C LEU A 474 37.25 2.51 -14.05
N HIS A 475 37.78 1.71 -14.97
CA HIS A 475 38.10 0.32 -14.67
C HIS A 475 39.49 -0.06 -15.16
N ILE A 476 40.09 -1.04 -14.47
CA ILE A 476 41.42 -1.57 -14.81
C ILE A 476 41.28 -3.07 -14.98
N VAL A 477 41.30 -3.54 -16.22
CA VAL A 477 41.09 -4.95 -16.53
C VAL A 477 42.43 -5.56 -16.95
N ASP A 478 42.62 -6.84 -16.65
CA ASP A 478 43.83 -7.51 -17.08
C ASP A 478 43.71 -7.90 -18.56
N GLU A 479 44.79 -8.45 -19.12
CA GLU A 479 44.85 -8.70 -20.55
C GLU A 479 43.99 -9.88 -20.97
N ASP A 480 43.75 -10.84 -20.07
CA ASP A 480 43.05 -12.06 -20.44
C ASP A 480 41.56 -11.84 -20.64
N MET A 481 40.98 -10.85 -19.94
CA MET A 481 39.55 -10.58 -19.98
C MET A 481 39.21 -9.31 -20.76
N SER A 482 40.16 -8.80 -21.54
CA SER A 482 39.97 -7.53 -22.24
C SER A 482 38.94 -7.66 -23.36
N ASP A 483 39.03 -8.72 -24.18
CA ASP A 483 38.08 -8.90 -25.27
C ASP A 483 36.68 -9.20 -24.77
N GLN A 484 36.58 -9.97 -23.68
CA GLN A 484 35.27 -10.24 -23.09
C GLN A 484 34.66 -9.00 -22.45
N PHE A 485 35.50 -8.14 -21.86
CA PHE A 485 35.03 -6.85 -21.37
C PHE A 485 34.54 -5.97 -22.51
N ASN A 486 35.26 -5.97 -23.64
CA ASN A 486 34.86 -5.18 -24.80
C ASN A 486 33.54 -5.66 -25.37
N ILE A 487 33.33 -6.98 -25.41
CA ILE A 487 32.07 -7.52 -25.93
C ILE A 487 30.93 -7.23 -24.95
N CYS A 488 31.18 -7.40 -23.64
CA CYS A 488 30.12 -7.28 -22.66
C CYS A 488 29.67 -5.84 -22.46
N TYR A 489 30.59 -4.88 -22.65
CA TYR A 489 30.26 -3.48 -22.45
C TYR A 489 30.52 -2.66 -23.71
N THR A 490 30.07 -3.17 -24.86
CA THR A 490 30.37 -2.51 -26.13
C THR A 490 29.59 -1.19 -26.29
N LYS A 491 28.46 -1.05 -25.62
CA LYS A 491 27.66 0.16 -25.76
C LYS A 491 28.23 1.32 -24.96
N GLU A 492 28.85 1.05 -23.81
CA GLU A 492 29.09 2.07 -22.80
C GLU A 492 30.58 2.31 -22.54
N ILE A 493 31.45 1.94 -23.47
CA ILE A 493 32.87 2.25 -23.37
C ILE A 493 33.15 3.43 -24.29
N TYR A 494 33.72 4.50 -23.73
CA TYR A 494 34.12 5.65 -24.52
C TYR A 494 35.54 5.50 -25.06
N SER A 495 36.50 5.19 -24.18
CA SER A 495 37.88 5.06 -24.59
C SER A 495 38.61 4.13 -23.64
N TYR A 496 39.73 3.59 -24.12
CA TYR A 496 40.57 2.71 -23.33
C TYR A 496 42.00 2.80 -23.83
N PHE A 497 42.94 2.49 -22.95
CA PHE A 497 44.35 2.42 -23.34
C PHE A 497 45.05 1.37 -22.50
N ARG A 498 46.33 1.15 -22.79
CA ARG A 498 47.10 0.05 -22.23
C ARG A 498 48.27 0.59 -21.41
N ASN A 499 48.43 0.06 -20.21
CA ASN A 499 49.58 0.38 -19.35
C ASN A 499 50.12 -0.92 -18.78
N GLY A 500 51.35 -1.27 -19.15
CA GLY A 500 51.99 -2.48 -18.67
C GLY A 500 51.31 -3.75 -19.13
N SER A 501 50.65 -4.43 -18.19
CA SER A 501 49.82 -5.60 -18.48
C SER A 501 48.36 -5.36 -18.14
N ASN A 502 47.93 -4.09 -18.16
CA ASN A 502 46.58 -3.73 -17.78
C ASN A 502 45.98 -2.80 -18.82
N TYR A 503 44.64 -2.74 -18.82
CA TYR A 503 43.86 -1.88 -19.70
C TYR A 503 43.02 -0.96 -18.84
N ILE A 504 43.09 0.33 -19.12
CA ILE A 504 42.32 1.34 -18.42
C ILE A 504 41.15 1.75 -19.30
N TYR A 505 39.94 1.68 -18.75
CA TYR A 505 38.69 1.96 -19.46
C TYR A 505 37.98 3.13 -18.80
N ILE A 506 37.49 4.06 -19.62
CA ILE A 506 36.68 5.19 -19.18
C ILE A 506 35.27 5.00 -19.73
N MET A 507 34.27 5.07 -18.85
CA MET A 507 32.89 4.87 -19.29
C MET A 507 32.20 6.20 -19.57
N ARG A 508 30.94 6.13 -20.00
CA ARG A 508 30.16 7.29 -20.38
C ARG A 508 29.69 8.08 -19.16
N PRO A 509 29.45 9.38 -19.33
CA PRO A 509 28.71 10.13 -18.31
C PRO A 509 27.29 9.59 -18.16
N GLN A 510 26.79 9.61 -16.92
CA GLN A 510 25.46 9.11 -16.62
C GLN A 510 24.75 10.11 -15.70
N ARG A 511 23.56 9.72 -15.26
CA ARG A 511 22.72 10.49 -14.34
C ARG A 511 21.64 9.56 -13.81
N LEU A 512 21.35 9.66 -12.52
CA LEU A 512 20.36 8.78 -11.89
C LEU A 512 19.54 9.55 -10.88
N ASN A 513 18.27 9.14 -10.76
CA ASN A 513 17.36 9.76 -9.81
C ASN A 513 17.44 9.05 -8.46
N GLN A 514 16.81 9.66 -7.45
CA GLN A 514 16.88 9.14 -6.09
C GLN A 514 16.13 7.81 -5.94
N VAL A 515 15.02 7.65 -6.66
CA VAL A 515 14.28 6.39 -6.60
C VAL A 515 15.07 5.27 -7.26
N ARG A 516 15.77 5.57 -8.35
CA ARG A 516 16.63 4.56 -8.97
C ARG A 516 17.86 4.27 -8.11
N LEU A 517 18.35 5.26 -7.37
CA LEU A 517 19.43 5.00 -6.41
C LEU A 517 18.96 4.08 -5.29
N LEU A 518 17.73 4.26 -4.80
CA LEU A 518 17.18 3.34 -3.81
C LEU A 518 16.93 1.96 -4.39
N SER A 519 16.49 1.89 -5.65
CA SER A 519 16.27 0.61 -6.32
C SER A 519 17.57 -0.17 -6.49
N LEU A 520 18.65 0.52 -6.81
CA LEU A 520 19.97 -0.10 -6.80
C LEU A 520 20.48 -0.39 -5.39
N PHE A 521 20.00 0.37 -4.40
CA PHE A 521 20.38 0.12 -3.01
C PHE A 521 19.74 -1.15 -2.48
N LYS A 522 18.60 -1.58 -3.05
CA LYS A 522 17.96 -2.83 -2.65
C LYS A 522 18.52 -4.06 -3.37
N THR A 523 19.68 -3.94 -4.02
CA THR A 523 20.28 -5.07 -4.73
C THR A 523 20.67 -6.27 -3.85
N PRO A 524 21.30 -6.13 -2.66
CA PRO A 524 21.55 -7.34 -1.86
C PRO A 524 20.30 -7.99 -1.30
N SER A 525 19.19 -7.27 -1.21
CA SER A 525 17.92 -7.91 -0.87
C SER A 525 17.33 -8.63 -2.08
N LYS A 526 17.49 -8.07 -3.28
CA LYS A 526 16.81 -8.63 -4.44
C LYS A 526 17.55 -9.79 -5.10
N VAL A 527 18.82 -9.62 -5.45
CA VAL A 527 19.54 -10.56 -6.32
C VAL A 527 19.74 -11.97 -5.74
N PRO A 528 20.25 -12.18 -4.51
CA PRO A 528 20.53 -13.56 -4.08
C PRO A 528 19.31 -14.43 -3.89
N VAL A 529 18.16 -13.86 -3.50
CA VAL A 529 16.95 -14.69 -3.37
C VAL A 529 16.43 -15.08 -4.75
N CYS A 530 16.64 -14.24 -5.77
CA CYS A 530 16.29 -14.61 -7.13
C CYS A 530 17.18 -15.73 -7.64
N PHE A 531 18.49 -15.65 -7.34
CA PHE A 531 19.41 -16.72 -7.70
C PHE A 531 19.03 -18.03 -7.02
N ALA A 532 18.67 -17.97 -5.73
CA ALA A 532 18.29 -19.16 -4.98
C ALA A 532 17.02 -19.79 -5.53
N GLN A 533 16.00 -18.97 -5.81
CA GLN A 533 14.73 -19.52 -6.28
C GLN A 533 14.85 -20.07 -7.69
N PHE A 534 15.59 -19.39 -8.58
CA PHE A 534 15.76 -19.89 -9.93
C PHE A 534 16.61 -21.16 -9.96
N SER A 535 17.66 -21.23 -9.13
CA SER A 535 18.46 -22.45 -9.03
C SER A 535 17.69 -23.61 -8.42
N LYS A 536 16.73 -23.31 -7.52
CA LYS A 536 15.86 -24.37 -7.01
C LYS A 536 14.89 -24.85 -8.07
N LYS A 537 14.28 -23.92 -8.82
CA LYS A 537 13.25 -24.29 -9.78
C LYS A 537 13.83 -24.94 -11.03
N ALA A 538 15.11 -24.71 -11.34
CA ALA A 538 15.71 -25.34 -12.50
C ALA A 538 15.94 -26.83 -12.24
N ASN A 539 15.28 -27.67 -13.04
CA ASN A 539 15.24 -29.11 -12.76
C ASN A 539 16.59 -29.78 -12.99
N GLU A 540 17.22 -29.52 -14.13
CA GLU A 540 18.51 -30.14 -14.43
C GLU A 540 19.60 -29.63 -13.51
N MET A 541 19.54 -28.34 -13.15
CA MET A 541 20.48 -27.77 -12.19
C MET A 541 20.33 -28.40 -10.82
N GLU A 542 19.09 -28.57 -10.35
CA GLU A 542 18.90 -29.14 -9.02
C GLU A 542 19.20 -30.63 -8.99
N LYS A 543 19.00 -31.34 -10.12
CA LYS A 543 19.38 -32.75 -10.13
C LYS A 543 20.89 -32.94 -10.25
N TRP A 544 21.59 -32.01 -10.91
CA TRP A 544 23.05 -32.06 -10.91
C TRP A 544 23.61 -31.72 -9.53
N LEU A 545 22.99 -30.77 -8.83
CA LEU A 545 23.41 -30.45 -7.47
C LEU A 545 23.12 -31.60 -6.51
N LYS A 546 22.02 -32.31 -6.72
CA LYS A 546 21.75 -33.50 -5.91
C LYS A 546 22.71 -34.63 -6.22
N ASN A 547 23.14 -34.75 -7.47
CA ASN A 547 24.08 -35.80 -7.84
C ASN A 547 25.47 -35.54 -7.28
N LYS A 548 25.97 -34.30 -7.42
CA LYS A 548 27.33 -33.99 -7.04
C LYS A 548 27.42 -33.62 -5.57
N ASP A 549 28.63 -33.73 -5.02
CA ASP A 549 28.90 -33.44 -3.62
C ASP A 549 29.40 -32.01 -3.46
N ILE A 550 29.30 -31.51 -2.22
CA ILE A 550 29.67 -30.12 -1.92
C ILE A 550 31.17 -29.89 -2.10
N GLU A 551 31.98 -30.92 -1.87
CA GLU A 551 33.41 -30.81 -2.13
C GLU A 551 33.76 -30.92 -3.61
N LYS A 552 32.79 -31.23 -4.47
CA LYS A 552 33.07 -31.45 -5.88
C LYS A 552 32.20 -30.63 -6.83
N VAL A 553 31.40 -29.70 -6.31
CA VAL A 553 30.62 -28.82 -7.18
C VAL A 553 31.51 -27.67 -7.64
N ASN A 554 31.59 -27.46 -8.95
CA ASN A 554 32.46 -26.45 -9.52
C ASN A 554 31.85 -25.96 -10.82
N VAL A 555 32.28 -24.76 -11.23
CA VAL A 555 31.82 -24.19 -12.50
C VAL A 555 32.42 -24.96 -13.68
N PHE A 556 33.69 -25.34 -13.58
CA PHE A 556 34.40 -25.97 -14.68
C PHE A 556 34.19 -27.48 -14.75
N SER A 557 33.38 -28.05 -13.85
CA SER A 557 33.03 -29.46 -13.88
C SER A 557 31.60 -29.68 -14.38
N MET A 558 31.03 -28.70 -15.07
CA MET A 558 29.63 -28.74 -15.48
C MET A 558 29.50 -29.24 -16.92
N THR A 559 28.39 -29.92 -17.18
CA THR A 559 27.98 -30.24 -18.53
C THR A 559 27.56 -28.94 -19.23
N MET A 560 27.58 -28.95 -20.58
CA MET A 560 27.37 -27.75 -21.37
C MET A 560 25.94 -27.22 -21.19
N THR A 561 24.96 -28.13 -21.13
CA THR A 561 23.57 -27.73 -20.91
C THR A 561 23.37 -27.08 -19.55
N VAL A 562 23.97 -27.67 -18.50
CA VAL A 562 23.87 -27.10 -17.17
C VAL A 562 24.60 -25.76 -17.08
N LYS A 563 25.71 -25.63 -17.81
CA LYS A 563 26.43 -24.36 -17.84
C LYS A 563 25.61 -23.28 -18.53
N GLN A 564 24.89 -23.63 -19.61
CA GLN A 564 24.00 -22.66 -20.25
C GLN A 564 22.85 -22.26 -19.34
N ILE A 565 22.31 -23.23 -18.58
CA ILE A 565 21.27 -22.93 -17.60
C ILE A 565 21.79 -21.99 -16.52
N LEU A 566 23.04 -22.21 -16.08
CA LEU A 566 23.65 -21.34 -15.08
C LEU A 566 23.90 -19.94 -15.62
N ILE A 567 24.31 -19.83 -16.89
CA ILE A 567 24.50 -18.52 -17.52
C ILE A 567 23.18 -17.76 -17.60
N ASN A 568 22.11 -18.46 -18.00
CA ASN A 568 20.78 -17.84 -18.06
C ASN A 568 20.29 -17.42 -16.67
N ILE A 569 20.57 -18.23 -15.65
CA ILE A 569 20.16 -17.92 -14.28
C ILE A 569 20.90 -16.68 -13.77
N VAL A 570 22.21 -16.59 -14.01
CA VAL A 570 22.99 -15.44 -13.56
C VAL A 570 22.54 -14.16 -14.25
N PHE A 571 22.35 -14.24 -15.58
CA PHE A 571 21.91 -13.07 -16.34
C PHE A 571 20.51 -12.62 -15.93
N SER A 572 19.59 -13.57 -15.75
CA SER A 572 18.23 -13.24 -15.33
C SER A 572 18.20 -12.66 -13.93
N SER A 573 19.01 -13.20 -13.01
CA SER A 573 19.06 -12.69 -11.65
C SER A 573 19.59 -11.26 -11.59
N VAL A 574 20.65 -10.98 -12.36
CA VAL A 574 21.19 -9.61 -12.40
C VAL A 574 20.17 -8.65 -13.02
N MET A 575 19.56 -9.03 -14.15
CA MET A 575 18.63 -8.14 -14.82
C MET A 575 17.33 -7.93 -14.04
N ILE A 576 16.94 -8.90 -13.22
CA ILE A 576 15.77 -8.73 -12.37
C ILE A 576 16.11 -7.86 -11.16
N GLY A 577 17.22 -8.16 -10.48
CA GLY A 577 17.53 -7.45 -9.26
C GLY A 577 18.10 -6.07 -9.45
N THR A 578 18.46 -5.69 -10.67
CA THR A 578 19.00 -4.35 -10.93
C THR A 578 18.18 -3.64 -12.00
N VAL A 579 16.86 -3.63 -11.82
CA VAL A 579 15.96 -3.00 -12.78
C VAL A 579 15.92 -1.50 -12.54
N THR A 580 16.15 -0.72 -13.61
CA THR A 580 16.15 0.73 -13.54
C THR A 580 15.25 1.39 -14.58
N LYS A 581 15.09 0.80 -15.76
CA LYS A 581 14.34 1.40 -16.85
C LYS A 581 12.86 1.03 -16.74
N LEU A 582 12.09 1.32 -17.80
CA LEU A 582 10.65 1.09 -17.82
C LEU A 582 10.21 0.08 -18.89
N SER A 583 11.04 -0.19 -19.90
CA SER A 583 10.72 -1.20 -20.89
C SER A 583 10.67 -2.60 -20.27
N ARG A 584 11.51 -2.85 -19.27
CA ARG A 584 11.44 -4.10 -18.51
C ARG A 584 10.11 -4.21 -17.77
N MET A 585 9.64 -3.10 -17.21
CA MET A 585 8.32 -3.08 -16.56
C MET A 585 7.21 -3.40 -17.55
N GLY A 586 7.29 -2.84 -18.76
CA GLY A 586 6.29 -3.14 -19.77
C GLY A 586 6.28 -4.59 -20.22
N ILE A 587 7.47 -5.16 -20.46
CA ILE A 587 7.51 -6.54 -20.93
C ILE A 587 7.14 -7.51 -19.80
N PHE A 588 7.37 -7.14 -18.54
CA PHE A 588 6.93 -8.04 -17.47
C PHE A 588 5.44 -7.91 -17.20
N ASP A 589 4.83 -6.76 -17.48
CA ASP A 589 3.37 -6.69 -17.48
C ASP A 589 2.78 -7.54 -18.59
N PHE A 590 3.40 -7.54 -19.77
CA PHE A 590 2.93 -8.40 -20.85
C PHE A 590 3.12 -9.88 -20.49
N MET A 591 4.21 -10.22 -19.80
CA MET A 591 4.40 -11.58 -19.32
C MET A 591 3.40 -11.95 -18.23
N ARG A 592 2.93 -10.96 -17.47
CA ARG A 592 1.87 -11.18 -16.49
C ARG A 592 0.58 -11.59 -17.18
N TYR A 593 0.16 -10.83 -18.19
CA TYR A 593 -1.13 -11.09 -18.80
C TYR A 593 -1.06 -12.05 -19.99
N ALA A 594 0.11 -12.56 -20.34
CA ALA A 594 0.26 -13.48 -21.46
C ALA A 594 0.46 -14.92 -21.01
N GLY A 595 -0.15 -15.31 -19.90
CA GLY A 595 -0.05 -16.68 -19.41
C GLY A 595 -1.36 -17.44 -19.51
N PHE A 596 -2.26 -16.97 -20.37
CA PHE A 596 -3.58 -17.56 -20.53
C PHE A 596 -3.65 -18.52 -21.72
N LEU A 597 -2.50 -18.88 -22.29
CA LEU A 597 -2.47 -19.88 -23.35
C LEU A 597 -2.94 -21.29 -22.96
N PRO A 598 -2.51 -21.92 -21.81
CA PRO A 598 -2.83 -23.34 -21.62
C PRO A 598 -4.27 -23.65 -21.17
N LEU A 599 -5.17 -22.69 -21.28
CA LEU A 599 -6.57 -22.90 -20.92
C LEU A 599 -7.43 -23.09 -22.17
N SER A 600 -8.74 -23.16 -21.94
CA SER A 600 -9.75 -23.28 -22.99
C SER A 600 -10.03 -21.91 -23.61
N ASP A 601 -11.16 -21.78 -24.30
CA ASP A 601 -11.59 -20.58 -25.02
C ASP A 601 -11.43 -19.30 -24.20
N TYR A 602 -10.55 -18.41 -24.67
CA TYR A 602 -10.16 -17.23 -23.91
C TYR A 602 -10.13 -15.94 -24.73
N SER A 603 -10.06 -16.03 -26.07
CA SER A 603 -10.17 -14.90 -27.00
C SER A 603 -9.08 -13.85 -26.79
N ASN A 604 -7.91 -14.26 -26.32
CA ASN A 604 -6.78 -13.34 -26.22
C ASN A 604 -5.48 -14.00 -26.67
N ILE A 605 -5.57 -15.15 -27.36
CA ILE A 605 -4.39 -15.81 -27.88
C ILE A 605 -3.73 -14.97 -28.97
N LYS A 606 -4.51 -14.14 -29.67
CA LYS A 606 -3.95 -13.26 -30.68
C LYS A 606 -4.44 -11.83 -30.50
N GLU A 607 -5.62 -11.66 -29.89
CA GLU A 607 -6.21 -10.33 -29.75
C GLU A 607 -5.48 -9.50 -28.72
N TYR A 608 -5.04 -10.11 -27.62
CA TYR A 608 -4.28 -9.37 -26.60
C TYR A 608 -2.95 -8.90 -27.15
N ILE A 609 -2.26 -9.75 -27.90
CA ILE A 609 -1.00 -9.35 -28.52
C ILE A 609 -1.23 -8.29 -29.59
N ARG A 610 -2.35 -8.37 -30.31
CA ARG A 610 -2.64 -7.36 -31.33
C ARG A 610 -3.00 -6.02 -30.72
N ASP A 611 -3.59 -6.00 -29.53
CA ASP A 611 -4.07 -4.75 -28.94
C ASP A 611 -3.13 -4.16 -27.90
N LYS A 612 -2.83 -4.91 -26.83
CA LYS A 612 -2.23 -4.33 -25.63
C LYS A 612 -0.71 -4.49 -25.57
N PHE A 613 -0.08 -5.08 -26.58
CA PHE A 613 1.38 -5.20 -26.56
C PHE A 613 2.02 -3.85 -26.84
N ASP A 614 3.06 -3.53 -26.07
CA ASP A 614 3.84 -2.31 -26.27
C ASP A 614 5.21 -2.67 -26.81
N PRO A 615 5.51 -2.41 -28.08
CA PRO A 615 6.84 -2.73 -28.63
C PRO A 615 7.86 -1.64 -28.31
N ASP A 616 8.20 -1.53 -27.02
CA ASP A 616 9.09 -0.49 -26.52
C ASP A 616 10.51 -1.01 -26.32
N ILE A 617 10.96 -1.90 -27.20
CA ILE A 617 12.27 -2.54 -27.09
C ILE A 617 13.33 -1.52 -27.50
N THR A 618 14.05 -1.00 -26.51
CA THR A 618 15.03 0.06 -26.74
C THR A 618 16.47 -0.38 -26.53
N ASN A 619 16.72 -1.62 -26.11
CA ASN A 619 18.06 -2.15 -26.02
C ASN A 619 18.03 -3.63 -26.38
N VAL A 620 19.18 -4.29 -26.28
CA VAL A 620 19.32 -5.67 -26.74
C VAL A 620 19.33 -6.67 -25.59
N ALA A 621 19.02 -6.23 -24.37
CA ALA A 621 18.97 -7.15 -23.24
C ALA A 621 17.59 -7.75 -23.03
N ASP A 622 16.53 -6.98 -23.29
CA ASP A 622 15.16 -7.46 -23.18
C ASP A 622 14.70 -8.23 -24.41
N ILE A 623 15.52 -8.27 -25.46
CA ILE A 623 15.29 -9.17 -26.61
C ILE A 623 15.31 -10.62 -26.15
N TYR A 624 16.14 -10.93 -25.13
CA TYR A 624 16.17 -12.26 -24.53
C TYR A 624 14.81 -12.64 -23.92
N PHE A 625 14.20 -11.72 -23.16
CA PHE A 625 12.92 -11.99 -22.54
C PHE A 625 11.80 -12.08 -23.59
N VAL A 626 11.85 -11.21 -24.60
CA VAL A 626 10.85 -11.24 -25.66
C VAL A 626 10.94 -12.52 -26.47
N ASN A 627 12.16 -12.98 -26.76
CA ASN A 627 12.33 -14.24 -27.47
C ASN A 627 11.90 -15.43 -26.62
N GLY A 628 12.11 -15.36 -25.30
CA GLY A 628 11.64 -16.42 -24.42
C GLY A 628 10.13 -16.53 -24.38
N ILE A 629 9.44 -15.39 -24.24
CA ILE A 629 7.98 -15.44 -24.22
C ILE A 629 7.41 -15.80 -25.60
N LYS A 630 8.11 -15.41 -26.68
CA LYS A 630 7.66 -15.80 -28.02
C LYS A 630 7.86 -17.30 -28.26
N LYS A 631 8.95 -17.87 -27.74
CA LYS A 631 9.16 -19.30 -27.83
C LYS A 631 8.11 -20.07 -27.03
N LEU A 632 7.76 -19.56 -25.84
CA LEU A 632 6.71 -20.20 -25.05
C LEU A 632 5.36 -20.16 -25.75
N LEU A 633 5.02 -19.01 -26.36
CA LEU A 633 3.75 -18.92 -27.08
C LEU A 633 3.75 -19.75 -28.36
N PHE A 634 4.89 -19.85 -29.05
CA PHE A 634 5.01 -20.71 -30.21
C PHE A 634 4.80 -22.18 -29.85
N ARG A 635 5.41 -22.62 -28.74
CA ARG A 635 5.23 -23.98 -28.28
C ARG A 635 3.80 -24.25 -27.82
N MET A 636 3.16 -23.25 -27.21
CA MET A 636 1.78 -23.43 -26.77
C MET A 636 0.81 -23.48 -27.94
N GLU A 637 1.05 -22.66 -28.97
CA GLU A 637 0.23 -22.71 -30.18
C GLU A 637 0.58 -23.87 -31.09
N ASP A 638 1.71 -24.55 -30.86
CA ASP A 638 2.02 -25.74 -31.64
C ASP A 638 1.11 -26.91 -31.23
N LEU A 639 0.55 -26.85 -30.02
CA LEU A 639 -0.31 -27.87 -29.42
C LEU A 639 0.34 -29.27 -29.41
N ASP A 655 -2.59 -29.40 -8.81
CA ASP A 655 -3.06 -30.77 -9.03
C ASP A 655 -2.60 -31.29 -10.39
N ILE A 656 -2.69 -30.45 -11.40
CA ILE A 656 -2.37 -30.82 -12.77
C ILE A 656 -0.87 -30.63 -12.97
N ILE A 657 -0.19 -31.70 -13.36
CA ILE A 657 1.24 -31.66 -13.66
C ILE A 657 1.40 -31.20 -15.11
N GLY A 658 2.08 -30.08 -15.30
CA GLY A 658 2.28 -29.50 -16.61
C GLY A 658 3.76 -29.41 -16.95
N GLY A 659 4.07 -29.61 -18.22
CA GLY A 659 5.43 -29.63 -18.70
C GLY A 659 6.01 -31.02 -18.87
N ILE A 660 5.40 -32.04 -18.26
CA ILE A 660 5.84 -33.40 -18.49
C ILE A 660 5.31 -33.94 -19.82
N THR A 661 4.29 -33.29 -20.40
CA THR A 661 3.79 -33.59 -21.73
C THR A 661 3.82 -32.38 -22.66
N ASP A 662 3.66 -31.17 -22.12
CA ASP A 662 3.73 -29.97 -22.94
C ASP A 662 5.15 -29.69 -23.41
N LEU A 663 6.14 -30.01 -22.57
CA LEU A 663 7.58 -29.80 -22.83
C LEU A 663 7.88 -28.34 -23.16
N ASN A 664 7.37 -27.45 -22.31
CA ASN A 664 7.51 -26.02 -22.52
C ASN A 664 8.83 -25.53 -21.92
N ILE A 665 9.02 -24.21 -21.89
CA ILE A 665 10.28 -23.59 -21.52
C ILE A 665 9.98 -22.39 -20.63
N LYS A 666 10.69 -22.28 -19.50
CA LYS A 666 10.55 -21.11 -18.63
C LYS A 666 10.99 -19.84 -19.36
N CYS A 667 10.24 -18.76 -19.15
CA CYS A 667 10.61 -17.49 -19.78
C CYS A 667 11.94 -16.91 -19.28
N PRO A 668 12.21 -16.77 -17.94
CA PRO A 668 13.49 -16.16 -17.56
C PRO A 668 14.71 -17.06 -17.70
N ILE A 669 14.60 -18.33 -17.27
CA ILE A 669 15.77 -19.16 -17.03
C ILE A 669 15.79 -20.41 -17.90
N THR A 670 15.08 -20.38 -19.04
CA THR A 670 14.90 -21.50 -19.97
C THR A 670 14.32 -22.73 -19.27
N GLY A 671 15.14 -23.43 -18.48
CA GLY A 671 14.70 -24.44 -17.53
C GLY A 671 13.79 -25.55 -18.03
N SER A 672 14.31 -26.44 -18.86
CA SER A 672 13.49 -27.49 -19.45
C SER A 672 13.14 -28.56 -18.40
N THR A 673 12.32 -29.51 -18.84
CA THR A 673 11.74 -30.59 -18.01
C THR A 673 11.04 -30.01 -16.78
N LEU A 674 9.96 -29.29 -17.06
CA LEU A 674 9.17 -28.65 -16.00
C LEU A 674 8.47 -29.70 -15.14
N LEU A 675 8.44 -29.44 -13.83
CA LEU A 675 7.76 -30.35 -12.91
C LEU A 675 6.27 -30.07 -12.86
N THR A 676 5.88 -28.86 -12.45
CA THR A 676 4.48 -28.51 -12.26
C THR A 676 4.23 -27.10 -12.78
N LEU A 677 2.95 -26.71 -12.80
CA LEU A 677 2.57 -25.35 -13.13
C LEU A 677 2.90 -24.37 -12.00
N GLU A 678 3.04 -24.88 -10.77
CA GLU A 678 3.32 -24.04 -9.62
C GLU A 678 4.67 -23.37 -9.73
N ASP A 679 5.67 -24.09 -10.26
CA ASP A 679 7.01 -23.52 -10.45
C ASP A 679 7.00 -22.37 -11.45
N LEU A 680 6.29 -22.54 -12.58
CA LEU A 680 6.27 -21.50 -13.60
C LEU A 680 5.48 -20.28 -13.12
N TYR A 681 4.37 -20.53 -12.41
CA TYR A 681 3.59 -19.43 -11.84
C TYR A 681 4.40 -18.63 -10.83
N ASN A 682 5.15 -19.34 -9.97
CA ASN A 682 5.94 -18.67 -8.95
C ASN A 682 7.12 -17.91 -9.55
N ASN A 683 7.78 -18.47 -10.57
CA ASN A 683 8.89 -17.77 -11.22
C ASN A 683 8.41 -16.50 -11.93
N VAL A 684 7.34 -16.61 -12.72
CA VAL A 684 6.83 -15.47 -13.46
C VAL A 684 6.31 -14.39 -12.51
N TYR A 685 5.57 -14.79 -11.47
CA TYR A 685 5.01 -13.79 -10.57
C TYR A 685 6.07 -13.19 -9.65
N LEU A 686 7.14 -13.92 -9.34
CA LEU A 686 8.26 -13.32 -8.63
C LEU A 686 8.95 -12.26 -9.46
N ALA A 687 9.15 -12.55 -10.76
CA ALA A 687 9.69 -11.55 -11.68
C ALA A 687 8.77 -10.34 -11.80
N ILE A 688 7.45 -10.54 -11.73
CA ILE A 688 6.52 -9.41 -11.75
C ILE A 688 6.62 -8.59 -10.47
N TYR A 689 6.62 -9.25 -9.31
CA TYR A 689 6.51 -8.55 -8.04
C TYR A 689 7.83 -8.01 -7.51
N MET A 690 8.97 -8.30 -8.14
CA MET A 690 10.24 -7.74 -7.68
C MET A 690 10.70 -6.57 -8.56
N MET A 691 9.75 -5.69 -8.95
CA MET A 691 9.97 -4.41 -9.63
C MET A 691 9.71 -3.24 -8.69
N PRO A 692 10.32 -2.08 -8.93
CA PRO A 692 10.06 -0.91 -8.08
C PRO A 692 8.69 -0.31 -8.36
N LYS A 693 8.32 0.67 -7.53
CA LYS A 693 7.00 1.29 -7.61
C LYS A 693 7.01 2.66 -8.29
N SER A 694 7.74 3.61 -7.71
CA SER A 694 7.61 5.02 -8.09
C SER A 694 8.69 5.44 -9.09
N LEU A 695 8.65 4.84 -10.28
CA LEU A 695 9.63 5.13 -11.31
C LEU A 695 9.13 6.06 -12.40
N HIS A 696 7.85 6.43 -12.38
CA HIS A 696 7.28 7.24 -13.45
C HIS A 696 7.53 8.72 -13.23
N ASN A 697 7.57 9.46 -14.34
CA ASN A 697 7.71 10.91 -14.26
C ASN A 697 6.39 11.53 -13.79
N HIS A 698 6.51 12.54 -12.92
CA HIS A 698 5.35 13.08 -12.22
C HIS A 698 4.40 13.80 -13.16
N VAL A 699 4.93 14.67 -14.04
CA VAL A 699 4.10 15.49 -14.90
C VAL A 699 3.38 14.62 -15.94
N HIS A 700 4.12 13.71 -16.59
CA HIS A 700 3.53 12.84 -17.59
C HIS A 700 2.51 11.88 -16.98
N ASN A 701 2.85 11.31 -15.82
CA ASN A 701 1.94 10.39 -15.14
C ASN A 701 0.67 11.09 -14.70
N LEU A 702 0.78 12.31 -14.16
CA LEU A 702 -0.40 13.03 -13.72
C LEU A 702 -1.25 13.50 -14.89
N THR A 703 -0.63 13.87 -16.01
CA THR A 703 -1.42 14.28 -17.17
C THR A 703 -2.17 13.10 -17.77
N SER A 704 -1.55 11.91 -17.81
CA SER A 704 -2.28 10.73 -18.29
C SER A 704 -3.40 10.34 -17.33
N LEU A 705 -3.14 10.43 -16.02
CA LEU A 705 -4.15 10.10 -15.02
C LEU A 705 -5.31 11.08 -15.03
N LEU A 706 -5.06 12.35 -15.36
CA LEU A 706 -6.15 13.31 -15.53
C LEU A 706 -6.78 13.23 -16.91
N ASN A 707 -6.10 12.61 -17.87
CA ASN A 707 -6.66 12.51 -19.22
C ASN A 707 -7.61 11.35 -19.38
N VAL A 708 -7.44 10.28 -18.61
CA VAL A 708 -8.32 9.12 -18.75
C VAL A 708 -9.79 9.41 -18.40
N PRO A 709 -10.13 10.02 -17.25
CA PRO A 709 -11.56 10.35 -17.02
C PRO A 709 -12.10 11.41 -17.97
N ALA A 710 -11.26 12.30 -18.50
CA ALA A 710 -11.75 13.33 -19.41
C ALA A 710 -12.23 12.73 -20.72
N GLU A 711 -11.45 11.83 -21.30
CA GLU A 711 -11.90 11.16 -22.53
C GLU A 711 -13.02 10.17 -22.26
N TRP A 712 -13.01 9.50 -21.09
CA TRP A 712 -14.10 8.58 -20.80
C TRP A 712 -15.41 9.29 -20.46
N GLU A 713 -15.35 10.57 -20.10
CA GLU A 713 -16.55 11.36 -19.91
C GLU A 713 -17.01 12.00 -21.22
N LEU A 714 -16.07 12.44 -22.05
CA LEU A 714 -16.42 12.99 -23.36
C LEU A 714 -17.03 11.93 -24.26
N LYS A 715 -16.62 10.66 -24.12
CA LYS A 715 -17.21 9.58 -24.90
C LYS A 715 -18.69 9.41 -24.58
N PHE A 716 -19.04 9.38 -23.29
CA PHE A 716 -20.43 9.29 -22.88
C PHE A 716 -21.23 10.52 -23.29
N ARG A 717 -20.64 11.71 -23.13
CA ARG A 717 -21.33 12.95 -23.45
C ARG A 717 -21.63 13.06 -24.95
N LYS A 718 -20.66 12.71 -25.79
CA LYS A 718 -20.88 12.75 -27.23
C LYS A 718 -21.72 11.59 -27.74
N GLU A 719 -21.73 10.45 -27.03
CA GLU A 719 -22.57 9.34 -27.45
C GLU A 719 -24.04 9.58 -27.14
N LEU A 720 -24.34 10.16 -25.97
CA LEU A 720 -25.73 10.24 -25.54
C LEU A 720 -26.43 11.54 -25.89
N GLY A 721 -25.76 12.44 -26.62
CA GLY A 721 -26.42 13.59 -27.21
C GLY A 721 -26.18 14.92 -26.53
N PHE A 722 -25.63 14.92 -25.31
CA PHE A 722 -25.33 16.19 -24.64
C PHE A 722 -24.17 16.90 -25.31
N ASN A 723 -24.25 18.22 -25.37
CA ASN A 723 -23.11 19.02 -25.81
C ASN A 723 -22.24 19.32 -24.59
N ILE A 724 -21.20 20.15 -24.79
CA ILE A 724 -20.20 20.36 -23.76
C ILE A 724 -20.75 21.18 -22.60
N PHE A 725 -21.47 22.26 -22.91
CA PHE A 725 -21.79 23.26 -21.91
C PHE A 725 -22.96 22.88 -21.00
N GLU A 726 -23.88 22.02 -21.46
CA GLU A 726 -25.11 21.77 -20.74
C GLU A 726 -24.89 20.77 -19.60
N ASP A 727 -25.87 20.70 -18.72
CA ASP A 727 -25.83 19.85 -17.52
C ASP A 727 -26.26 18.42 -17.86
N ILE A 728 -26.62 17.68 -16.83
CA ILE A 728 -26.68 16.22 -16.84
C ILE A 728 -28.15 15.88 -16.68
N TYR A 729 -28.95 16.44 -17.61
CA TYR A 729 -30.34 16.06 -17.89
C TYR A 729 -30.42 14.53 -17.79
N PRO A 730 -31.10 14.01 -16.75
CA PRO A 730 -30.80 12.67 -16.24
C PRO A 730 -31.12 11.50 -17.15
N LYS A 731 -32.37 11.38 -17.58
CA LYS A 731 -32.79 10.28 -18.42
C LYS A 731 -33.42 10.83 -19.70
N LYS A 732 -32.74 10.59 -20.82
CA LYS A 732 -33.21 11.03 -22.13
C LYS A 732 -34.07 9.95 -22.80
N ALA A 733 -34.39 8.88 -22.07
CA ALA A 733 -35.05 7.65 -22.52
C ALA A 733 -34.23 6.87 -23.56
N MET A 734 -32.94 7.18 -23.69
CA MET A 734 -32.01 6.32 -24.41
C MET A 734 -31.27 5.37 -23.49
N PHE A 735 -31.60 5.36 -22.20
CA PHE A 735 -31.06 4.39 -21.25
C PHE A 735 -31.93 3.14 -21.20
N ASP A 736 -32.26 2.58 -22.37
CA ASP A 736 -33.21 1.47 -22.47
C ASP A 736 -32.69 0.45 -23.48
N ASP A 737 -31.91 -0.53 -22.98
CA ASP A 737 -31.45 -1.71 -23.71
C ASP A 737 -30.63 -1.37 -24.95
N LYS A 738 -29.87 -0.28 -24.90
CA LYS A 738 -28.92 0.05 -25.95
C LYS A 738 -27.57 -0.55 -25.58
N ASP A 739 -26.51 -0.15 -26.29
CA ASP A 739 -25.21 -0.80 -26.16
C ASP A 739 -24.24 -0.04 -25.25
N LEU A 740 -23.97 1.23 -25.55
CA LEU A 740 -22.91 1.99 -24.89
C LEU A 740 -23.16 2.23 -23.40
N PHE A 741 -24.20 3.00 -23.07
CA PHE A 741 -24.52 3.34 -21.68
C PHE A 741 -26.04 3.18 -21.51
N SER A 742 -26.49 1.98 -21.17
CA SER A 742 -27.91 1.73 -21.04
C SER A 742 -28.14 0.48 -20.21
N ILE A 743 -29.30 0.43 -19.55
CA ILE A 743 -29.79 -0.75 -18.86
C ILE A 743 -31.07 -1.19 -19.55
N ASN A 744 -31.68 -2.29 -19.09
CA ASN A 744 -32.96 -2.68 -19.65
C ASN A 744 -34.09 -1.83 -19.10
N GLY A 745 -34.00 -1.40 -17.84
CA GLY A 745 -35.00 -0.54 -17.25
C GLY A 745 -36.12 -1.29 -16.55
N ALA A 746 -36.88 -2.08 -17.29
CA ALA A 746 -37.99 -2.84 -16.74
C ALA A 746 -37.58 -4.23 -16.26
N LEU A 747 -36.33 -4.62 -16.46
CA LEU A 747 -35.83 -5.89 -15.94
C LEU A 747 -34.99 -5.72 -14.69
N ASN A 748 -34.33 -4.56 -14.56
CA ASN A 748 -33.48 -4.29 -13.41
C ASN A 748 -34.29 -4.17 -12.12
N VAL A 749 -35.47 -3.54 -12.18
CA VAL A 749 -36.28 -3.41 -10.97
C VAL A 749 -36.87 -4.76 -10.56
N LYS A 750 -37.17 -5.63 -11.53
CA LYS A 750 -37.66 -6.96 -11.18
C LYS A 750 -36.54 -7.82 -10.60
N ALA A 751 -35.34 -7.70 -11.15
CA ALA A 751 -34.18 -8.42 -10.60
C ALA A 751 -33.85 -7.94 -9.19
N LEU A 752 -33.93 -6.62 -8.95
CA LEU A 752 -33.65 -6.08 -7.62
C LEU A 752 -34.72 -6.50 -6.63
N SER A 753 -35.99 -6.50 -7.04
CA SER A 753 -37.08 -6.96 -6.18
C SER A 753 -36.91 -8.43 -5.83
N ASP A 754 -36.56 -9.26 -6.81
CA ASP A 754 -36.34 -10.69 -6.54
C ASP A 754 -35.14 -10.91 -5.63
N TYR A 755 -34.07 -10.12 -5.83
CA TYR A 755 -32.88 -10.24 -4.99
C TYR A 755 -33.18 -9.86 -3.53
N TYR A 756 -33.90 -8.75 -3.33
CA TYR A 756 -34.26 -8.34 -1.97
C TYR A 756 -35.20 -9.34 -1.32
N LEU A 757 -36.18 -9.86 -2.09
CA LEU A 757 -37.13 -10.82 -1.54
C LEU A 757 -36.45 -12.14 -1.18
N GLY A 758 -35.49 -12.59 -1.98
CA GLY A 758 -34.78 -13.81 -1.65
C GLY A 758 -33.65 -13.65 -0.66
N ASN A 759 -33.19 -12.42 -0.41
CA ASN A 759 -32.07 -12.19 0.49
C ASN A 759 -32.49 -11.75 1.88
N ILE A 760 -33.27 -10.67 1.99
CA ILE A 760 -33.59 -10.08 3.29
C ILE A 760 -34.72 -10.88 3.94
N GLU A 761 -34.44 -11.47 5.10
CA GLU A 761 -35.39 -12.33 5.79
C GLU A 761 -36.09 -11.62 6.95
N ASN A 762 -35.31 -11.12 7.91
CA ASN A 762 -35.85 -10.46 9.09
C ASN A 762 -35.49 -8.98 9.02
N VAL A 763 -36.47 -8.15 8.64
CA VAL A 763 -36.23 -6.73 8.43
C VAL A 763 -35.97 -6.02 9.74
N GLY A 764 -36.78 -6.30 10.77
CA GLY A 764 -36.59 -5.65 12.06
C GLY A 764 -35.30 -6.06 12.74
N LEU A 765 -34.97 -7.36 12.72
CA LEU A 765 -33.72 -7.84 13.28
C LEU A 765 -32.52 -7.27 12.52
N MET A 766 -32.64 -7.19 11.19
CA MET A 766 -31.55 -6.66 10.37
C MET A 766 -31.32 -5.17 10.62
N ARG A 767 -32.41 -4.41 10.76
CA ARG A 767 -32.32 -2.99 11.06
C ARG A 767 -31.74 -2.75 12.46
N SER A 768 -32.16 -3.54 13.45
CA SER A 768 -31.64 -3.41 14.80
C SER A 768 -30.16 -3.78 14.85
N GLU A 769 -29.76 -4.81 14.12
CA GLU A 769 -28.35 -5.20 14.04
C GLU A 769 -27.51 -4.14 13.34
N ILE A 770 -28.05 -3.50 12.31
CA ILE A 770 -27.36 -2.40 11.62
C ILE A 770 -27.14 -1.24 12.60
N GLU A 771 -28.19 -0.86 13.33
CA GLU A 771 -28.11 0.27 14.27
C GLU A 771 -27.16 -0.01 15.42
N ASN A 772 -27.13 -1.26 15.89
CA ASN A 772 -26.24 -1.60 17.01
C ASN A 772 -24.79 -1.71 16.55
N LYS A 773 -24.52 -2.53 15.53
CA LYS A 773 -23.14 -2.85 15.18
C LYS A 773 -22.45 -1.75 14.40
N GLU A 774 -23.16 -1.01 13.55
CA GLU A 774 -22.44 -0.02 12.74
C GLU A 774 -22.38 1.32 13.47
N ASP A 775 -23.11 1.44 14.58
CA ASP A 775 -23.21 2.65 15.41
C ASP A 775 -23.76 3.84 14.62
N PHE A 776 -25.06 3.76 14.31
CA PHE A 776 -25.78 4.93 13.83
C PHE A 776 -26.08 5.93 14.94
N LEU A 777 -26.30 5.44 16.17
CA LEU A 777 -26.78 6.30 17.25
C LEU A 777 -25.65 6.73 18.17
N SER A 778 -24.41 6.49 17.81
CA SER A 778 -23.23 6.93 18.52
C SER A 778 -22.73 8.26 17.98
N PRO A 779 -22.00 9.04 18.77
CA PRO A 779 -21.39 10.25 18.25
C PRO A 779 -20.30 9.96 17.23
N CYS A 780 -20.02 10.98 16.41
CA CYS A 780 -19.22 10.82 15.20
C CYS A 780 -17.79 10.39 15.49
N TYR A 781 -17.19 10.94 16.56
CA TYR A 781 -15.84 10.54 16.95
C TYR A 781 -15.76 9.11 17.46
N LYS A 782 -16.88 8.48 17.79
CA LYS A 782 -16.88 7.05 18.08
C LYS A 782 -16.80 6.20 16.83
N ILE A 783 -16.98 6.79 15.65
CA ILE A 783 -16.82 6.09 14.38
C ILE A 783 -15.33 6.07 14.03
N SER A 784 -14.81 4.87 13.79
CA SER A 784 -13.37 4.71 13.57
C SER A 784 -12.91 5.26 12.23
N THR A 785 -13.76 5.20 11.20
CA THR A 785 -13.37 5.68 9.88
C THR A 785 -13.32 7.20 9.82
N LEU A 786 -14.25 7.87 10.50
CA LEU A 786 -14.37 9.31 10.45
C LEU A 786 -13.49 10.03 11.46
N LYS A 787 -12.71 9.29 12.25
CA LYS A 787 -11.90 9.87 13.32
C LYS A 787 -10.40 9.86 13.01
N SER A 788 -9.91 8.84 12.31
CA SER A 788 -8.48 8.64 12.10
C SER A 788 -7.89 9.72 11.20
N SER A 789 -6.56 9.84 11.25
CA SER A 789 -5.84 10.93 10.59
C SER A 789 -5.50 10.53 9.17
N LYS A 790 -6.38 10.91 8.24
CA LYS A 790 -6.16 10.77 6.80
C LYS A 790 -6.33 12.14 6.15
N LYS A 791 -6.37 12.17 4.82
CA LYS A 791 -6.46 13.41 4.07
C LYS A 791 -7.83 13.51 3.41
N CYS A 792 -8.46 14.68 3.51
CA CYS A 792 -9.80 14.89 2.98
C CYS A 792 -9.89 15.97 1.92
N SER A 793 -8.89 16.85 1.81
CA SER A 793 -8.71 17.80 0.70
C SER A 793 -9.90 18.76 0.58
N GLN A 794 -10.04 19.60 1.61
CA GLN A 794 -11.04 20.66 1.57
C GLN A 794 -10.57 21.79 0.66
N SER A 795 -11.46 22.75 0.41
CA SER A 795 -11.17 23.89 -0.44
C SER A 795 -10.86 25.11 0.41
N ASN A 796 -9.86 25.88 -0.03
CA ASN A 796 -9.44 27.08 0.68
C ASN A 796 -8.84 28.06 -0.31
N ILE A 797 -9.19 29.33 -0.16
CA ILE A 797 -8.69 30.39 -1.03
C ILE A 797 -8.77 31.71 -0.28
N ILE A 798 -7.96 32.68 -0.69
CA ILE A 798 -8.03 34.02 -0.14
C ILE A 798 -9.15 34.78 -0.85
N SER A 799 -10.06 35.36 -0.06
CA SER A 799 -11.20 36.07 -0.60
C SER A 799 -10.77 37.36 -1.29
N THR A 800 -11.63 37.84 -2.18
CA THR A 800 -11.36 39.06 -2.94
C THR A 800 -11.37 40.29 -2.05
N ASP A 801 -12.13 40.25 -0.95
CA ASP A 801 -12.18 41.37 -0.01
C ASP A 801 -10.82 41.62 0.63
N GLU A 802 -10.10 40.55 0.96
CA GLU A 802 -8.75 40.67 1.50
C GLU A 802 -7.79 41.30 0.48
N ILE A 803 -7.92 40.91 -0.80
CA ILE A 803 -7.05 41.44 -1.84
C ILE A 803 -7.31 42.92 -2.07
N ILE A 804 -8.59 43.30 -2.17
CA ILE A 804 -8.90 44.71 -2.43
C ILE A 804 -8.61 45.58 -1.21
N GLU A 805 -8.76 45.05 0.01
CA GLU A 805 -8.41 45.84 1.18
C GLU A 805 -6.90 45.94 1.35
N CYS A 806 -6.14 44.92 0.90
CA CYS A 806 -4.68 45.02 0.90
C CYS A 806 -4.19 46.05 -0.09
N LEU A 807 -4.81 46.09 -1.28
CA LEU A 807 -4.48 47.14 -2.24
C LEU A 807 -4.90 48.51 -1.76
N GLN A 808 -5.97 48.60 -0.98
CA GLN A 808 -6.39 49.88 -0.41
C GLN A 808 -5.41 50.36 0.67
N ASN A 809 -4.95 49.47 1.53
CA ASN A 809 -4.02 49.87 2.58
C ASN A 809 -2.56 49.84 2.15
N ALA A 810 -2.27 49.47 0.89
CA ALA A 810 -0.90 49.54 0.39
C ALA A 810 -0.45 50.99 0.27
N LYS A 811 0.74 51.28 0.79
CA LYS A 811 1.27 52.64 0.86
C LYS A 811 2.52 52.76 -0.01
N ILE A 812 2.51 53.79 -0.88
CA ILE A 812 3.65 54.06 -1.75
C ILE A 812 4.88 54.49 -0.95
N GLN A 813 4.67 55.08 0.24
CA GLN A 813 5.81 55.38 1.10
C GLN A 813 6.38 54.14 1.77
N ASP A 814 5.67 53.02 1.75
CA ASP A 814 6.13 51.82 2.45
C ASP A 814 6.42 50.70 1.46
N ILE A 815 7.12 51.04 0.36
CA ILE A 815 7.48 50.04 -0.64
C ILE A 815 8.54 49.10 -0.09
N GLU A 816 9.48 49.62 0.69
CA GLU A 816 10.54 48.81 1.28
C GLU A 816 10.12 48.14 2.59
N ASN A 817 8.97 48.48 3.13
CA ASN A 817 8.48 47.91 4.38
C ASN A 817 7.44 46.82 4.18
N TRP A 818 7.27 46.35 2.95
CA TRP A 818 6.28 45.32 2.64
C TRP A 818 6.87 43.95 2.95
N LYS A 819 6.29 43.24 3.91
CA LYS A 819 6.76 41.92 4.32
C LYS A 819 5.57 41.00 4.52
N GLY A 820 5.56 39.89 3.79
CA GLY A 820 4.59 38.83 4.03
C GLY A 820 3.44 38.85 3.03
N ASN A 821 2.21 38.87 3.56
CA ASN A 821 1.03 38.69 2.72
C ASN A 821 0.79 39.89 1.81
N ASN A 822 1.10 41.10 2.26
CA ASN A 822 0.96 42.28 1.41
C ASN A 822 1.92 42.21 0.22
N LEU A 823 3.17 41.81 0.47
CA LEU A 823 4.14 41.63 -0.61
C LEU A 823 3.72 40.52 -1.57
N ALA A 824 3.18 39.42 -1.02
CA ALA A 824 2.73 38.31 -1.86
C ALA A 824 1.56 38.73 -2.76
N ILE A 825 0.58 39.44 -2.19
CA ILE A 825 -0.56 39.92 -2.96
C ILE A 825 -0.10 40.92 -4.02
N ILE A 826 0.81 41.82 -3.66
CA ILE A 826 1.30 42.85 -4.58
C ILE A 826 2.06 42.22 -5.74
N LYS A 827 2.92 41.24 -5.46
CA LYS A 827 3.63 40.54 -6.53
C LYS A 827 2.67 39.76 -7.43
N GLY A 828 1.62 39.18 -6.84
CA GLY A 828 0.62 38.49 -7.66
C GLY A 828 -0.12 39.42 -8.61
N LEU A 829 -0.57 40.58 -8.11
CA LEU A 829 -1.27 41.51 -9.00
C LEU A 829 -0.32 42.21 -9.97
N ILE A 830 0.97 42.33 -9.61
CA ILE A 830 1.96 42.86 -10.56
C ILE A 830 2.17 41.90 -11.72
N ARG A 831 2.27 40.59 -11.41
CA ARG A 831 2.36 39.59 -12.47
C ARG A 831 1.08 39.53 -13.30
N THR A 832 -0.07 39.72 -12.65
CA THR A 832 -1.35 39.75 -13.36
C THR A 832 -1.43 40.95 -14.31
N TYR A 833 -0.92 42.11 -13.88
CA TYR A 833 -0.91 43.27 -14.77
C TYR A 833 0.10 43.10 -15.89
N ASN A 834 1.21 42.40 -15.63
CA ASN A 834 2.19 42.15 -16.68
C ASN A 834 1.68 41.16 -17.72
N GLU A 835 0.83 40.20 -17.32
CA GLU A 835 0.41 39.17 -18.25
C GLU A 835 -0.99 39.38 -18.82
N GLU A 836 -2.02 39.54 -17.96
CA GLU A 836 -3.41 39.64 -18.42
C GLU A 836 -4.01 40.96 -17.93
N LYS A 837 -3.74 42.01 -18.71
CA LYS A 837 -4.17 43.36 -18.33
C LYS A 837 -5.68 43.53 -18.42
N ASN A 838 -6.28 43.05 -19.52
CA ASN A 838 -7.73 43.17 -19.70
C ASN A 838 -8.48 42.31 -18.67
N ARG A 839 -7.96 41.11 -18.38
CA ARG A 839 -8.56 40.26 -17.36
C ARG A 839 -8.52 40.93 -16.00
N LEU A 840 -7.39 41.55 -15.65
CA LEU A 840 -7.29 42.21 -14.34
C LEU A 840 -8.16 43.47 -14.30
N VAL A 841 -8.30 44.17 -15.43
CA VAL A 841 -9.12 45.38 -15.48
C VAL A 841 -10.60 45.03 -15.28
N GLU A 842 -11.09 44.01 -15.98
CA GLU A 842 -12.47 43.57 -15.75
C GLU A 842 -12.64 42.92 -14.38
N PHE A 843 -11.60 42.32 -13.80
CA PHE A 843 -11.68 41.82 -12.43
C PHE A 843 -11.85 42.97 -11.44
N PHE A 844 -11.09 44.05 -11.62
CA PHE A 844 -11.25 45.24 -10.79
C PHE A 844 -12.61 45.89 -11.00
N GLU A 845 -13.10 45.88 -12.24
CA GLU A 845 -14.42 46.45 -12.52
C GLU A 845 -15.53 45.66 -11.83
N ASP A 846 -15.45 44.33 -11.84
CA ASP A 846 -16.50 43.52 -11.24
C ASP A 846 -16.30 43.26 -9.76
N ASN A 847 -15.16 43.63 -9.18
CA ASN A 847 -14.95 43.39 -7.75
C ASN A 847 -14.62 44.64 -6.94
N CYS A 848 -14.54 45.81 -7.56
CA CYS A 848 -14.27 47.03 -6.81
C CYS A 848 -14.95 48.21 -7.51
N VAL A 849 -15.43 49.15 -6.69
CA VAL A 849 -16.10 50.34 -7.24
C VAL A 849 -15.07 51.30 -7.84
N ASN A 850 -13.93 51.45 -7.18
CA ASN A 850 -12.93 52.43 -7.59
C ASN A 850 -11.86 51.76 -8.46
N SER A 851 -12.31 51.33 -9.64
CA SER A 851 -11.43 50.64 -10.57
C SER A 851 -10.35 51.56 -11.12
N LEU A 852 -10.71 52.81 -11.41
CA LEU A 852 -9.71 53.77 -11.90
C LEU A 852 -8.69 54.11 -10.81
N TYR A 853 -9.14 54.18 -9.55
CA TYR A 853 -8.22 54.38 -8.43
C TYR A 853 -7.26 53.19 -8.29
N LEU A 854 -7.78 51.97 -8.44
CA LEU A 854 -6.90 50.79 -8.38
C LEU A 854 -5.94 50.74 -9.55
N VAL A 855 -6.37 51.18 -10.73
CA VAL A 855 -5.51 51.19 -11.91
C VAL A 855 -4.39 52.23 -11.76
N GLU A 856 -4.71 53.42 -11.27
CA GLU A 856 -3.67 54.43 -11.08
C GLU A 856 -2.76 54.08 -9.92
N LYS A 857 -3.27 53.38 -8.90
CA LYS A 857 -2.41 52.86 -7.85
C LYS A 857 -1.49 51.77 -8.38
N LEU A 858 -1.98 50.94 -9.30
CA LEU A 858 -1.14 49.96 -9.98
C LEU A 858 -0.03 50.62 -10.78
N LYS A 859 -0.36 51.71 -11.48
CA LYS A 859 0.66 52.43 -12.25
C LYS A 859 1.70 53.05 -11.33
N GLU A 860 1.27 53.60 -10.20
CA GLU A 860 2.21 54.16 -9.22
C GLU A 860 3.06 53.08 -8.56
N ILE A 861 2.51 51.87 -8.37
CA ILE A 861 3.30 50.78 -7.81
C ILE A 861 4.34 50.30 -8.82
N ILE A 862 3.93 50.09 -10.07
CA ILE A 862 4.85 49.53 -11.05
C ILE A 862 5.84 50.57 -11.58
N ASN A 863 5.57 51.86 -11.36
CA ASN A 863 6.53 52.90 -11.71
C ASN A 863 7.48 53.25 -10.57
N SER A 864 7.36 52.58 -9.42
CA SER A 864 8.27 52.84 -8.31
C SER A 864 9.64 52.24 -8.55
N GLY A 865 9.70 51.03 -9.10
CA GLY A 865 10.95 50.37 -9.38
C GLY A 865 11.58 49.64 -8.21
N SER A 866 10.89 49.56 -7.07
CA SER A 866 11.41 48.87 -5.89
C SER A 866 11.00 47.41 -5.83
N ILE A 867 10.30 46.90 -6.86
CA ILE A 867 9.82 45.53 -6.87
C ILE A 867 10.58 44.75 -7.94
N THR A 868 10.32 43.45 -8.00
CA THR A 868 10.94 42.56 -8.96
C THR A 868 9.85 41.87 -9.78
N VAL A 869 10.07 41.78 -11.09
CA VAL A 869 9.14 41.15 -12.00
C VAL A 869 9.70 39.78 -12.39
N GLY A 870 8.83 38.97 -13.00
CA GLY A 870 9.23 37.63 -13.41
C GLY A 870 8.71 37.22 -14.78
N LYS A 871 9.57 36.64 -15.59
CA LYS A 871 9.21 36.15 -16.91
C LYS A 871 8.67 34.72 -16.79
N SER A 872 8.53 34.04 -17.92
CA SER A 872 8.06 32.66 -17.93
C SER A 872 9.14 31.75 -17.37
N VAL A 873 8.94 31.31 -16.13
CA VAL A 873 9.93 30.50 -15.42
C VAL A 873 9.38 29.10 -15.10
N THR A 874 8.37 28.66 -15.85
CA THR A 874 7.73 27.32 -15.79
C THR A 874 7.19 27.12 -14.37
N SER A 875 7.42 25.96 -13.74
CA SER A 875 6.89 25.67 -12.41
C SER A 875 7.77 26.19 -11.29
N LYS A 876 8.91 26.81 -11.60
CA LYS A 876 9.76 27.39 -10.57
C LYS A 876 9.10 28.59 -9.89
N PHE A 877 8.16 29.25 -10.57
CA PHE A 877 7.37 30.31 -9.95
C PHE A 877 6.55 29.78 -8.78
N ILE A 878 5.98 28.58 -8.94
CA ILE A 878 5.35 27.91 -7.81
C ILE A 878 6.40 27.42 -6.82
N ARG A 879 7.55 26.93 -7.33
CA ARG A 879 8.50 26.20 -6.50
C ARG A 879 9.19 27.10 -5.48
N ASN A 880 9.63 28.29 -5.87
CA ASN A 880 10.40 29.15 -4.97
C ASN A 880 9.67 30.44 -4.62
N ASN A 881 8.37 30.34 -4.34
CA ASN A 881 7.60 31.49 -3.90
C ASN A 881 6.54 31.04 -2.90
N HIS A 882 5.80 32.01 -2.38
CA HIS A 882 4.72 31.71 -1.45
C HIS A 882 3.54 31.11 -2.20
N PRO A 883 2.81 30.17 -1.58
CA PRO A 883 1.58 29.66 -2.22
C PRO A 883 0.49 30.71 -2.34
N LEU A 884 0.50 31.72 -1.47
CA LEU A 884 -0.48 32.80 -1.55
C LEU A 884 -0.31 33.60 -2.83
N THR A 885 0.94 33.78 -3.27
CA THR A 885 1.22 34.50 -4.52
C THR A 885 0.63 33.77 -5.72
N VAL A 886 0.86 32.46 -5.82
CA VAL A 886 0.38 31.73 -6.99
C VAL A 886 -1.13 31.56 -6.94
N GLU A 887 -1.73 31.45 -5.74
CA GLU A 887 -3.19 31.31 -5.71
C GLU A 887 -3.88 32.65 -5.99
N THR A 888 -3.33 33.79 -5.55
CA THR A 888 -3.93 35.05 -5.92
C THR A 888 -3.67 35.40 -7.38
N TYR A 889 -2.55 34.90 -7.95
CA TYR A 889 -2.31 35.08 -9.37
C TYR A 889 -3.30 34.27 -10.20
N LEU A 890 -3.58 33.03 -9.79
CA LEU A 890 -4.58 32.22 -10.49
C LEU A 890 -5.98 32.83 -10.36
N LYS A 891 -6.31 33.34 -9.16
CA LYS A 891 -7.63 33.93 -8.94
C LYS A 891 -7.82 35.21 -9.76
N THR A 892 -6.79 36.06 -9.82
CA THR A 892 -6.86 37.26 -10.65
C THR A 892 -6.67 36.97 -12.13
N LYS A 893 -6.19 35.77 -12.47
CA LYS A 893 -6.00 35.38 -13.86
C LYS A 893 -7.25 34.79 -14.51
N LEU A 894 -7.96 33.92 -13.80
CA LEU A 894 -9.03 33.13 -14.41
C LEU A 894 -10.41 33.68 -14.09
N TYR A 895 -10.56 34.99 -14.03
CA TYR A 895 -11.85 35.61 -13.72
C TYR A 895 -12.71 35.63 -14.98
N TYR A 896 -13.73 34.78 -15.02
CA TYR A 896 -14.66 34.66 -16.13
C TYR A 896 -16.09 34.60 -15.62
N ARG A 897 -16.44 35.57 -14.75
CA ARG A 897 -17.72 35.63 -14.04
C ARG A 897 -17.96 34.36 -13.22
N ASN A 898 -16.90 33.85 -12.60
CA ASN A 898 -16.97 32.63 -11.81
C ASN A 898 -15.96 32.76 -10.67
N ASN A 899 -15.91 31.73 -9.81
CA ASN A 899 -15.02 31.71 -8.65
C ASN A 899 -14.09 30.51 -8.79
N VAL A 900 -12.81 30.77 -9.02
CA VAL A 900 -11.82 29.72 -9.14
C VAL A 900 -11.19 29.47 -7.78
N THR A 901 -11.08 28.20 -7.41
CA THR A 901 -10.52 27.82 -6.11
C THR A 901 -9.50 26.71 -6.29
N VAL A 902 -8.60 26.60 -5.33
CA VAL A 902 -7.63 25.52 -5.28
C VAL A 902 -7.96 24.65 -4.07
N LEU A 903 -7.38 23.46 -4.05
CA LEU A 903 -7.67 22.48 -3.00
C LEU A 903 -6.43 22.26 -2.14
N LYS A 904 -6.64 22.28 -0.82
CA LYS A 904 -5.59 22.05 0.16
C LYS A 904 -5.94 20.81 0.97
N SER A 905 -4.97 19.92 1.14
CA SER A 905 -5.21 18.65 1.83
C SER A 905 -5.23 18.90 3.34
N LYS A 906 -6.40 18.73 3.95
CA LYS A 906 -6.58 18.88 5.39
C LYS A 906 -6.62 17.51 6.05
N LYS A 907 -6.96 17.48 7.33
CA LYS A 907 -6.97 16.26 8.12
C LYS A 907 -8.40 15.92 8.54
N VAL A 908 -8.71 14.61 8.58
CA VAL A 908 -10.06 14.15 8.87
C VAL A 908 -10.42 14.44 10.33
N SER A 909 -9.47 14.21 11.26
CA SER A 909 -9.72 14.50 12.66
C SER A 909 -9.90 15.99 12.89
N GLU A 910 -9.11 16.82 12.19
CA GLU A 910 -9.25 18.27 12.31
C GLU A 910 -10.59 18.75 11.77
N GLU A 911 -11.05 18.17 10.65
CA GLU A 911 -12.35 18.56 10.11
C GLU A 911 -13.50 18.07 10.98
N LEU A 912 -13.34 16.91 11.61
CA LEU A 912 -14.35 16.45 12.56
C LEU A 912 -14.40 17.35 13.79
N TYR A 913 -13.23 17.82 14.25
CA TYR A 913 -13.18 18.77 15.36
C TYR A 913 -13.85 20.09 14.99
N ASP A 914 -13.61 20.58 13.77
CA ASP A 914 -14.25 21.81 13.31
C ASP A 914 -15.76 21.63 13.14
N LEU A 915 -16.20 20.45 12.69
CA LEU A 915 -17.62 20.19 12.52
C LEU A 915 -18.33 20.09 13.88
N VAL A 916 -17.67 19.47 14.86
CA VAL A 916 -18.23 19.41 16.21
C VAL A 916 -18.30 20.81 16.83
N LYS A 917 -17.29 21.64 16.55
CA LYS A 917 -17.35 23.05 16.98
C LYS A 917 -18.51 23.79 16.31
N GLN A 918 -18.74 23.55 15.02
CA GLN A 918 -19.77 24.28 14.29
C GLN A 918 -21.18 23.80 14.65
N PHE A 919 -21.32 22.54 15.06
CA PHE A 919 -22.65 22.02 15.37
C PHE A 919 -23.19 22.61 16.67
N HIS A 920 -22.32 22.99 17.60
CA HIS A 920 -22.72 23.53 18.89
C HIS A 920 -22.71 25.06 18.90
N ASN A 921 -22.74 25.68 17.70
CA ASN A 921 -22.76 27.14 17.52
C ASN A 921 -21.56 27.83 18.14
N MET A 922 -20.41 27.15 18.16
CA MET A 922 -19.16 27.74 18.63
C MET A 922 -18.33 28.10 17.40
N MET A 923 -18.65 29.26 16.81
CA MET A 923 -17.94 29.73 15.62
C MET A 923 -16.50 30.09 15.96
N GLU A 924 -16.28 30.74 17.09
CA GLU A 924 -14.95 31.04 17.59
C GLU A 924 -14.74 30.31 18.91
N ILE A 925 -13.49 29.95 19.17
CA ILE A 925 -13.16 29.15 20.35
C ILE A 925 -13.26 30.05 21.59
N ASP A 926 -14.09 29.64 22.54
CA ASP A 926 -14.34 30.39 23.75
C ASP A 926 -13.94 29.57 24.96
N LEU A 927 -13.38 30.24 25.97
CA LEU A 927 -12.86 29.53 27.15
C LEU A 927 -14.00 29.00 28.02
N ASP A 928 -15.07 29.78 28.18
CA ASP A 928 -16.14 29.41 29.10
C ASP A 928 -17.24 28.59 28.44
N SER A 929 -17.44 28.73 27.13
CA SER A 929 -18.57 28.09 26.46
C SER A 929 -18.43 26.58 26.44
N VAL A 930 -17.22 26.07 26.19
CA VAL A 930 -17.01 24.62 26.21
C VAL A 930 -17.08 24.08 27.64
N MET A 931 -16.49 24.80 28.60
CA MET A 931 -16.39 24.30 29.96
C MET A 931 -17.70 24.40 30.74
N ASN A 932 -18.63 25.27 30.32
CA ASN A 932 -19.85 25.45 31.10
C ASN A 932 -20.84 24.30 30.88
N LEU A 933 -20.81 23.66 29.72
CA LEU A 933 -21.75 22.61 29.38
C LEU A 933 -21.02 21.32 29.06
N GLY A 934 -21.58 20.20 29.50
CA GLY A 934 -20.95 18.91 29.29
C GLY A 934 -20.54 18.22 30.57
N LYS A 935 -21.30 18.45 31.64
CA LYS A 935 -20.97 17.88 32.95
C LYS A 935 -21.30 16.39 32.98
N GLY A 936 -20.26 15.55 33.02
CA GLY A 936 -20.44 14.13 33.18
C GLY A 936 -20.95 13.43 31.93
N THR A 937 -21.46 12.21 32.14
CA THR A 937 -22.03 11.41 31.06
C THR A 937 -23.31 12.04 30.52
N GLU A 938 -24.14 12.58 31.41
CA GLU A 938 -25.45 13.12 31.07
C GLU A 938 -25.40 14.51 30.44
N GLY A 939 -24.23 14.97 29.97
CA GLY A 939 -24.12 16.23 29.29
C GLY A 939 -24.58 16.16 27.84
N LYS A 940 -24.28 17.22 27.10
CA LYS A 940 -24.72 17.31 25.71
C LYS A 940 -23.90 16.38 24.84
N LYS A 941 -24.60 15.63 23.97
CA LYS A 941 -23.98 14.77 22.98
C LYS A 941 -24.62 15.05 21.62
N HIS A 942 -24.22 14.25 20.63
CA HIS A 942 -24.82 14.31 19.31
C HIS A 942 -24.85 12.91 18.71
N THR A 943 -25.52 12.78 17.57
CA THR A 943 -25.56 11.53 16.84
C THR A 943 -25.10 11.74 15.41
N PHE A 944 -24.72 10.62 14.78
CA PHE A 944 -24.15 10.66 13.43
C PHE A 944 -25.16 11.17 12.41
N LEU A 945 -26.42 10.74 12.52
CA LEU A 945 -27.41 11.21 11.56
C LEU A 945 -27.88 12.62 11.85
N GLN A 946 -27.82 13.07 13.10
CA GLN A 946 -28.05 14.49 13.39
C GLN A 946 -26.98 15.36 12.74
N MET A 947 -25.71 14.95 12.85
CA MET A 947 -24.62 15.65 12.16
C MET A 947 -24.79 15.59 10.65
N LEU A 948 -25.23 14.44 10.12
CA LEU A 948 -25.42 14.30 8.68
C LEU A 948 -26.54 15.18 8.17
N GLU A 949 -27.64 15.29 8.91
CA GLU A 949 -28.75 16.14 8.48
C GLU A 949 -28.38 17.62 8.60
N PHE A 950 -27.62 17.98 9.63
CA PHE A 950 -27.11 19.34 9.75
C PHE A 950 -26.18 19.68 8.59
N VAL A 951 -25.30 18.75 8.23
CA VAL A 951 -24.36 18.95 7.13
C VAL A 951 -25.09 19.03 5.79
N MET A 952 -26.13 18.22 5.60
CA MET A 952 -26.91 18.28 4.36
C MET A 952 -27.70 19.58 4.26
N SER A 953 -28.24 20.06 5.38
CA SER A 953 -28.92 21.35 5.37
C SER A 953 -27.95 22.50 5.13
N LYS A 954 -26.69 22.35 5.56
CA LYS A 954 -25.68 23.34 5.21
C LYS A 954 -25.32 23.29 3.73
N ALA A 955 -25.12 22.08 3.19
CA ALA A 955 -24.61 21.92 1.84
C ALA A 955 -25.66 22.12 0.76
N LYS A 956 -26.95 22.03 1.10
CA LYS A 956 -27.99 22.27 0.10
C LYS A 956 -28.16 23.76 -0.21
N ASN A 957 -27.61 24.63 0.63
CA ASN A 957 -27.64 26.06 0.35
C ASN A 957 -26.70 26.39 -0.81
N VAL A 958 -26.94 27.55 -1.42
CA VAL A 958 -26.17 27.98 -2.59
C VAL A 958 -24.80 28.44 -2.12
N THR A 959 -23.77 27.67 -2.44
CA THR A 959 -22.40 28.03 -2.11
C THR A 959 -21.43 27.76 -3.25
N GLY A 960 -21.92 27.68 -4.48
CA GLY A 960 -21.09 27.38 -5.61
C GLY A 960 -20.81 25.91 -5.86
N SER A 961 -21.48 25.01 -5.11
CA SER A 961 -21.30 23.56 -5.18
C SER A 961 -19.84 23.17 -4.96
N VAL A 962 -19.19 23.83 -3.99
CA VAL A 962 -17.78 23.61 -3.71
C VAL A 962 -17.55 22.31 -2.96
N ASP A 963 -18.57 21.79 -2.27
CA ASP A 963 -18.40 20.58 -1.47
C ASP A 963 -18.21 19.34 -2.34
N PHE A 964 -18.70 19.37 -3.58
CA PHE A 964 -18.47 18.28 -4.53
C PHE A 964 -17.33 18.69 -5.46
N LEU A 965 -16.10 18.52 -4.97
CA LEU A 965 -14.89 18.82 -5.72
C LEU A 965 -13.82 17.85 -5.29
N VAL A 966 -13.19 17.19 -6.27
CA VAL A 966 -12.28 16.07 -6.01
C VAL A 966 -10.90 16.43 -6.53
N SER A 967 -9.88 16.16 -5.72
CA SER A 967 -8.49 16.24 -6.14
C SER A 967 -7.96 14.84 -6.41
N VAL A 968 -7.12 14.72 -7.43
CA VAL A 968 -6.58 13.44 -7.85
C VAL A 968 -5.12 13.36 -7.44
N PHE A 969 -4.76 12.26 -6.77
CA PHE A 969 -3.38 11.99 -6.36
C PHE A 969 -2.96 10.65 -6.97
N GLU A 970 -1.64 10.44 -6.98
CA GLU A 970 -1.04 9.28 -7.65
C GLU A 970 -0.82 8.15 -6.66
N LYS A 971 -1.48 7.02 -6.89
CA LYS A 971 -1.12 5.78 -6.24
C LYS A 971 0.13 5.21 -6.90
N MET A 972 0.79 4.29 -6.21
CA MET A 972 1.96 3.59 -6.74
C MET A 972 1.63 2.11 -6.83
N GLN A 973 1.58 1.58 -8.05
CA GLN A 973 1.02 0.25 -8.29
C GLN A 973 2.01 -0.71 -8.94
N ARG A 974 3.32 -0.46 -8.80
CA ARG A 974 4.43 -1.32 -9.20
C ARG A 974 4.54 -1.52 -10.72
N THR A 975 3.70 -0.86 -11.51
CA THR A 975 3.67 -1.06 -12.96
C THR A 975 3.99 0.25 -13.66
N LYS A 976 4.32 0.15 -14.95
CA LYS A 976 4.53 1.34 -15.77
C LYS A 976 3.23 2.12 -15.95
N THR A 977 2.13 1.42 -16.19
CA THR A 977 0.82 2.04 -16.10
C THR A 977 0.45 2.25 -14.64
N ASP A 978 -0.22 3.36 -14.37
CA ASP A 978 -0.46 3.78 -12.99
C ASP A 978 -1.95 3.99 -12.74
N ARG A 979 -2.39 3.62 -11.54
CA ARG A 979 -3.73 3.91 -11.07
C ARG A 979 -3.73 5.24 -10.32
N GLU A 980 -4.89 5.63 -9.81
CA GLU A 980 -5.05 6.92 -9.15
C GLU A 980 -5.88 6.75 -7.89
N ILE A 981 -5.75 7.73 -6.99
CA ILE A 981 -6.56 7.81 -5.78
C ILE A 981 -7.24 9.18 -5.77
N TYR A 982 -8.48 9.21 -5.30
CA TYR A 982 -9.29 10.42 -5.30
C TYR A 982 -9.53 10.86 -3.87
N LEU A 983 -9.52 12.17 -3.65
CA LEU A 983 -9.70 12.74 -2.31
C LEU A 983 -11.01 13.51 -2.27
N MET A 984 -11.98 12.99 -1.52
CA MET A 984 -13.29 13.60 -1.40
C MET A 984 -13.44 14.28 -0.06
N SER A 985 -14.29 15.30 0.00
CA SER A 985 -14.43 16.16 1.16
C SER A 985 -15.15 15.43 2.30
N MET A 986 -15.31 16.13 3.42
CA MET A 986 -15.86 15.53 4.63
C MET A 986 -17.36 15.25 4.49
N LYS A 987 -18.09 16.19 3.85
CA LYS A 987 -19.53 16.02 3.67
C LYS A 987 -19.82 14.82 2.78
N VAL A 988 -19.16 14.76 1.63
CA VAL A 988 -19.32 13.65 0.69
C VAL A 988 -18.83 12.35 1.30
N LYS A 989 -17.77 12.41 2.12
CA LYS A 989 -17.31 11.23 2.83
C LYS A 989 -18.36 10.70 3.79
N MET A 990 -19.10 11.60 4.44
CA MET A 990 -20.13 11.16 5.38
C MET A 990 -21.34 10.57 4.66
N MET A 991 -21.78 11.16 3.54
CA MET A 991 -22.88 10.54 2.78
C MET A 991 -22.47 9.19 2.18
N LEU A 992 -21.23 9.08 1.69
CA LEU A 992 -20.74 7.79 1.21
C LEU A 992 -20.63 6.78 2.34
N TYR A 993 -20.26 7.21 3.54
CA TYR A 993 -20.24 6.33 4.70
C TYR A 993 -21.64 5.82 5.02
N PHE A 994 -22.63 6.72 4.97
CA PHE A 994 -24.04 6.36 5.17
C PHE A 994 -24.50 5.29 4.20
N ILE A 995 -24.29 5.52 2.90
CA ILE A 995 -24.76 4.59 1.87
C ILE A 995 -24.00 3.26 1.96
N GLU A 996 -22.67 3.33 2.03
CA GLU A 996 -21.84 2.14 1.96
C GLU A 996 -21.89 1.32 3.24
N HIS A 997 -22.35 1.90 4.36
CA HIS A 997 -22.47 1.13 5.58
C HIS A 997 -23.90 0.75 5.92
N THR A 998 -24.90 1.34 5.27
CA THR A 998 -26.23 0.73 5.31
C THR A 998 -26.40 -0.33 4.24
N PHE A 999 -25.49 -0.40 3.26
CA PHE A 999 -25.45 -1.52 2.33
C PHE A 999 -24.40 -2.56 2.70
N LYS A 1000 -23.73 -2.39 3.84
CA LYS A 1000 -22.71 -3.36 4.25
C LYS A 1000 -23.34 -4.65 4.77
N HIS A 1001 -24.40 -4.54 5.56
CA HIS A 1001 -25.04 -5.71 6.14
C HIS A 1001 -25.91 -6.46 5.13
N VAL A 1002 -26.35 -5.81 4.07
CA VAL A 1002 -27.07 -6.50 3.00
C VAL A 1002 -26.14 -7.47 2.28
N ALA A 1003 -24.87 -7.08 2.10
CA ALA A 1003 -23.88 -7.97 1.55
C ALA A 1003 -23.44 -9.04 2.54
N GLN A 1004 -23.63 -8.81 3.84
CA GLN A 1004 -23.27 -9.79 4.86
C GLN A 1004 -24.25 -10.94 4.97
N SER A 1005 -25.46 -10.79 4.42
CA SER A 1005 -26.43 -11.87 4.37
C SER A 1005 -26.36 -12.67 3.09
N ASP A 1006 -25.42 -12.35 2.20
CA ASP A 1006 -25.30 -13.01 0.91
C ASP A 1006 -24.16 -14.00 0.94
N PRO A 1007 -24.42 -15.31 0.81
CA PRO A 1007 -23.32 -16.28 0.81
C PRO A 1007 -22.52 -16.29 -0.47
N SER A 1008 -23.04 -15.73 -1.56
CA SER A 1008 -22.36 -15.67 -2.85
C SER A 1008 -21.69 -14.34 -3.06
N GLU A 1009 -21.18 -13.75 -1.98
CA GLU A 1009 -20.61 -12.41 -2.01
C GLU A 1009 -19.36 -12.40 -1.13
N ALA A 1010 -18.31 -11.71 -1.58
CA ALA A 1010 -17.01 -11.83 -0.95
C ALA A 1010 -16.34 -10.47 -0.76
N ILE A 1011 -17.12 -9.44 -0.43
CA ILE A 1011 -16.54 -8.19 0.07
C ILE A 1011 -16.64 -8.10 1.59
N SER A 1012 -17.52 -8.90 2.20
CA SER A 1012 -17.65 -8.97 3.66
C SER A 1012 -16.80 -10.12 4.21
N ILE A 1013 -15.49 -10.01 3.97
CA ILE A 1013 -14.56 -11.09 4.26
C ILE A 1013 -13.93 -10.87 5.63
N SER A 1014 -13.58 -11.97 6.29
CA SER A 1014 -12.87 -11.91 7.56
C SER A 1014 -11.36 -12.02 7.32
N GLY A 1015 -10.86 -11.11 6.49
CA GLY A 1015 -9.46 -11.09 6.13
C GLY A 1015 -9.20 -11.75 4.78
N ASP A 1016 -8.10 -12.48 4.69
CA ASP A 1016 -7.73 -13.17 3.45
C ASP A 1016 -8.07 -14.65 3.47
N ASN A 1017 -8.44 -15.21 4.62
CA ASN A 1017 -8.75 -16.63 4.70
C ASN A 1017 -10.14 -16.93 4.13
N LYS A 1018 -11.10 -16.04 4.33
CA LYS A 1018 -12.47 -16.29 3.93
C LYS A 1018 -12.63 -16.33 2.41
N ILE A 1019 -11.80 -15.58 1.68
CA ILE A 1019 -11.83 -15.59 0.22
C ILE A 1019 -11.54 -16.99 -0.31
N ARG A 1020 -10.45 -17.59 0.18
CA ARG A 1020 -10.09 -18.94 -0.19
C ARG A 1020 -11.10 -19.95 0.34
N ALA A 1021 -11.71 -19.67 1.50
CA ALA A 1021 -12.73 -20.54 2.05
C ALA A 1021 -13.93 -20.66 1.12
N LEU A 1022 -14.50 -19.53 0.69
CA LEU A 1022 -15.69 -19.68 -0.15
C LEU A 1022 -15.33 -20.01 -1.60
N SER A 1023 -14.12 -19.69 -2.05
CA SER A 1023 -13.69 -20.13 -3.39
C SER A 1023 -13.59 -21.66 -3.46
N THR A 1024 -12.97 -22.27 -2.45
CA THR A 1024 -12.88 -23.72 -2.45
C THR A 1024 -14.23 -24.36 -2.14
N LEU A 1025 -15.08 -23.67 -1.38
CA LEU A 1025 -16.44 -24.16 -1.17
C LEU A 1025 -17.20 -24.22 -2.49
N SER A 1026 -17.10 -23.17 -3.31
CA SER A 1026 -17.74 -23.16 -4.62
C SER A 1026 -17.21 -24.28 -5.52
N LEU A 1027 -15.87 -24.42 -5.58
CA LEU A 1027 -15.28 -25.41 -6.50
C LEU A 1027 -15.57 -26.84 -6.05
N ASP A 1028 -15.43 -27.14 -4.75
CA ASP A 1028 -15.64 -28.53 -4.35
C ASP A 1028 -17.13 -28.88 -4.33
N THR A 1029 -18.03 -27.91 -4.08
CA THR A 1029 -19.45 -28.20 -4.20
C THR A 1029 -19.85 -28.49 -5.65
N ILE A 1030 -19.32 -27.72 -6.61
CA ILE A 1030 -19.75 -27.97 -7.99
C ILE A 1030 -19.08 -29.25 -8.53
N THR A 1031 -17.86 -29.57 -8.07
CA THR A 1031 -17.25 -30.83 -8.48
C THR A 1031 -17.98 -32.04 -7.89
N SER A 1032 -18.37 -31.96 -6.61
CA SER A 1032 -19.13 -33.03 -5.99
C SER A 1032 -20.50 -33.21 -6.64
N TYR A 1033 -21.15 -32.10 -6.99
CA TYR A 1033 -22.47 -32.22 -7.62
C TYR A 1033 -22.36 -32.71 -9.06
N ASN A 1034 -21.28 -32.37 -9.78
CA ASN A 1034 -21.07 -32.94 -11.10
C ASN A 1034 -20.82 -34.44 -11.02
N ASP A 1035 -20.04 -34.89 -10.03
CA ASP A 1035 -19.80 -36.32 -9.86
C ASP A 1035 -21.07 -37.05 -9.43
N ILE A 1036 -21.95 -36.39 -8.69
CA ILE A 1036 -23.23 -37.00 -8.32
C ILE A 1036 -24.15 -37.08 -9.55
N LEU A 1037 -24.23 -36.00 -10.32
CA LEU A 1037 -25.17 -35.89 -11.42
C LEU A 1037 -24.72 -36.65 -12.66
N ASN A 1038 -23.44 -37.05 -12.75
CA ASN A 1038 -22.95 -37.81 -13.89
C ASN A 1038 -23.49 -39.23 -13.93
N LYS A 1039 -24.07 -39.74 -12.84
CA LYS A 1039 -24.52 -41.13 -12.77
C LYS A 1039 -25.92 -41.26 -13.35
N ASN A 1040 -26.07 -42.10 -14.38
CA ASN A 1040 -27.33 -42.48 -15.01
C ASN A 1040 -28.11 -41.30 -15.57
N SER A 1041 -27.41 -40.26 -16.02
CA SER A 1041 -28.06 -39.13 -16.67
C SER A 1041 -27.92 -39.24 -18.19
N LYS A 1042 -28.46 -38.26 -18.91
CA LYS A 1042 -28.34 -38.25 -20.35
C LYS A 1042 -27.00 -37.67 -20.80
N LYS A 1043 -26.78 -36.39 -20.50
CA LYS A 1043 -25.51 -35.72 -20.81
C LYS A 1043 -25.20 -34.72 -19.71
N SER A 1044 -23.92 -34.37 -19.59
CA SER A 1044 -23.48 -33.45 -18.54
C SER A 1044 -22.27 -32.68 -19.03
N ARG A 1045 -22.27 -31.37 -18.82
CA ARG A 1045 -21.11 -30.54 -19.14
C ARG A 1045 -20.88 -29.54 -18.01
N LEU A 1046 -19.61 -29.22 -17.78
CA LEU A 1046 -19.18 -28.35 -16.70
C LEU A 1046 -18.24 -27.29 -17.26
N ALA A 1047 -18.41 -26.05 -16.80
CA ALA A 1047 -17.50 -24.98 -17.23
C ALA A 1047 -17.30 -23.98 -16.10
N PHE A 1048 -16.16 -23.30 -16.15
CA PHE A 1048 -15.79 -22.26 -15.22
C PHE A 1048 -15.38 -21.02 -15.99
N LEU A 1049 -15.57 -19.85 -15.39
CA LEU A 1049 -15.21 -18.59 -16.00
C LEU A 1049 -14.57 -17.69 -14.96
N SER A 1050 -13.31 -17.31 -15.19
CA SER A 1050 -12.65 -16.28 -14.42
C SER A 1050 -12.77 -14.99 -15.23
N ALA A 1051 -13.53 -14.03 -14.71
CA ALA A 1051 -13.90 -12.85 -15.46
C ALA A 1051 -13.33 -11.60 -14.81
N ASP A 1052 -13.06 -10.60 -15.64
CA ASP A 1052 -12.58 -9.30 -15.18
C ASP A 1052 -13.27 -8.25 -16.02
N GLN A 1053 -14.04 -7.37 -15.38
CA GLN A 1053 -14.78 -6.36 -16.11
C GLN A 1053 -13.85 -5.24 -16.56
N SER A 1054 -14.18 -4.65 -17.71
CA SER A 1054 -13.31 -3.71 -18.42
C SER A 1054 -13.02 -2.44 -17.63
N LYS A 1055 -14.05 -1.64 -17.37
CA LYS A 1055 -13.89 -0.43 -16.57
C LYS A 1055 -15.08 -0.37 -15.61
N TRP A 1056 -14.82 -0.66 -14.34
CA TRP A 1056 -15.89 -0.82 -13.37
C TRP A 1056 -16.54 0.49 -12.98
N SER A 1057 -15.85 1.61 -13.17
CA SER A 1057 -16.32 2.91 -12.69
C SER A 1057 -16.71 3.86 -13.81
N ALA A 1058 -15.86 4.00 -14.84
CA ALA A 1058 -16.13 4.97 -15.89
C ALA A 1058 -17.21 4.51 -16.86
N SER A 1059 -17.25 3.22 -17.18
CA SER A 1059 -18.21 2.70 -18.15
C SER A 1059 -19.57 2.37 -17.55
N ASP A 1060 -19.71 2.44 -16.23
CA ASP A 1060 -20.96 2.09 -15.58
C ASP A 1060 -21.85 3.32 -15.39
N LEU A 1061 -23.13 3.05 -15.24
CA LEU A 1061 -24.11 4.08 -14.94
C LEU A 1061 -24.20 4.30 -13.43
N THR A 1062 -24.85 5.39 -13.05
CA THR A 1062 -25.07 5.69 -11.64
C THR A 1062 -26.56 5.78 -11.29
N TYR A 1063 -27.41 6.07 -12.27
CA TYR A 1063 -28.85 6.08 -12.07
C TYR A 1063 -29.45 4.70 -11.87
N LYS A 1064 -28.68 3.63 -12.09
CA LYS A 1064 -29.12 2.28 -11.77
C LYS A 1064 -29.21 2.06 -10.26
N TYR A 1065 -28.58 2.90 -9.45
CA TYR A 1065 -28.60 2.75 -8.01
C TYR A 1065 -29.79 3.44 -7.35
N VAL A 1066 -30.32 4.49 -7.99
CA VAL A 1066 -31.55 5.13 -7.53
C VAL A 1066 -32.71 4.13 -7.58
N LEU A 1067 -32.71 3.28 -8.60
CA LEU A 1067 -33.66 2.18 -8.70
C LEU A 1067 -33.48 1.15 -7.60
N ALA A 1068 -32.30 1.07 -6.98
CA ALA A 1068 -32.04 0.12 -5.91
C ALA A 1068 -32.25 0.69 -4.52
N ILE A 1069 -32.25 2.02 -4.36
CA ILE A 1069 -32.56 2.62 -3.06
C ILE A 1069 -34.04 2.46 -2.74
N ILE A 1070 -34.90 2.62 -3.75
CA ILE A 1070 -36.35 2.65 -3.52
C ILE A 1070 -36.86 1.27 -3.12
N LEU A 1071 -36.31 0.21 -3.69
CA LEU A 1071 -36.83 -1.13 -3.45
C LEU A 1071 -36.30 -1.76 -2.16
N ASN A 1072 -35.46 -1.06 -1.41
CA ASN A 1072 -34.93 -1.59 -0.15
C ASN A 1072 -36.02 -1.66 0.90
N PRO A 1073 -36.30 -2.83 1.48
CA PRO A 1073 -37.32 -2.91 2.53
C PRO A 1073 -36.82 -2.58 3.93
N ILE A 1074 -35.50 -2.50 4.12
CA ILE A 1074 -34.96 -2.11 5.42
C ILE A 1074 -35.26 -0.64 5.70
N LEU A 1075 -35.00 0.22 4.72
CA LEU A 1075 -35.17 1.65 4.90
C LEU A 1075 -36.65 2.02 4.91
N THR A 1076 -36.93 3.21 5.40
CA THR A 1076 -38.28 3.74 5.48
C THR A 1076 -38.35 5.02 4.68
N THR A 1077 -39.57 5.53 4.49
CA THR A 1077 -39.78 6.76 3.74
C THR A 1077 -39.24 7.94 4.53
N GLY A 1078 -38.19 8.56 4.03
CA GLY A 1078 -37.53 9.65 4.73
C GLY A 1078 -36.02 9.49 4.76
N GLU A 1079 -35.55 8.26 4.88
CA GLU A 1079 -34.13 7.97 4.74
C GLU A 1079 -33.78 7.60 3.31
N ALA A 1080 -34.68 6.89 2.63
CA ALA A 1080 -34.52 6.63 1.20
C ALA A 1080 -34.58 7.91 0.39
N SER A 1081 -35.42 8.87 0.82
CA SER A 1081 -35.46 10.17 0.16
C SER A 1081 -34.15 10.93 0.34
N LEU A 1082 -33.54 10.83 1.53
CA LEU A 1082 -32.25 11.46 1.78
C LEU A 1082 -31.15 10.82 0.93
N MET A 1083 -31.16 9.49 0.81
CA MET A 1083 -30.19 8.80 -0.02
C MET A 1083 -30.37 9.14 -1.50
N ILE A 1084 -31.62 9.24 -1.96
CA ILE A 1084 -31.90 9.62 -3.34
C ILE A 1084 -31.42 11.04 -3.62
N GLU A 1085 -31.66 11.95 -2.67
CA GLU A 1085 -31.17 13.32 -2.81
C GLU A 1085 -29.65 13.38 -2.85
N CYS A 1086 -28.99 12.58 -2.01
CA CYS A 1086 -27.52 12.54 -2.02
C CYS A 1086 -26.98 12.02 -3.34
N ILE A 1087 -27.59 10.96 -3.89
CA ILE A 1087 -27.11 10.40 -5.16
C ILE A 1087 -27.38 11.35 -6.32
N LEU A 1088 -28.55 11.99 -6.34
CA LEU A 1088 -28.89 12.92 -7.42
C LEU A 1088 -28.03 14.18 -7.38
N MET A 1089 -27.60 14.61 -6.18
CA MET A 1089 -26.63 15.70 -6.12
C MET A 1089 -25.22 15.23 -6.49
N TYR A 1090 -24.88 13.98 -6.15
CA TYR A 1090 -23.57 13.43 -6.45
C TYR A 1090 -23.33 13.30 -7.95
N VAL A 1091 -24.37 12.91 -8.69
CA VAL A 1091 -24.24 12.79 -10.15
C VAL A 1091 -24.09 14.17 -10.79
N LYS A 1092 -24.91 15.12 -10.38
CA LYS A 1092 -25.01 16.38 -11.10
C LYS A 1092 -23.94 17.40 -10.73
N LEU A 1093 -23.52 17.45 -9.46
CA LEU A 1093 -22.69 18.54 -8.98
C LEU A 1093 -21.20 18.18 -8.90
N LYS A 1094 -20.78 17.04 -9.43
CA LYS A 1094 -19.40 16.58 -9.27
C LYS A 1094 -18.51 17.14 -10.38
N LYS A 1095 -17.31 17.57 -9.99
CA LYS A 1095 -16.31 18.09 -10.90
C LYS A 1095 -14.93 17.69 -10.36
N VAL A 1096 -13.92 17.75 -11.23
CA VAL A 1096 -12.56 17.40 -10.85
C VAL A 1096 -11.67 18.61 -11.11
N CYS A 1097 -10.87 18.98 -10.10
CA CYS A 1097 -10.01 20.16 -10.14
C CYS A 1097 -8.59 19.75 -10.53
N ILE A 1098 -8.07 20.40 -11.57
CA ILE A 1098 -6.69 20.14 -12.04
C ILE A 1098 -5.70 20.74 -11.06
N PRO A 1099 -4.61 20.05 -10.71
CA PRO A 1099 -3.56 20.67 -9.89
C PRO A 1099 -2.89 21.83 -10.61
N THR A 1100 -2.41 22.79 -9.81
CA THR A 1100 -1.98 24.09 -10.32
C THR A 1100 -0.72 23.97 -11.17
N ASP A 1101 0.22 23.11 -10.78
CA ASP A 1101 1.49 23.01 -11.49
C ASP A 1101 1.31 22.46 -12.90
N ILE A 1102 0.59 21.33 -13.02
CA ILE A 1102 0.35 20.78 -14.35
C ILE A 1102 -0.67 21.60 -15.12
N PHE A 1103 -1.53 22.37 -14.44
CA PHE A 1103 -2.43 23.28 -15.13
C PHE A 1103 -1.65 24.40 -15.80
N LEU A 1104 -0.71 25.01 -15.08
CA LEU A 1104 0.12 26.06 -15.67
C LEU A 1104 1.07 25.49 -16.72
N ASN A 1105 1.53 24.25 -16.55
CA ASN A 1105 2.34 23.61 -17.57
C ASN A 1105 1.56 23.41 -18.87
N LEU A 1106 0.32 22.94 -18.76
CA LEU A 1106 -0.54 22.77 -19.94
C LEU A 1106 -0.87 24.11 -20.58
N ARG A 1107 -1.13 25.14 -19.76
CA ARG A 1107 -1.41 26.47 -20.28
C ARG A 1107 -0.21 27.06 -21.01
N LYS A 1108 0.99 26.88 -20.46
CA LYS A 1108 2.20 27.38 -21.10
C LYS A 1108 2.48 26.64 -22.41
N ALA A 1109 2.30 25.32 -22.41
CA ALA A 1109 2.53 24.53 -23.63
C ALA A 1109 1.53 24.90 -24.73
N GLN A 1110 0.26 25.08 -24.36
CA GLN A 1110 -0.75 25.50 -25.33
C GLN A 1110 -0.51 26.93 -25.82
N GLY A 1111 0.00 27.81 -24.95
CA GLY A 1111 0.30 29.16 -25.37
C GLY A 1111 1.47 29.25 -26.33
N THR A 1112 2.55 28.49 -26.07
CA THR A 1112 3.76 28.68 -26.85
C THR A 1112 3.92 27.72 -28.02
N PHE A 1113 3.27 26.55 -28.01
CA PHE A 1113 3.47 25.60 -29.10
C PHE A 1113 2.18 25.20 -29.79
N GLY A 1114 1.15 24.81 -29.03
CA GLY A 1114 0.01 24.14 -29.61
C GLY A 1114 -1.06 25.02 -30.25
N GLN A 1115 -1.67 25.89 -29.44
CA GLN A 1115 -2.88 26.67 -29.74
C GLN A 1115 -4.09 25.79 -30.09
N ASN A 1116 -4.05 24.52 -29.68
CA ASN A 1116 -5.18 23.60 -29.74
C ASN A 1116 -4.93 22.51 -28.70
N GLU A 1117 -5.98 21.79 -28.34
CA GLU A 1117 -5.87 20.89 -27.20
C GLU A 1117 -6.71 19.63 -27.43
N THR A 1118 -6.58 18.70 -26.49
CA THR A 1118 -7.19 17.39 -26.51
C THR A 1118 -8.54 17.42 -25.80
N ALA A 1119 -9.05 16.24 -25.42
CA ALA A 1119 -10.37 16.12 -24.80
C ALA A 1119 -10.47 16.88 -23.49
N ILE A 1120 -9.38 16.94 -22.72
CA ILE A 1120 -9.37 17.76 -21.51
C ILE A 1120 -9.47 19.24 -21.87
N GLY A 1121 -8.82 19.65 -22.95
CA GLY A 1121 -8.94 21.00 -23.48
C GLY A 1121 -10.19 21.27 -24.28
N LEU A 1122 -11.07 20.27 -24.42
CA LEU A 1122 -12.42 20.48 -24.91
C LEU A 1122 -13.44 20.52 -23.79
N LEU A 1123 -13.25 19.72 -22.74
CA LEU A 1123 -14.10 19.84 -21.55
C LEU A 1123 -13.87 21.17 -20.85
N THR A 1124 -12.61 21.60 -20.73
CA THR A 1124 -12.31 22.97 -20.33
C THR A 1124 -12.34 23.85 -21.56
N LYS A 1125 -12.87 25.07 -21.41
CA LYS A 1125 -13.05 25.98 -22.54
C LYS A 1125 -11.70 26.58 -22.93
N GLY A 1126 -10.90 25.78 -23.62
CA GLY A 1126 -9.58 26.20 -24.05
C GLY A 1126 -8.58 26.43 -22.93
N LEU A 1127 -8.58 25.55 -21.91
CA LEU A 1127 -7.72 25.63 -20.73
C LEU A 1127 -7.88 26.94 -19.98
N THR A 1128 -9.11 27.45 -19.93
CA THR A 1128 -9.42 28.67 -19.20
C THR A 1128 -10.13 28.40 -17.88
N THR A 1129 -10.48 27.15 -17.60
CA THR A 1129 -11.12 26.76 -16.34
C THR A 1129 -10.28 25.71 -15.64
N ASN A 1130 -10.15 25.86 -14.33
CA ASN A 1130 -9.35 24.92 -13.54
C ASN A 1130 -10.05 23.57 -13.40
N THR A 1131 -11.38 23.55 -13.36
CA THR A 1131 -12.15 22.35 -13.08
C THR A 1131 -12.86 21.87 -14.34
N TYR A 1132 -12.96 20.55 -14.49
CA TYR A 1132 -13.72 19.99 -15.59
C TYR A 1132 -14.73 18.98 -15.06
N PRO A 1133 -15.89 18.84 -15.73
CA PRO A 1133 -16.95 18.00 -15.17
C PRO A 1133 -16.75 16.52 -15.42
N VAL A 1134 -16.99 15.74 -14.38
CA VAL A 1134 -17.21 14.30 -14.50
C VAL A 1134 -18.46 13.96 -13.69
N SER A 1135 -19.41 13.29 -14.31
CA SER A 1135 -20.73 13.12 -13.72
C SER A 1135 -21.11 11.66 -13.49
N MET A 1136 -21.18 10.86 -14.54
CA MET A 1136 -21.69 9.49 -14.42
C MET A 1136 -20.61 8.53 -13.94
N ASN A 1137 -19.35 8.96 -13.93
CA ASN A 1137 -18.24 8.15 -13.42
C ASN A 1137 -18.13 8.41 -11.93
N TRP A 1138 -18.77 7.54 -11.14
CA TRP A 1138 -18.47 7.51 -9.71
C TRP A 1138 -17.06 6.99 -9.52
N LEU A 1139 -16.27 7.69 -8.71
CA LEU A 1139 -14.84 7.45 -8.69
C LEU A 1139 -14.51 6.16 -7.95
N GLN A 1140 -13.29 5.68 -8.15
CA GLN A 1140 -12.90 4.35 -7.71
C GLN A 1140 -12.81 4.26 -6.19
N GLY A 1141 -13.43 3.22 -5.63
CA GLY A 1141 -13.43 2.99 -4.20
C GLY A 1141 -14.53 3.68 -3.43
N ASN A 1142 -15.32 4.54 -4.09
CA ASN A 1142 -16.37 5.26 -3.38
C ASN A 1142 -17.58 4.38 -3.09
N LEU A 1143 -17.92 3.47 -4.00
CA LEU A 1143 -19.09 2.59 -3.87
C LEU A 1143 -18.62 1.16 -4.06
N ASN A 1144 -18.18 0.53 -2.97
CA ASN A 1144 -17.63 -0.82 -3.03
C ASN A 1144 -18.63 -1.91 -2.67
N TYR A 1145 -19.67 -1.59 -1.92
CA TYR A 1145 -20.68 -2.56 -1.51
C TYR A 1145 -21.91 -2.56 -2.41
N LEU A 1146 -22.35 -1.37 -2.84
CA LEU A 1146 -23.51 -1.26 -3.71
C LEU A 1146 -23.25 -1.89 -5.08
N SER A 1147 -22.04 -1.69 -5.62
CA SER A 1147 -21.69 -2.27 -6.90
C SER A 1147 -21.61 -3.79 -6.84
N SER A 1148 -21.12 -4.32 -5.72
CA SER A 1148 -21.04 -5.78 -5.57
C SER A 1148 -22.41 -6.40 -5.36
N VAL A 1149 -23.30 -5.69 -4.65
CA VAL A 1149 -24.69 -6.13 -4.52
C VAL A 1149 -25.37 -6.15 -5.89
N TYR A 1150 -25.13 -5.12 -6.71
CA TYR A 1150 -25.69 -5.10 -8.06
C TYR A 1150 -25.09 -6.19 -8.95
N HIS A 1151 -23.80 -6.52 -8.75
CA HIS A 1151 -23.17 -7.61 -9.48
C HIS A 1151 -23.82 -8.96 -9.14
N SER A 1152 -24.07 -9.20 -7.84
CA SER A 1152 -24.74 -10.44 -7.43
C SER A 1152 -26.18 -10.49 -7.93
N CYS A 1153 -26.86 -9.33 -7.95
CA CYS A 1153 -28.21 -9.27 -8.50
C CYS A 1153 -28.23 -9.59 -9.99
N ALA A 1154 -27.23 -9.08 -10.74
CA ALA A 1154 -27.12 -9.39 -12.16
C ALA A 1154 -26.86 -10.87 -12.40
N MET A 1155 -26.03 -11.49 -11.54
CA MET A 1155 -25.77 -12.92 -11.70
C MET A 1155 -27.00 -13.76 -11.40
N LYS A 1156 -27.77 -13.39 -10.37
CA LYS A 1156 -29.01 -14.10 -10.08
C LYS A 1156 -30.03 -13.93 -11.19
N ALA A 1157 -30.09 -12.74 -11.80
CA ALA A 1157 -30.96 -12.54 -12.96
C ALA A 1157 -30.51 -13.36 -14.16
N TYR A 1158 -29.19 -13.54 -14.33
CA TYR A 1158 -28.68 -14.42 -15.38
C TYR A 1158 -29.11 -15.87 -15.17
N HIS A 1159 -29.05 -16.34 -13.92
CA HIS A 1159 -29.50 -17.70 -13.62
C HIS A 1159 -30.99 -17.87 -13.88
N LYS A 1160 -31.79 -16.88 -13.46
CA LYS A 1160 -33.23 -16.96 -13.69
C LYS A 1160 -33.59 -16.87 -15.17
N THR A 1161 -32.79 -16.14 -15.95
CA THR A 1161 -32.98 -16.13 -17.40
C THR A 1161 -32.62 -17.49 -18.01
N LEU A 1162 -31.54 -18.11 -17.52
CA LEU A 1162 -31.16 -19.45 -18.00
C LEU A 1162 -32.15 -20.52 -17.59
N GLU A 1163 -32.98 -20.27 -16.57
CA GLU A 1163 -34.00 -21.24 -16.19
C GLU A 1163 -35.09 -21.38 -17.26
N CYS A 1164 -35.29 -20.35 -18.08
CA CYS A 1164 -36.38 -20.34 -19.05
C CYS A 1164 -36.13 -21.22 -20.27
N TYR A 1165 -34.91 -21.73 -20.46
CA TYR A 1165 -34.65 -22.60 -21.59
C TYR A 1165 -35.28 -23.98 -21.35
N LYS A 1166 -36.05 -24.44 -22.33
CA LYS A 1166 -36.89 -25.63 -22.12
C LYS A 1166 -36.10 -26.93 -22.15
N ASP A 1167 -35.12 -27.03 -23.05
CA ASP A 1167 -34.47 -28.33 -23.31
C ASP A 1167 -33.51 -28.73 -22.19
N CYS A 1168 -32.74 -27.79 -21.66
CA CYS A 1168 -31.66 -28.11 -20.74
C CYS A 1168 -31.93 -27.57 -19.34
N ASP A 1169 -31.26 -28.20 -18.37
CA ASP A 1169 -31.27 -27.77 -16.98
C ASP A 1169 -29.89 -27.21 -16.64
N PHE A 1170 -29.86 -26.01 -16.07
CA PHE A 1170 -28.64 -25.31 -15.76
C PHE A 1170 -28.56 -25.05 -14.27
N GLN A 1171 -27.38 -25.25 -13.69
CA GLN A 1171 -27.11 -24.85 -12.31
C GLN A 1171 -25.88 -23.95 -12.29
N THR A 1172 -26.04 -22.75 -11.76
CA THR A 1172 -24.98 -21.75 -11.71
C THR A 1172 -24.57 -21.47 -10.28
N ARG A 1173 -23.29 -21.18 -10.10
CA ARG A 1173 -22.74 -20.70 -8.83
C ARG A 1173 -21.80 -19.54 -9.14
N TRP A 1174 -21.69 -18.60 -8.22
CA TRP A 1174 -20.86 -17.43 -8.47
C TRP A 1174 -20.30 -16.88 -7.18
N ILE A 1175 -19.11 -16.28 -7.30
CA ILE A 1175 -18.45 -15.55 -6.22
C ILE A 1175 -18.23 -14.12 -6.72
N VAL A 1176 -18.63 -13.15 -5.92
CA VAL A 1176 -18.63 -11.76 -6.34
C VAL A 1176 -17.69 -10.96 -5.45
N HIS A 1177 -16.68 -10.36 -6.07
CA HIS A 1177 -15.91 -9.26 -5.51
C HIS A 1177 -16.09 -8.08 -6.45
N SER A 1178 -15.83 -6.87 -5.94
CA SER A 1178 -15.91 -5.69 -6.78
C SER A 1178 -14.87 -5.78 -7.89
N ASP A 1179 -15.33 -5.63 -9.14
CA ASP A 1179 -14.57 -5.83 -10.37
C ASP A 1179 -14.01 -7.25 -10.50
N ASP A 1180 -14.69 -8.25 -9.94
CA ASP A 1180 -14.23 -9.64 -10.07
C ASP A 1180 -15.42 -10.57 -10.16
N ASN A 1181 -15.19 -11.75 -10.75
CA ASN A 1181 -16.25 -12.74 -10.94
C ASN A 1181 -15.62 -14.10 -11.18
N ALA A 1182 -16.13 -15.12 -10.49
CA ALA A 1182 -15.73 -16.51 -10.66
C ALA A 1182 -17.00 -17.34 -10.83
N THR A 1183 -17.46 -17.47 -12.08
CA THR A 1183 -18.70 -18.15 -12.38
C THR A 1183 -18.44 -19.63 -12.65
N SER A 1184 -19.41 -20.47 -12.30
CA SER A 1184 -19.30 -21.89 -12.58
C SER A 1184 -20.68 -22.42 -12.96
N LEU A 1185 -20.74 -23.29 -13.97
CA LEU A 1185 -22.01 -23.72 -14.53
C LEU A 1185 -21.99 -25.20 -14.88
N ILE A 1186 -23.06 -25.91 -14.51
CA ILE A 1186 -23.32 -27.28 -14.92
C ILE A 1186 -24.55 -27.26 -15.82
N ALA A 1187 -24.44 -27.86 -17.00
CA ALA A 1187 -25.55 -27.96 -17.93
C ALA A 1187 -25.84 -29.43 -18.24
N SER A 1188 -27.13 -29.78 -18.29
CA SER A 1188 -27.52 -31.16 -18.58
C SER A 1188 -28.72 -31.15 -19.52
N GLY A 1189 -28.80 -32.18 -20.38
CA GLY A 1189 -29.91 -32.34 -21.29
C GLY A 1189 -29.45 -32.41 -22.73
N GLU A 1190 -30.13 -31.67 -23.61
CA GLU A 1190 -29.82 -31.63 -25.03
C GLU A 1190 -28.74 -30.58 -25.26
N VAL A 1191 -27.51 -30.95 -24.91
CA VAL A 1191 -26.39 -30.01 -24.92
C VAL A 1191 -26.01 -29.63 -26.35
N ASP A 1192 -26.14 -30.57 -27.29
CA ASP A 1192 -25.75 -30.28 -28.67
C ASP A 1192 -26.71 -29.29 -29.33
N LYS A 1193 -28.02 -29.50 -29.16
CA LYS A 1193 -29.01 -28.55 -29.67
C LYS A 1193 -28.92 -27.21 -28.95
N MET A 1194 -28.60 -27.25 -27.64
CA MET A 1194 -28.39 -26.03 -26.87
C MET A 1194 -27.21 -25.23 -27.40
N LEU A 1195 -26.08 -25.90 -27.71
CA LEU A 1195 -24.92 -25.20 -28.21
C LEU A 1195 -25.13 -24.73 -29.64
N THR A 1196 -25.93 -25.45 -30.43
CA THR A 1196 -26.29 -24.98 -31.76
C THR A 1196 -27.16 -23.73 -31.68
N ASP A 1197 -28.09 -23.69 -30.73
CA ASP A 1197 -28.93 -22.50 -30.55
C ASP A 1197 -28.14 -21.32 -30.00
N PHE A 1198 -27.16 -21.57 -29.14
CA PHE A 1198 -26.31 -20.51 -28.60
C PHE A 1198 -25.13 -20.17 -29.50
N SER A 1199 -24.98 -20.87 -30.63
CA SER A 1199 -23.92 -20.65 -31.62
C SER A 1199 -22.53 -20.76 -31.00
N SER A 1200 -22.32 -21.82 -30.23
CA SER A 1200 -21.04 -22.06 -29.58
C SER A 1200 -20.63 -23.52 -29.81
N SER A 1201 -19.33 -23.76 -29.73
CA SER A 1201 -18.78 -25.09 -29.93
C SER A 1201 -18.57 -25.86 -28.64
N SER A 1202 -18.54 -25.19 -27.49
CA SER A 1202 -18.34 -25.84 -26.21
C SER A 1202 -18.97 -25.01 -25.11
N LEU A 1203 -19.14 -25.64 -23.95
CA LEU A 1203 -19.73 -24.95 -22.80
C LEU A 1203 -18.91 -23.76 -22.26
N PRO A 1204 -17.57 -23.78 -22.18
CA PRO A 1204 -16.86 -22.53 -21.86
C PRO A 1204 -17.11 -21.39 -22.85
N GLU A 1205 -17.20 -21.71 -24.15
CA GLU A 1205 -17.50 -20.68 -25.15
C GLU A 1205 -18.92 -20.14 -24.97
N MET A 1206 -19.87 -21.03 -24.69
CA MET A 1206 -21.24 -20.63 -24.36
C MET A 1206 -21.27 -19.71 -23.15
N LEU A 1207 -20.53 -20.08 -22.09
CA LEU A 1207 -20.56 -19.31 -20.85
C LEU A 1207 -19.97 -17.94 -21.06
N PHE A 1208 -18.85 -17.86 -21.81
CA PHE A 1208 -18.21 -16.60 -22.15
C PHE A 1208 -19.16 -15.67 -22.90
N ARG A 1209 -19.78 -16.17 -23.98
CA ARG A 1209 -20.60 -15.31 -24.81
C ARG A 1209 -21.91 -14.94 -24.13
N SER A 1210 -22.53 -15.87 -23.39
CA SER A 1210 -23.78 -15.58 -22.71
C SER A 1210 -23.57 -14.60 -21.56
N ILE A 1211 -22.48 -14.75 -20.79
CA ILE A 1211 -22.19 -13.83 -19.71
C ILE A 1211 -21.88 -12.44 -20.26
N GLU A 1212 -21.16 -12.38 -21.39
CA GLU A 1212 -20.87 -11.09 -22.02
C GLU A 1212 -22.14 -10.39 -22.49
N ALA A 1213 -23.05 -11.13 -23.13
CA ALA A 1213 -24.30 -10.53 -23.61
C ALA A 1213 -25.20 -10.08 -22.46
N HIS A 1214 -25.34 -10.92 -21.43
CA HIS A 1214 -26.19 -10.57 -20.30
C HIS A 1214 -25.63 -9.39 -19.50
N PHE A 1215 -24.31 -9.35 -19.30
CA PHE A 1215 -23.71 -8.24 -18.59
C PHE A 1215 -23.78 -6.95 -19.40
N LYS A 1216 -23.69 -7.04 -20.73
CA LYS A 1216 -23.91 -5.87 -21.55
C LYS A 1216 -25.37 -5.39 -21.46
N SER A 1217 -26.30 -6.32 -21.27
CA SER A 1217 -27.68 -5.91 -21.01
C SER A 1217 -27.84 -5.28 -19.63
N PHE A 1218 -27.00 -5.65 -18.67
CA PHE A 1218 -27.06 -5.09 -17.32
C PHE A 1218 -26.07 -3.94 -17.10
N CYS A 1219 -25.55 -3.36 -18.18
CA CYS A 1219 -24.59 -2.23 -18.17
C CYS A 1219 -23.31 -2.58 -17.39
N ILE A 1220 -22.77 -3.76 -17.67
CA ILE A 1220 -21.48 -4.19 -17.15
C ILE A 1220 -20.65 -4.67 -18.33
N THR A 1221 -19.52 -4.01 -18.59
CA THR A 1221 -18.72 -4.29 -19.77
C THR A 1221 -17.66 -5.33 -19.43
N LEU A 1222 -17.76 -6.51 -20.01
CA LEU A 1222 -16.77 -7.55 -19.82
C LEU A 1222 -15.57 -7.33 -20.73
N ASN A 1223 -14.38 -7.55 -20.20
CA ASN A 1223 -13.17 -7.48 -21.01
C ASN A 1223 -13.00 -8.78 -21.77
N PRO A 1224 -12.98 -8.75 -23.12
CA PRO A 1224 -12.81 -10.01 -23.87
C PRO A 1224 -11.39 -10.55 -23.83
N LYS A 1225 -10.39 -9.71 -23.54
CA LYS A 1225 -9.01 -10.17 -23.54
C LYS A 1225 -8.63 -10.80 -22.20
N LYS A 1226 -8.68 -10.02 -21.13
CA LYS A 1226 -8.21 -10.48 -19.81
C LYS A 1226 -9.32 -11.18 -19.02
N SER A 1227 -9.98 -12.15 -19.66
CA SER A 1227 -10.98 -12.99 -19.01
C SER A 1227 -10.99 -14.31 -19.74
N TYR A 1228 -11.05 -15.42 -19.01
CA TYR A 1228 -10.94 -16.71 -19.67
C TYR A 1228 -11.89 -17.72 -19.03
N ALA A 1229 -12.40 -18.61 -19.88
CA ALA A 1229 -13.26 -19.71 -19.47
C ALA A 1229 -12.52 -21.02 -19.68
N SER A 1230 -12.65 -21.93 -18.72
CA SER A 1230 -11.93 -23.20 -18.75
C SER A 1230 -12.87 -24.29 -18.23
N SER A 1231 -12.31 -25.48 -18.00
CA SER A 1231 -13.08 -26.61 -17.52
C SER A 1231 -12.62 -27.15 -16.19
N SER A 1232 -11.44 -26.76 -15.70
CA SER A 1232 -10.95 -27.27 -14.42
C SER A 1232 -10.20 -26.25 -13.57
N GLU A 1233 -10.10 -24.99 -13.98
CA GLU A 1233 -9.29 -24.01 -13.29
C GLU A 1233 -10.11 -22.77 -12.97
N VAL A 1234 -10.05 -22.32 -11.71
CA VAL A 1234 -10.72 -21.10 -11.27
C VAL A 1234 -9.68 -20.17 -10.67
N GLU A 1235 -9.75 -18.89 -11.04
CA GLU A 1235 -8.89 -17.86 -10.46
C GLU A 1235 -9.78 -16.71 -10.02
N PHE A 1236 -9.89 -16.50 -8.71
CA PHE A 1236 -10.75 -15.42 -8.21
C PHE A 1236 -10.04 -14.07 -8.25
N ILE A 1237 -8.99 -13.92 -7.44
CA ILE A 1237 -8.20 -12.69 -7.47
C ILE A 1237 -6.72 -13.05 -7.64
N SER A 1238 -6.36 -14.22 -7.13
CA SER A 1238 -5.00 -14.77 -7.15
C SER A 1238 -5.08 -16.18 -6.57
N GLU A 1239 -3.96 -16.90 -6.60
CA GLU A 1239 -3.82 -18.25 -6.06
C GLU A 1239 -4.84 -19.20 -6.69
N ARG A 1240 -4.63 -19.43 -7.98
CA ARG A 1240 -5.53 -20.21 -8.82
C ARG A 1240 -5.69 -21.63 -8.28
N ILE A 1241 -6.88 -22.19 -8.44
CA ILE A 1241 -7.20 -23.49 -7.87
C ILE A 1241 -7.72 -24.40 -8.98
N VAL A 1242 -7.16 -25.62 -9.05
CA VAL A 1242 -7.46 -26.58 -10.10
C VAL A 1242 -7.95 -27.86 -9.44
N ASN A 1243 -9.15 -28.29 -9.83
CA ASN A 1243 -9.76 -29.58 -9.43
C ASN A 1243 -9.87 -29.71 -7.90
N GLY A 1244 -10.15 -28.61 -7.23
CA GLY A 1244 -10.26 -28.61 -5.78
C GLY A 1244 -8.94 -28.56 -5.04
N ALA A 1245 -7.82 -28.44 -5.75
CA ALA A 1245 -6.49 -28.36 -5.13
C ALA A 1245 -5.87 -27.01 -5.47
N ILE A 1246 -5.30 -26.37 -4.46
CA ILE A 1246 -4.86 -24.99 -4.60
C ILE A 1246 -3.41 -24.94 -5.07
N ILE A 1247 -3.03 -23.81 -5.64
CA ILE A 1247 -1.65 -23.49 -6.00
C ILE A 1247 -1.14 -22.48 -4.98
N PRO A 1248 0.04 -22.72 -4.34
CA PRO A 1248 0.48 -21.89 -3.19
C PRO A 1248 0.66 -20.39 -3.44
N LEU A 1249 1.51 -20.01 -4.41
CA LEU A 1249 1.81 -18.61 -4.76
C LEU A 1249 2.37 -17.83 -3.57
N TYR A 1250 3.55 -18.27 -3.12
CA TYR A 1250 4.28 -17.62 -2.03
C TYR A 1250 5.21 -16.51 -2.50
N CYS A 1251 5.29 -16.28 -3.81
CA CYS A 1251 6.25 -15.34 -4.36
C CYS A 1251 5.88 -13.89 -4.06
N ARG A 1252 4.61 -13.60 -3.78
CA ARG A 1252 4.25 -12.25 -3.34
C ARG A 1252 4.88 -11.93 -2.00
N HIS A 1253 4.82 -12.86 -1.05
CA HIS A 1253 5.50 -12.69 0.23
C HIS A 1253 7.01 -12.70 0.06
N LEU A 1254 7.52 -13.51 -0.88
CA LEU A 1254 8.95 -13.57 -1.13
C LEU A 1254 9.49 -12.23 -1.66
N ALA A 1255 8.75 -11.60 -2.57
CA ALA A 1255 9.17 -10.31 -3.10
C ALA A 1255 8.89 -9.18 -2.12
N ASN A 1256 7.89 -9.33 -1.25
CA ASN A 1256 7.62 -8.33 -0.23
C ASN A 1256 8.64 -8.37 0.91
N CYS A 1257 9.30 -9.51 1.11
CA CYS A 1257 10.35 -9.60 2.11
C CYS A 1257 11.55 -8.75 1.77
N CYS A 1258 11.80 -8.51 0.48
CA CYS A 1258 13.03 -7.87 0.04
C CYS A 1258 12.86 -6.42 -0.38
N THR A 1259 11.63 -5.95 -0.57
CA THR A 1259 11.41 -4.63 -1.17
C THR A 1259 10.77 -3.64 -0.22
N GLU A 1260 9.72 -4.02 0.48
CA GLU A 1260 8.90 -3.07 1.23
C GLU A 1260 9.28 -3.08 2.71
N SER A 1261 9.59 -1.89 3.23
CA SER A 1261 9.83 -1.70 4.65
C SER A 1261 9.31 -0.32 5.04
N SER A 1262 9.12 -0.12 6.35
CA SER A 1262 8.48 1.11 6.83
C SER A 1262 9.48 2.23 7.05
N HIS A 1263 10.76 1.91 7.26
CA HIS A 1263 11.85 2.87 7.50
C HIS A 1263 11.57 3.78 8.70
N ILE A 1264 10.98 3.22 9.76
CA ILE A 1264 10.69 3.99 10.96
C ILE A 1264 11.62 3.63 12.12
N SER A 1265 12.08 2.39 12.21
CA SER A 1265 13.13 1.99 13.16
C SER A 1265 13.73 0.68 12.66
N TYR A 1266 14.59 0.07 13.48
CA TYR A 1266 15.10 -1.25 13.16
C TYR A 1266 14.22 -2.37 13.72
N PHE A 1267 13.75 -2.17 14.95
CA PHE A 1267 12.89 -3.15 15.63
C PHE A 1267 11.57 -3.32 14.89
N ASP A 1268 10.91 -2.21 14.56
CA ASP A 1268 9.62 -2.26 13.88
C ASP A 1268 9.74 -2.83 12.49
N ASP A 1269 10.80 -2.45 11.75
CA ASP A 1269 11.02 -3.00 10.42
C ASP A 1269 11.31 -4.49 10.47
N LEU A 1270 12.06 -4.95 11.49
CA LEU A 1270 12.36 -6.37 11.60
C LEU A 1270 11.11 -7.18 11.90
N MET A 1271 10.23 -6.68 12.79
CA MET A 1271 8.97 -7.39 13.03
C MET A 1271 8.05 -7.35 11.81
N SER A 1272 8.04 -6.22 11.08
CA SER A 1272 7.19 -6.09 9.90
C SER A 1272 7.63 -7.05 8.79
N LEU A 1273 8.93 -7.26 8.61
CA LEU A 1273 9.39 -8.23 7.63
C LEU A 1273 9.26 -9.66 8.14
N SER A 1274 9.37 -9.88 9.45
CA SER A 1274 9.18 -11.21 9.99
C SER A 1274 7.73 -11.67 9.86
N ILE A 1275 6.79 -10.73 9.82
CA ILE A 1275 5.39 -11.08 9.53
C ILE A 1275 5.28 -11.72 8.14
N HIS A 1276 5.97 -11.16 7.15
CA HIS A 1276 6.00 -11.75 5.81
C HIS A 1276 6.72 -13.09 5.79
N VAL A 1277 7.77 -13.24 6.62
CA VAL A 1277 8.46 -14.53 6.72
C VAL A 1277 7.52 -15.61 7.27
N THR A 1278 6.72 -15.26 8.29
CA THR A 1278 5.74 -16.20 8.85
C THR A 1278 4.66 -16.55 7.83
N MET A 1279 4.20 -15.56 7.06
CA MET A 1279 3.14 -15.82 6.09
C MET A 1279 3.66 -16.68 4.95
N LEU A 1280 4.93 -16.48 4.56
CA LEU A 1280 5.57 -17.32 3.56
C LEU A 1280 5.77 -18.74 4.07
N LEU A 1281 6.05 -18.89 5.37
CA LEU A 1281 6.11 -20.23 5.96
C LEU A 1281 4.75 -20.91 5.95
N ARG A 1282 3.67 -20.14 6.14
CA ARG A 1282 2.33 -20.69 6.12
C ARG A 1282 1.83 -21.02 4.71
N LYS A 1283 2.33 -20.34 3.68
CA LYS A 1283 1.89 -20.57 2.30
C LYS A 1283 2.57 -21.76 1.62
N GLY A 1284 3.42 -22.51 2.31
CA GLY A 1284 4.01 -23.70 1.72
C GLY A 1284 5.10 -23.45 0.71
N CYS A 1285 6.22 -22.91 1.16
CA CYS A 1285 7.41 -22.64 0.35
C CYS A 1285 8.42 -23.78 0.48
N PRO A 1286 9.34 -23.93 -0.47
CA PRO A 1286 10.40 -24.93 -0.30
C PRO A 1286 11.37 -24.53 0.80
N ASN A 1287 12.08 -25.55 1.31
CA ASN A 1287 12.97 -25.37 2.44
C ASN A 1287 14.24 -24.58 2.11
N GLU A 1288 14.62 -24.50 0.84
CA GLU A 1288 15.88 -23.87 0.47
C GLU A 1288 15.80 -22.35 0.52
N VAL A 1289 14.62 -21.78 0.28
CA VAL A 1289 14.50 -20.32 0.14
C VAL A 1289 14.36 -19.63 1.49
N ILE A 1290 14.10 -20.38 2.56
CA ILE A 1290 13.91 -19.84 3.90
C ILE A 1290 15.17 -19.16 4.46
N PRO A 1291 16.38 -19.76 4.43
CA PRO A 1291 17.56 -18.98 4.90
C PRO A 1291 17.86 -17.75 4.07
N PHE A 1292 17.57 -17.79 2.77
CA PHE A 1292 17.79 -16.61 1.95
C PHE A 1292 16.75 -15.53 2.24
N ALA A 1293 15.53 -15.91 2.63
CA ALA A 1293 14.55 -14.93 3.05
C ALA A 1293 14.94 -14.28 4.39
N TYR A 1294 15.47 -15.10 5.31
CA TYR A 1294 16.06 -14.60 6.55
C TYR A 1294 17.14 -13.59 6.27
N GLY A 1295 18.09 -13.97 5.40
CA GLY A 1295 19.19 -13.07 5.05
C GLY A 1295 18.75 -11.82 4.33
N ALA A 1296 17.70 -11.91 3.52
CA ALA A 1296 17.22 -10.75 2.78
C ALA A 1296 16.57 -9.73 3.70
N VAL A 1297 15.71 -10.18 4.60
CA VAL A 1297 15.09 -9.23 5.54
C VAL A 1297 16.13 -8.68 6.51
N GLN A 1298 17.14 -9.48 6.87
CA GLN A 1298 18.19 -8.97 7.76
C GLN A 1298 19.09 -7.98 7.04
N VAL A 1299 19.39 -8.23 5.77
CA VAL A 1299 20.20 -7.29 4.97
C VAL A 1299 19.48 -5.96 4.84
N GLN A 1300 18.16 -5.99 4.59
CA GLN A 1300 17.40 -4.75 4.45
C GLN A 1300 17.38 -3.96 5.75
N ALA A 1301 17.03 -4.63 6.86
CA ALA A 1301 16.90 -3.93 8.15
C ALA A 1301 18.26 -3.40 8.64
N LEU A 1302 19.29 -4.24 8.60
CA LEU A 1302 20.61 -3.81 9.06
C LEU A 1302 21.23 -2.77 8.13
N SER A 1303 20.93 -2.83 6.83
CA SER A 1303 21.50 -1.87 5.91
C SER A 1303 20.84 -0.51 6.02
N ILE A 1304 19.58 -0.44 6.44
CA ILE A 1304 18.99 0.89 6.60
C ILE A 1304 19.21 1.46 8.00
N TYR A 1305 19.13 0.66 9.08
CA TYR A 1305 18.99 1.28 10.39
C TYR A 1305 20.15 1.01 11.35
N SER A 1306 20.46 -0.26 11.65
CA SER A 1306 21.55 -0.60 12.57
C SER A 1306 22.61 -1.29 11.73
N MET A 1307 23.73 -0.60 11.51
CA MET A 1307 24.67 -0.91 10.42
C MET A 1307 25.19 -2.34 10.46
N LEU A 1308 25.25 -2.94 9.28
CA LEU A 1308 25.61 -4.33 9.11
C LEU A 1308 27.08 -4.54 9.44
N PRO A 1309 27.48 -5.75 9.86
CA PRO A 1309 28.81 -5.94 10.46
C PRO A 1309 29.97 -5.62 9.53
N GLY A 1310 31.03 -5.06 10.12
CA GLY A 1310 32.17 -4.56 9.38
C GLY A 1310 32.33 -3.05 9.39
N GLU A 1311 31.58 -2.33 10.22
CA GLU A 1311 31.64 -0.88 10.25
C GLU A 1311 31.19 -0.38 11.62
N VAL A 1312 31.06 0.93 11.74
CA VAL A 1312 30.63 1.60 12.97
C VAL A 1312 29.11 1.42 13.07
N ASN A 1313 28.53 1.74 14.24
CA ASN A 1313 27.09 1.68 14.51
C ASN A 1313 26.55 0.26 14.38
N ASP A 1314 27.35 -0.72 14.79
CA ASP A 1314 26.92 -2.10 14.88
C ASP A 1314 26.27 -2.32 16.24
N SER A 1315 25.95 -3.56 16.57
CA SER A 1315 25.49 -3.87 17.91
C SER A 1315 26.31 -4.96 18.58
N ILE A 1316 26.69 -6.00 17.84
CA ILE A 1316 27.55 -7.04 18.39
C ILE A 1316 28.95 -6.49 18.67
N ARG A 1317 29.43 -5.58 17.81
CA ARG A 1317 30.72 -4.94 18.03
C ARG A 1317 30.68 -4.05 19.27
N ILE A 1318 29.57 -3.33 19.48
CA ILE A 1318 29.43 -2.49 20.66
C ILE A 1318 29.37 -3.34 21.93
N PHE A 1319 28.62 -4.46 21.88
CA PHE A 1319 28.56 -5.37 23.02
C PHE A 1319 29.92 -6.00 23.32
N LYS A 1320 30.69 -6.33 22.28
CA LYS A 1320 32.03 -6.88 22.48
C LYS A 1320 32.99 -5.83 23.03
N LYS A 1321 32.83 -4.57 22.61
CA LYS A 1321 33.67 -3.51 23.14
C LYS A 1321 33.37 -3.23 24.61
N LEU A 1322 32.10 -3.28 24.99
CA LEU A 1322 31.72 -3.02 26.38
C LEU A 1322 31.78 -4.26 27.26
N GLY A 1323 32.03 -5.43 26.70
CA GLY A 1323 32.21 -6.64 27.49
C GLY A 1323 30.97 -7.15 28.20
N VAL A 1324 29.81 -7.10 27.54
CA VAL A 1324 28.57 -7.59 28.13
C VAL A 1324 28.57 -9.11 28.09
N SER A 1325 28.01 -9.73 29.14
CA SER A 1325 28.02 -11.18 29.29
C SER A 1325 27.10 -11.92 28.33
N LEU A 1326 26.24 -11.22 27.60
CA LEU A 1326 25.34 -11.88 26.67
C LEU A 1326 26.10 -12.38 25.45
N LYS A 1327 25.63 -13.50 24.90
CA LYS A 1327 26.22 -14.09 23.71
C LYS A 1327 25.77 -13.32 22.46
N SER A 1328 26.20 -13.81 21.30
CA SER A 1328 25.85 -13.14 20.04
C SER A 1328 24.39 -13.36 19.67
N ASN A 1329 23.83 -14.53 19.98
CA ASN A 1329 22.45 -14.85 19.65
C ASN A 1329 21.48 -14.54 20.78
N GLU A 1330 21.95 -13.97 21.89
CA GLU A 1330 21.10 -13.65 23.02
C GLU A 1330 20.68 -12.19 23.06
N ILE A 1331 21.05 -11.40 22.05
CA ILE A 1331 20.71 -9.99 22.03
C ILE A 1331 19.24 -9.83 21.66
N PRO A 1332 18.43 -9.13 22.46
CA PRO A 1332 17.05 -8.84 22.05
C PRO A 1332 17.01 -7.86 20.89
N THR A 1333 15.91 -7.91 20.15
CA THR A 1333 15.79 -7.15 18.91
C THR A 1333 15.61 -5.65 19.14
N ASN A 1334 15.24 -5.22 20.34
CA ASN A 1334 15.14 -3.80 20.62
C ASN A 1334 16.50 -3.16 20.81
N MET A 1335 17.51 -3.95 21.21
CA MET A 1335 18.86 -3.48 21.41
C MET A 1335 19.71 -3.58 20.15
N GLY A 1336 19.13 -3.97 19.02
CA GLY A 1336 19.89 -4.17 17.81
C GLY A 1336 20.25 -5.61 17.51
N GLY A 1337 19.55 -6.57 18.10
CA GLY A 1337 19.88 -7.97 17.92
C GLY A 1337 19.41 -8.52 16.59
N TRP A 1338 19.57 -9.83 16.44
CA TRP A 1338 19.32 -10.52 15.19
C TRP A 1338 18.17 -11.50 15.34
N LEU A 1339 17.46 -11.73 14.23
CA LEU A 1339 16.32 -12.64 14.18
C LEU A 1339 16.85 -14.06 14.19
N THR A 1340 16.96 -14.65 15.39
CA THR A 1340 17.60 -15.94 15.58
C THR A 1340 16.65 -17.01 16.10
N SER A 1341 15.34 -16.82 15.93
CA SER A 1341 14.38 -17.80 16.41
C SER A 1341 14.38 -19.03 15.50
N PRO A 1342 14.00 -20.20 16.03
CA PRO A 1342 13.73 -21.36 15.16
C PRO A 1342 12.50 -21.15 14.29
N ILE A 1343 12.18 -22.14 13.47
CA ILE A 1343 11.22 -21.93 12.40
C ILE A 1343 9.80 -22.28 12.82
N GLU A 1344 9.61 -23.37 13.56
CA GLU A 1344 8.26 -23.71 14.04
C GLU A 1344 7.66 -22.71 15.03
N PRO A 1345 8.37 -22.21 16.07
CA PRO A 1345 7.77 -21.12 16.87
C PRO A 1345 7.51 -19.85 16.09
N LEU A 1346 8.32 -19.57 15.05
CA LEU A 1346 8.04 -18.44 14.18
C LEU A 1346 6.74 -18.65 13.41
N SER A 1347 6.57 -19.84 12.82
CA SER A 1347 5.41 -20.10 11.98
C SER A 1347 4.12 -20.19 12.79
N ILE A 1348 4.21 -20.59 14.06
CA ILE A 1348 3.00 -20.70 14.87
C ILE A 1348 2.73 -19.40 15.62
N LEU A 1349 3.67 -18.97 16.46
CA LEU A 1349 3.43 -17.81 17.32
C LEU A 1349 3.61 -16.50 16.55
N GLY A 1350 4.81 -16.22 16.07
CA GLY A 1350 5.07 -15.01 15.33
C GLY A 1350 6.41 -14.39 15.64
N PRO A 1351 6.59 -13.12 15.27
CA PRO A 1351 7.89 -12.46 15.45
C PRO A 1351 8.26 -12.17 16.90
N SER A 1352 7.32 -12.15 17.84
CA SER A 1352 7.64 -11.92 19.24
C SER A 1352 8.20 -13.16 19.93
N SER A 1353 8.17 -14.30 19.25
CA SER A 1353 8.61 -15.56 19.83
C SER A 1353 10.10 -15.58 20.11
N ASN A 1354 10.92 -14.83 19.38
CA ASN A 1354 12.35 -14.84 19.67
C ASN A 1354 12.66 -14.15 20.99
N ASP A 1355 11.99 -13.03 21.27
CA ASP A 1355 12.13 -12.36 22.56
C ASP A 1355 11.58 -13.24 23.69
N GLN A 1356 10.46 -13.92 23.42
CA GLN A 1356 9.90 -14.82 24.44
C GLN A 1356 10.82 -16.00 24.73
N ILE A 1357 11.46 -16.57 23.69
CA ILE A 1357 12.38 -17.69 23.88
C ILE A 1357 13.66 -17.25 24.58
N ILE A 1358 14.16 -16.04 24.27
CA ILE A 1358 15.34 -15.51 24.95
C ILE A 1358 15.06 -15.31 26.44
N TYR A 1359 13.91 -14.71 26.76
CA TYR A 1359 13.56 -14.50 28.16
C TYR A 1359 13.28 -15.81 28.89
N TYR A 1360 12.64 -16.77 28.22
CA TYR A 1360 12.39 -18.07 28.83
C TYR A 1360 13.70 -18.83 29.09
N ASN A 1361 14.64 -18.75 28.15
CA ASN A 1361 15.93 -19.41 28.31
C ASN A 1361 16.73 -18.82 29.46
N VAL A 1362 16.76 -17.49 29.57
CA VAL A 1362 17.52 -16.90 30.66
C VAL A 1362 16.81 -17.09 32.00
N ILE A 1363 15.47 -17.21 31.99
CA ILE A 1363 14.74 -17.49 33.22
C ILE A 1363 15.03 -18.91 33.71
N ARG A 1364 15.03 -19.88 32.78
CA ARG A 1364 15.36 -21.26 33.15
C ARG A 1364 16.82 -21.38 33.59
N ASP A 1365 17.72 -20.63 32.95
CA ASP A 1365 19.13 -20.67 33.32
C ASP A 1365 19.36 -20.02 34.69
N PHE A 1366 18.61 -18.97 35.02
CA PHE A 1366 18.78 -18.33 36.32
C PHE A 1366 18.16 -19.18 37.44
N LEU A 1367 16.99 -19.75 37.20
CA LEU A 1367 16.31 -20.54 38.22
C LEU A 1367 16.80 -21.97 38.30
N ASN A 1368 17.71 -22.39 37.40
CA ASN A 1368 18.41 -23.69 37.47
C ASN A 1368 17.44 -24.87 37.37
N LYS A 1369 16.37 -24.70 36.60
CA LYS A 1369 15.38 -25.75 36.38
C LYS A 1369 15.60 -26.38 35.01
N LYS A 1370 14.74 -27.34 34.69
CA LYS A 1370 14.87 -28.09 33.45
C LYS A 1370 13.68 -27.96 32.52
N SER A 1371 12.47 -27.86 33.05
CA SER A 1371 11.27 -27.87 32.23
C SER A 1371 10.33 -26.74 32.63
N LEU A 1372 9.48 -26.35 31.67
CA LEU A 1372 8.52 -25.27 31.88
C LEU A 1372 7.50 -25.64 32.95
N GLU A 1373 7.14 -26.92 33.06
CA GLU A 1373 6.23 -27.36 34.11
C GLU A 1373 6.84 -27.15 35.50
N GLU A 1374 8.12 -27.51 35.65
CA GLU A 1374 8.82 -27.29 36.92
C GLU A 1374 8.98 -25.80 37.23
N VAL A 1375 9.26 -25.00 36.19
CA VAL A 1375 9.41 -23.56 36.37
C VAL A 1375 8.10 -22.94 36.85
N LYS A 1376 6.98 -23.28 36.20
CA LYS A 1376 5.70 -22.70 36.59
C LYS A 1376 5.22 -23.25 37.93
N ASP A 1377 5.56 -24.50 38.26
CA ASP A 1377 5.21 -25.04 39.57
C ASP A 1377 5.99 -24.36 40.69
N SER A 1378 7.25 -24.00 40.43
CA SER A 1378 8.01 -23.26 41.43
C SER A 1378 7.54 -21.81 41.53
N VAL A 1379 7.17 -21.21 40.40
CA VAL A 1379 6.76 -19.80 40.39
C VAL A 1379 5.40 -19.62 41.08
N SER A 1380 4.46 -20.55 40.84
CA SER A 1380 3.10 -20.41 41.35
C SER A 1380 3.04 -20.44 42.88
N SER A 1381 3.98 -21.12 43.53
CA SER A 1381 4.06 -21.06 44.98
C SER A 1381 4.62 -19.71 45.42
N SER A 1382 4.11 -19.20 46.55
CA SER A 1382 4.54 -17.91 47.05
C SER A 1382 5.86 -18.03 47.80
N SER A 1383 6.43 -16.86 48.15
CA SER A 1383 7.68 -16.72 48.89
C SER A 1383 8.85 -17.42 48.18
N TYR A 1384 8.89 -17.32 46.85
CA TYR A 1384 9.95 -17.89 46.05
C TYR A 1384 10.76 -16.83 45.32
N LEU A 1385 10.09 -15.90 44.63
CA LEU A 1385 10.80 -14.82 43.95
C LEU A 1385 11.46 -13.87 44.94
N GLN A 1386 10.84 -13.66 46.11
CA GLN A 1386 11.45 -12.85 47.16
C GLN A 1386 12.75 -13.47 47.66
N MET A 1387 12.76 -14.79 47.88
CA MET A 1387 13.97 -15.43 48.37
C MET A 1387 15.05 -15.53 47.29
N ARG A 1388 14.64 -15.70 46.03
CA ARG A 1388 15.61 -15.65 44.93
C ARG A 1388 16.23 -14.26 44.79
N PHE A 1389 15.41 -13.22 44.92
CA PHE A 1389 15.91 -11.85 44.86
C PHE A 1389 16.81 -11.53 46.05
N ARG A 1390 16.49 -12.07 47.23
CA ARG A 1390 17.34 -11.88 48.40
C ARG A 1390 18.68 -12.58 48.24
N GLU A 1391 18.67 -13.79 47.67
CA GLU A 1391 19.92 -14.50 47.39
C GLU A 1391 20.76 -13.76 46.36
N LEU A 1392 20.10 -13.20 45.33
CA LEU A 1392 20.81 -12.41 44.33
C LEU A 1392 21.40 -11.14 44.95
N LYS A 1393 20.66 -10.51 45.86
CA LYS A 1393 21.15 -9.32 46.56
C LYS A 1393 22.35 -9.65 47.43
N GLY A 1394 22.31 -10.78 48.13
CA GLY A 1394 23.46 -11.20 48.93
C GLY A 1394 24.67 -11.54 48.08
N LYS A 1395 24.44 -12.16 46.92
CA LYS A 1395 25.54 -12.48 46.01
C LYS A 1395 26.16 -11.20 45.44
N TYR A 1396 25.35 -10.19 45.13
CA TYR A 1396 25.90 -8.93 44.66
C TYR A 1396 26.61 -8.19 45.80
N GLU A 1397 26.13 -8.32 47.04
CA GLU A 1397 26.79 -7.66 48.16
C GLU A 1397 28.15 -8.28 48.45
N LYS A 1398 28.25 -9.61 48.38
CA LYS A 1398 29.54 -10.25 48.60
C LYS A 1398 30.44 -10.16 47.36
N GLY A 1399 29.85 -9.92 46.18
CA GLY A 1399 30.64 -9.78 44.98
C GLY A 1399 30.97 -11.05 44.26
N THR A 1400 30.22 -12.13 44.49
CA THR A 1400 30.47 -13.44 43.91
C THR A 1400 29.48 -13.75 42.78
N LEU A 1401 29.18 -12.73 41.97
CA LEU A 1401 28.21 -12.87 40.90
C LEU A 1401 28.71 -13.81 39.80
N GLU A 1402 27.78 -14.38 39.05
CA GLU A 1402 28.08 -15.36 38.02
C GLU A 1402 27.52 -14.86 36.68
N GLU A 1403 27.75 -15.67 35.64
CA GLU A 1403 27.32 -15.31 34.29
C GLU A 1403 25.79 -15.29 34.17
N LYS A 1404 25.13 -16.30 34.74
CA LYS A 1404 23.67 -16.36 34.72
C LYS A 1404 23.06 -15.20 35.50
N ASP A 1405 23.64 -14.86 36.64
CA ASP A 1405 23.15 -13.74 37.43
C ASP A 1405 23.37 -12.41 36.71
N LYS A 1406 24.50 -12.26 36.00
CA LYS A 1406 24.73 -11.04 35.24
C LYS A 1406 23.76 -10.91 34.07
N LYS A 1407 23.48 -12.02 33.38
CA LYS A 1407 22.48 -12.00 32.31
C LYS A 1407 21.09 -11.66 32.84
N MET A 1408 20.73 -12.23 34.00
CA MET A 1408 19.43 -11.95 34.59
C MET A 1408 19.32 -10.50 35.05
N ILE A 1409 20.41 -9.95 35.62
CA ILE A 1409 20.43 -8.54 36.02
C ILE A 1409 20.26 -7.64 34.81
N PHE A 1410 20.98 -7.94 33.72
CA PHE A 1410 20.88 -7.14 32.51
C PHE A 1410 19.48 -7.19 31.91
N LEU A 1411 18.85 -8.36 31.88
CA LEU A 1411 17.53 -8.44 31.28
C LEU A 1411 16.43 -7.88 32.19
N ILE A 1412 16.60 -7.97 33.52
CA ILE A 1412 15.69 -7.30 34.45
C ILE A 1412 15.75 -5.79 34.27
N ASN A 1413 16.97 -5.25 34.18
CA ASN A 1413 17.12 -3.81 33.98
C ASN A 1413 16.66 -3.38 32.59
N LEU A 1414 16.80 -4.26 31.59
CA LEU A 1414 16.28 -3.96 30.27
C LEU A 1414 14.75 -3.87 30.27
N PHE A 1415 14.09 -4.82 30.94
CA PHE A 1415 12.64 -4.78 31.05
C PHE A 1415 12.16 -3.61 31.90
N GLU A 1416 12.95 -3.19 32.89
CA GLU A 1416 12.57 -2.06 33.71
C GLU A 1416 12.73 -0.74 32.96
N LYS A 1417 13.83 -0.58 32.22
CA LYS A 1417 14.07 0.64 31.47
C LYS A 1417 13.29 0.69 30.15
N ALA A 1418 12.70 -0.42 29.72
CA ALA A 1418 11.80 -0.38 28.58
C ALA A 1418 10.52 0.39 28.89
N SER A 1419 10.14 0.48 30.17
CA SER A 1419 9.00 1.29 30.55
C SER A 1419 9.27 2.78 30.32
N VAL A 1420 10.48 3.23 30.62
CA VAL A 1420 10.85 4.61 30.36
C VAL A 1420 11.10 4.84 28.87
N SER A 1421 12.13 4.16 28.34
CA SER A 1421 12.51 4.16 26.92
C SER A 1421 12.78 5.59 26.45
N GLU A 1422 12.20 6.04 25.34
CA GLU A 1422 12.31 7.41 24.90
C GLU A 1422 11.09 7.74 24.05
N ASP A 1423 10.64 8.99 24.16
CA ASP A 1423 9.43 9.51 23.49
C ASP A 1423 8.19 8.66 23.84
N SER A 1424 7.95 8.53 25.14
CA SER A 1424 6.90 7.66 25.67
C SER A 1424 5.70 8.47 26.14
N ASP A 1425 5.37 9.55 25.45
CA ASP A 1425 4.20 10.36 25.74
C ASP A 1425 2.99 9.97 24.89
N VAL A 1426 3.03 8.81 24.25
CA VAL A 1426 1.99 8.38 23.34
C VAL A 1426 0.85 7.74 24.13
N LEU A 1427 -0.39 8.06 23.76
CA LEU A 1427 -1.54 7.40 24.37
C LEU A 1427 -1.60 5.93 23.95
N THR A 1428 -1.53 5.67 22.63
CA THR A 1428 -1.48 4.36 21.98
C THR A 1428 -2.55 3.39 22.53
N ILE A 1429 -3.81 3.73 22.25
CA ILE A 1429 -4.93 2.88 22.63
C ILE A 1429 -4.89 1.52 21.93
N GLY A 1430 -4.24 1.43 20.78
CA GLY A 1430 -4.04 0.16 20.10
C GLY A 1430 -2.67 0.09 19.44
N MET A 1431 -1.89 -0.94 19.77
CA MET A 1431 -0.55 -1.11 19.23
C MET A 1431 -0.56 -1.98 17.99
N LYS A 1432 0.57 -2.00 17.29
CA LYS A 1432 0.67 -2.68 16.00
C LYS A 1432 1.20 -4.10 16.10
N PHE A 1433 2.12 -4.36 17.03
CA PHE A 1433 2.84 -5.63 17.06
C PHE A 1433 2.39 -6.57 18.16
N GLN A 1434 1.86 -6.04 19.27
CA GLN A 1434 1.58 -6.78 20.50
C GLN A 1434 2.81 -7.53 20.99
N THR A 1435 3.93 -6.81 21.04
CA THR A 1435 5.21 -7.35 21.47
C THR A 1435 5.45 -7.02 22.95
N MET A 1436 6.34 -7.80 23.57
CA MET A 1436 6.57 -7.68 25.00
C MET A 1436 7.39 -6.43 25.32
N LEU A 1437 8.43 -6.15 24.55
CA LEU A 1437 9.29 -5.01 24.82
C LEU A 1437 8.80 -3.76 24.11
N THR A 1438 9.59 -2.70 24.18
CA THR A 1438 9.33 -1.44 23.50
C THR A 1438 10.47 -1.16 22.52
N GLN A 1439 10.44 0.03 21.91
CA GLN A 1439 11.42 0.37 20.89
C GLN A 1439 12.70 0.94 21.47
N ILE A 1440 12.62 1.64 22.61
CA ILE A 1440 13.71 2.18 23.44
C ILE A 1440 14.44 3.33 22.76
N ILE A 1441 14.92 3.15 21.53
CA ILE A 1441 15.71 4.18 20.86
C ILE A 1441 14.98 4.64 19.60
N LYS A 1442 14.82 5.95 19.47
CA LYS A 1442 14.14 6.56 18.34
C LYS A 1442 14.93 7.77 17.88
N LEU A 1443 15.29 7.79 16.60
CA LEU A 1443 15.88 8.99 16.03
C LEU A 1443 14.77 10.02 15.81
N PRO A 1444 14.99 11.28 16.20
CA PRO A 1444 13.94 12.30 16.05
C PRO A 1444 13.63 12.60 14.59
N ASN A 1445 12.34 12.64 14.28
CA ASN A 1445 11.88 12.79 12.91
C ASN A 1445 12.07 14.23 12.44
N PHE A 1446 11.81 14.44 11.15
CA PHE A 1446 11.90 15.78 10.56
C PHE A 1446 10.63 16.54 10.93
N ILE A 1447 10.77 17.51 11.83
CA ILE A 1447 9.65 18.28 12.33
C ILE A 1447 9.74 19.70 11.79
N ASN A 1448 8.66 20.18 11.22
CA ASN A 1448 8.56 21.53 10.70
C ASN A 1448 7.65 22.36 11.59
N GLU A 1449 7.41 23.62 11.18
CA GLU A 1449 6.49 24.50 11.87
C GLU A 1449 5.38 25.02 10.98
N ASN A 1450 5.57 25.01 9.65
CA ASN A 1450 4.50 25.46 8.76
C ASN A 1450 3.32 24.49 8.76
N ALA A 1451 3.61 23.18 8.73
CA ALA A 1451 2.54 22.18 8.76
C ALA A 1451 1.80 22.19 10.08
N LEU A 1452 2.51 22.53 11.17
CA LEU A 1452 1.83 22.72 12.45
C LEU A 1452 1.05 24.03 12.48
N ASN A 1453 1.49 25.03 11.72
CA ASN A 1453 0.78 26.31 11.69
C ASN A 1453 -0.50 26.24 10.87
N LYS A 1454 -0.56 25.36 9.88
CA LYS A 1454 -1.77 25.25 9.07
C LYS A 1454 -2.94 24.60 9.81
N MET A 1455 -2.74 24.03 11.00
CA MET A 1455 -3.79 23.28 11.69
C MET A 1455 -4.68 24.21 12.49
N SER A 1456 -5.99 24.06 12.31
CA SER A 1456 -6.95 24.93 12.98
C SER A 1456 -7.03 24.64 14.47
N SER A 1457 -6.81 23.39 14.88
CA SER A 1457 -6.74 23.08 16.31
C SER A 1457 -5.51 23.72 16.94
N TYR A 1458 -4.40 23.78 16.19
CA TYR A 1458 -3.22 24.50 16.64
C TYR A 1458 -3.47 25.99 16.75
N LYS A 1459 -4.23 26.55 15.80
CA LYS A 1459 -4.61 27.97 15.87
C LYS A 1459 -5.50 28.24 17.08
N ASP A 1460 -6.43 27.34 17.36
CA ASP A 1460 -7.29 27.48 18.54
C ASP A 1460 -6.48 27.37 19.83
N PHE A 1461 -5.49 26.47 19.86
CA PHE A 1461 -4.59 26.36 21.01
C PHE A 1461 -3.79 27.64 21.20
N SER A 1462 -3.23 28.19 20.12
CA SER A 1462 -2.44 29.40 20.20
C SER A 1462 -3.28 30.66 20.46
N LYS A 1463 -4.58 30.60 20.20
CA LYS A 1463 -5.44 31.73 20.52
C LYS A 1463 -5.96 31.66 21.96
N LEU A 1464 -6.35 30.45 22.41
CA LEU A 1464 -6.84 30.31 23.78
C LEU A 1464 -5.73 30.47 24.79
N TYR A 1465 -4.59 29.82 24.57
CA TYR A 1465 -3.40 30.10 25.34
C TYR A 1465 -2.40 30.84 24.47
N PRO A 1466 -1.89 31.99 24.92
CA PRO A 1466 -1.23 32.92 23.99
C PRO A 1466 0.14 32.48 23.48
N ASN A 1467 0.82 33.40 22.78
CA ASN A 1467 2.04 33.12 22.01
C ASN A 1467 3.21 32.66 22.86
N LEU A 1468 3.15 32.81 24.19
CA LEU A 1468 4.15 32.24 25.07
C LEU A 1468 4.17 30.71 24.99
N LYS A 1469 3.04 30.11 24.64
CA LYS A 1469 2.95 28.68 24.37
C LYS A 1469 3.06 28.37 22.88
N LYS A 1470 3.47 29.34 22.07
CA LYS A 1470 3.50 29.14 20.62
C LYS A 1470 4.60 28.17 20.21
N ASN A 1471 5.75 28.24 20.85
CA ASN A 1471 6.88 27.37 20.50
C ASN A 1471 7.53 26.78 21.75
N ILE A 1498 7.82 33.38 33.17
CA ILE A 1498 6.98 33.56 34.35
C ILE A 1498 5.53 33.30 34.02
N ALA A 1499 5.00 34.06 33.06
CA ALA A 1499 3.59 33.93 32.68
C ALA A 1499 3.32 32.60 31.99
N SER A 1500 4.29 32.11 31.21
CA SER A 1500 4.16 30.79 30.58
C SER A 1500 4.12 29.68 31.62
N SER A 1501 4.88 29.82 32.71
CA SER A 1501 4.86 28.82 33.77
C SER A 1501 3.51 28.75 34.47
N LEU A 1502 2.89 29.89 34.76
CA LEU A 1502 1.58 29.86 35.41
C LEU A 1502 0.48 29.44 34.44
N GLU A 1503 0.62 29.76 33.15
CA GLU A 1503 -0.32 29.25 32.15
C GLU A 1503 -0.25 27.73 32.04
N MET A 1504 0.96 27.18 32.04
CA MET A 1504 1.12 25.73 31.96
C MET A 1504 0.65 25.06 33.26
N GLU A 1505 0.83 25.74 34.40
CA GLU A 1505 0.28 25.27 35.66
C GLU A 1505 -1.25 25.22 35.63
N SER A 1506 -1.88 26.25 35.05
CA SER A 1506 -3.34 26.25 34.93
C SER A 1506 -3.82 25.17 33.97
N VAL A 1507 -3.08 24.93 32.88
CA VAL A 1507 -3.42 23.89 31.92
C VAL A 1507 -3.38 22.51 32.57
N HIS A 1508 -2.31 22.23 33.32
CA HIS A 1508 -2.25 20.94 34.01
C HIS A 1508 -3.17 20.86 35.21
N ASP A 1509 -3.55 21.99 35.81
CA ASP A 1509 -4.57 21.96 36.85
C ASP A 1509 -5.93 21.57 36.28
N ILE A 1510 -6.30 22.12 35.13
CA ILE A 1510 -7.56 21.74 34.51
C ILE A 1510 -7.48 20.34 33.89
N MET A 1511 -6.27 19.82 33.63
CA MET A 1511 -6.13 18.42 33.26
C MET A 1511 -6.30 17.49 34.46
N ILE A 1512 -5.74 17.86 35.61
CA ILE A 1512 -5.86 17.03 36.80
C ILE A 1512 -7.30 17.02 37.30
N LYS A 1513 -8.00 18.15 37.18
CA LYS A 1513 -9.41 18.23 37.56
C LYS A 1513 -10.31 17.33 36.69
N ASN A 1514 -9.90 17.03 35.47
CA ASN A 1514 -10.65 16.14 34.56
C ASN A 1514 -9.70 15.11 33.99
N PRO A 1515 -9.41 14.04 34.73
CA PRO A 1515 -8.45 13.03 34.24
C PRO A 1515 -9.00 12.13 33.15
N GLU A 1516 -10.32 12.06 32.99
CA GLU A 1516 -10.93 11.17 32.01
C GLU A 1516 -10.60 11.59 30.58
N THR A 1517 -10.33 12.88 30.38
CA THR A 1517 -9.95 13.40 29.06
C THR A 1517 -8.64 12.77 28.57
N ILE A 1518 -7.62 12.76 29.43
CA ILE A 1518 -6.32 12.19 29.05
C ILE A 1518 -6.24 10.69 29.31
N LEU A 1519 -7.19 10.11 30.05
CA LEU A 1519 -7.12 8.68 30.33
C LEU A 1519 -8.01 7.82 29.44
N ILE A 1520 -9.12 8.35 28.92
CA ILE A 1520 -10.04 7.57 28.11
C ILE A 1520 -10.09 8.19 26.72
N ALA A 1521 -10.42 7.35 25.73
CA ALA A 1521 -10.94 7.86 24.46
C ALA A 1521 -12.24 8.62 24.73
N PRO A 1522 -12.52 9.71 23.95
CA PRO A 1522 -13.61 10.65 24.29
C PRO A 1522 -14.99 10.05 24.50
N LEU A 1523 -15.46 10.14 25.75
CA LEU A 1523 -16.74 9.55 26.14
C LEU A 1523 -17.91 10.33 25.55
N ASN A 1524 -17.83 11.65 25.56
CA ASN A 1524 -18.88 12.51 25.04
C ASN A 1524 -18.26 13.85 24.67
N ASP A 1525 -19.10 14.85 24.43
CA ASP A 1525 -18.61 16.20 24.27
C ASP A 1525 -18.11 16.74 25.60
N ARG A 1526 -17.32 17.82 25.53
CA ARG A 1526 -16.42 18.32 26.58
C ARG A 1526 -15.35 17.29 26.95
N ASP A 1527 -15.09 16.32 26.07
CA ASP A 1527 -14.00 15.39 26.23
C ASP A 1527 -13.26 15.10 24.94
N PHE A 1528 -13.76 15.55 23.78
CA PHE A 1528 -13.14 15.30 22.49
C PHE A 1528 -12.37 16.52 21.99
N LEU A 1529 -13.05 17.66 21.86
CA LEU A 1529 -12.44 18.86 21.32
C LEU A 1529 -11.37 19.42 22.27
N LEU A 1530 -11.64 19.41 23.57
CA LEU A 1530 -10.61 19.84 24.50
C LEU A 1530 -9.49 18.83 24.65
N SER A 1531 -9.74 17.55 24.36
CA SER A 1531 -8.63 16.60 24.24
C SER A 1531 -7.76 16.93 23.03
N GLN A 1532 -8.39 17.37 21.93
CA GLN A 1532 -7.63 17.79 20.76
C GLN A 1532 -6.78 19.03 21.06
N LEU A 1533 -7.31 19.96 21.86
CA LEU A 1533 -6.48 21.09 22.30
C LEU A 1533 -5.41 20.65 23.29
N PHE A 1534 -5.70 19.65 24.13
CA PHE A 1534 -4.73 19.19 25.12
C PHE A 1534 -3.63 18.34 24.50
N MET A 1535 -3.79 17.89 23.25
CA MET A 1535 -2.75 17.10 22.61
C MET A 1535 -1.50 17.93 22.27
N TYR A 1536 -1.61 19.26 22.25
CA TYR A 1536 -0.50 20.11 21.83
C TYR A 1536 0.41 20.53 22.97
N THR A 1537 0.10 20.18 24.22
CA THR A 1537 0.95 20.58 25.34
C THR A 1537 2.23 19.76 25.36
N SER A 1538 3.30 20.35 25.91
CA SER A 1538 4.61 19.78 26.24
C SER A 1538 5.42 19.40 25.01
N PRO A 1539 6.75 19.36 25.11
CA PRO A 1539 7.55 18.75 24.06
C PRO A 1539 7.32 17.25 24.00
N SER A 1540 7.74 16.65 22.89
CA SER A 1540 7.60 15.23 22.54
C SER A 1540 6.15 14.76 22.52
N LYS A 1541 5.20 15.67 22.31
CA LYS A 1541 3.81 15.31 22.01
C LYS A 1541 3.35 15.85 20.67
N ARG A 1542 4.09 16.77 20.07
CA ARG A 1542 3.76 17.35 18.78
C ARG A 1542 4.45 16.62 17.62
N ASN A 1543 5.29 15.64 17.91
CA ASN A 1543 5.94 14.83 16.88
C ASN A 1543 5.16 13.58 16.53
N GLN A 1544 3.99 13.38 17.15
CA GLN A 1544 3.11 12.28 16.76
C GLN A 1544 2.43 12.54 15.42
N LEU A 1545 2.40 13.79 14.97
CA LEU A 1545 1.85 14.14 13.66
C LEU A 1545 2.99 14.12 12.65
N SER A 1546 3.04 13.06 11.84
CA SER A 1546 4.11 12.87 10.87
C SER A 1546 3.52 12.72 9.48
N ASN A 1547 4.23 13.25 8.49
CA ASN A 1547 3.79 13.21 7.10
C ASN A 1547 4.88 12.73 6.16
N GLN A 1548 5.97 12.16 6.67
CA GLN A 1548 7.07 11.72 5.83
C GLN A 1548 6.71 10.42 5.11
N SER A 1549 6.93 10.40 3.80
CA SER A 1549 6.69 9.21 3.02
C SER A 1549 7.76 8.15 3.29
N THR A 1550 7.49 6.92 2.86
CA THR A 1550 8.41 5.81 3.10
C THR A 1550 9.65 5.84 2.22
N GLU A 1551 9.66 6.68 1.17
CA GLU A 1551 10.83 6.81 0.31
C GLU A 1551 11.67 8.04 0.61
N LYS A 1552 11.05 9.10 1.13
CA LYS A 1552 11.79 10.29 1.54
C LYS A 1552 12.33 10.18 2.96
N LEU A 1553 12.02 9.09 3.66
CA LEU A 1553 12.54 8.86 5.00
C LEU A 1553 13.82 8.06 5.01
N ALA A 1554 14.04 7.21 4.01
CA ALA A 1554 15.24 6.38 3.97
C ALA A 1554 16.50 7.22 3.73
N LEU A 1555 16.41 8.21 2.82
CA LEU A 1555 17.53 9.11 2.58
C LEU A 1555 17.83 9.96 3.81
N ASP A 1556 16.77 10.42 4.49
CA ASP A 1556 16.93 11.17 5.73
C ASP A 1556 17.60 10.32 6.81
N ARG A 1557 17.24 9.04 6.90
CA ARG A 1557 17.84 8.15 7.89
C ARG A 1557 19.29 7.84 7.54
N VAL A 1558 19.59 7.70 6.25
CA VAL A 1558 20.97 7.51 5.80
C VAL A 1558 21.85 8.71 6.14
N LEU A 1559 21.35 9.92 5.93
CA LEU A 1559 22.08 11.12 6.34
C LEU A 1559 22.15 11.27 7.86
N ARG A 1560 21.10 10.86 8.58
CA ARG A 1560 21.02 11.07 10.02
C ARG A 1560 21.88 10.10 10.82
N SER A 1561 22.03 8.86 10.35
CA SER A 1561 22.73 7.85 11.13
C SER A 1561 24.22 8.15 11.25
N LYS A 1562 24.82 8.73 10.22
CA LYS A 1562 26.21 9.19 10.29
C LYS A 1562 26.30 10.66 10.70
N ALA A 1563 25.65 11.02 11.80
CA ALA A 1563 25.59 12.40 12.23
C ALA A 1563 25.36 12.44 13.74
N ARG A 1564 25.36 13.65 14.28
CA ARG A 1564 25.12 13.90 15.71
C ARG A 1564 23.72 14.47 15.87
N THR A 1565 22.89 13.79 16.66
CA THR A 1565 21.52 14.21 16.88
C THR A 1565 21.16 14.21 18.36
N LYS A 1574 25.34 16.88 21.12
CA LYS A 1574 24.16 16.13 20.68
C LYS A 1574 24.42 14.63 20.71
N MET A 1575 25.68 14.28 20.99
CA MET A 1575 26.18 12.92 21.18
C MET A 1575 26.02 12.13 19.87
N THR A 1576 26.09 10.80 19.91
CA THR A 1576 25.99 9.98 18.71
C THR A 1576 25.10 8.78 19.00
N TYR A 1577 24.78 8.04 17.93
CA TYR A 1577 24.02 6.79 18.08
C TYR A 1577 24.82 5.76 18.85
N GLU A 1578 26.10 5.60 18.51
CA GLU A 1578 26.95 4.62 19.18
C GLU A 1578 27.22 5.02 20.63
N GLU A 1579 27.41 6.31 20.89
CA GLU A 1579 27.64 6.76 22.26
C GLU A 1579 26.37 6.70 23.10
N ASN A 1580 25.21 6.97 22.50
CA ASN A 1580 23.94 6.79 23.18
C ASN A 1580 23.72 5.32 23.56
N MET A 1581 24.02 4.41 22.61
CA MET A 1581 23.92 2.99 22.91
C MET A 1581 24.89 2.57 24.00
N GLU A 1582 26.14 3.08 23.95
CA GLU A 1582 27.15 2.72 24.93
C GLU A 1582 26.78 3.20 26.33
N LYS A 1583 26.27 4.43 26.45
CA LYS A 1583 25.83 4.89 27.77
C LYS A 1583 24.56 4.18 28.21
N LYS A 1584 23.75 3.68 27.27
CA LYS A 1584 22.58 2.89 27.66
C LYS A 1584 22.98 1.54 28.26
N ILE A 1585 23.93 0.83 27.65
CA ILE A 1585 24.40 -0.41 28.27
C ILE A 1585 25.19 -0.12 29.56
N LEU A 1586 25.88 1.02 29.63
CA LEU A 1586 26.60 1.36 30.85
C LEU A 1586 25.65 1.64 32.01
N GLU A 1587 24.51 2.26 31.73
CA GLU A 1587 23.50 2.44 32.77
C GLU A 1587 22.73 1.16 33.04
N MET A 1588 22.60 0.29 32.03
CA MET A 1588 21.86 -0.96 32.19
C MET A 1588 22.62 -2.00 32.98
N LEU A 1589 23.96 -1.95 32.96
CA LEU A 1589 24.75 -3.00 33.59
C LEU A 1589 24.74 -2.92 35.12
N LYS A 1590 24.34 -1.78 35.68
CA LYS A 1590 24.26 -1.65 37.14
C LYS A 1590 23.04 -2.40 37.67
N PHE A 1591 23.02 -2.59 38.99
CA PHE A 1591 21.98 -3.40 39.62
C PHE A 1591 20.64 -2.64 39.66
N ASP A 1592 20.62 -1.50 40.37
CA ASP A 1592 19.49 -0.61 40.65
C ASP A 1592 18.53 -1.32 41.61
N LEU A 1593 17.98 -0.56 42.56
CA LEU A 1593 17.18 -1.13 43.64
C LEU A 1593 15.70 -1.11 43.30
N ASP A 1594 14.94 -1.90 44.06
CA ASP A 1594 13.48 -2.06 43.92
C ASP A 1594 13.09 -2.50 42.51
N SER A 1595 13.80 -3.49 41.99
CA SER A 1595 13.48 -4.10 40.71
C SER A 1595 12.83 -5.48 40.87
N TYR A 1596 12.49 -5.86 42.11
CA TYR A 1596 11.81 -7.13 42.35
C TYR A 1596 10.46 -7.18 41.67
N CYS A 1597 9.72 -6.07 41.68
CA CYS A 1597 8.40 -6.04 41.07
C CYS A 1597 8.47 -6.15 39.55
N SER A 1598 9.47 -5.51 38.94
CA SER A 1598 9.70 -5.66 37.51
C SER A 1598 10.10 -7.08 37.16
N PHE A 1599 10.95 -7.70 37.99
CA PHE A 1599 11.34 -9.10 37.79
C PHE A 1599 10.15 -10.03 37.91
N LYS A 1600 9.28 -9.79 38.89
CA LYS A 1600 8.09 -10.60 39.09
C LYS A 1600 7.10 -10.46 37.93
N THR A 1601 6.91 -9.24 37.42
CA THR A 1601 6.02 -9.05 36.29
C THR A 1601 6.59 -9.65 35.01
N CYS A 1602 7.91 -9.60 34.84
CA CYS A 1602 8.55 -10.26 33.69
C CYS A 1602 8.37 -11.77 33.74
N VAL A 1603 8.57 -12.37 34.92
CA VAL A 1603 8.37 -13.81 35.08
C VAL A 1603 6.92 -14.20 34.83
N ASN A 1604 5.98 -13.41 35.37
CA ASN A 1604 4.56 -13.71 35.18
C ASN A 1604 4.13 -13.57 33.73
N LEU A 1605 4.64 -12.55 33.02
CA LEU A 1605 4.31 -12.37 31.61
C LEU A 1605 4.91 -13.46 30.74
N VAL A 1606 6.09 -13.97 31.10
CA VAL A 1606 6.67 -15.10 30.37
C VAL A 1606 5.86 -16.37 30.61
N ILE A 1607 5.54 -16.65 31.87
CA ILE A 1607 4.96 -17.95 32.23
C ILE A 1607 3.49 -18.04 31.80
N LYS A 1608 2.72 -16.96 31.95
CA LYS A 1608 1.26 -17.03 31.87
C LYS A 1608 0.73 -17.31 30.46
N ASP A 1609 1.57 -17.27 29.43
CA ASP A 1609 1.09 -17.42 28.06
C ASP A 1609 0.67 -18.86 27.78
N VAL A 1610 -0.62 -19.05 27.50
CA VAL A 1610 -1.16 -20.39 27.30
C VAL A 1610 -0.66 -21.00 26.00
N ASN A 1611 -0.54 -20.18 24.94
CA ASN A 1611 -0.03 -20.68 23.66
C ASN A 1611 1.41 -21.16 23.78
N PHE A 1612 2.25 -20.38 24.46
CA PHE A 1612 3.63 -20.77 24.69
C PHE A 1612 3.72 -22.00 25.59
N SER A 1613 2.93 -22.03 26.66
CA SER A 1613 2.98 -23.14 27.61
C SER A 1613 2.36 -24.42 27.07
N MET A 1614 1.56 -24.34 26.01
CA MET A 1614 1.08 -25.54 25.34
C MET A 1614 1.90 -25.90 24.12
N LEU A 1615 2.68 -24.96 23.57
CA LEU A 1615 3.51 -25.27 22.41
C LEU A 1615 4.84 -25.89 22.82
N ILE A 1616 5.45 -25.39 23.89
CA ILE A 1616 6.81 -25.80 24.29
C ILE A 1616 6.94 -27.29 24.67
N PRO A 1617 6.08 -27.90 25.52
CA PRO A 1617 6.29 -29.34 25.79
C PRO A 1617 6.05 -30.24 24.58
N ILE A 1618 5.07 -29.90 23.74
CA ILE A 1618 4.82 -30.72 22.55
C ILE A 1618 5.86 -30.47 21.46
N LEU A 1619 6.59 -29.36 21.51
CA LEU A 1619 7.74 -29.20 20.64
C LEU A 1619 8.94 -29.98 21.18
N ASP A 1620 9.08 -30.05 22.51
CA ASP A 1620 10.19 -30.79 23.09
C ASP A 1620 10.00 -32.31 23.00
N SER A 1621 8.77 -32.79 22.98
CA SER A 1621 8.49 -34.23 23.02
C SER A 1621 7.63 -34.65 21.84
N ALA A 1622 8.04 -34.27 20.64
CA ALA A 1622 7.37 -34.69 19.41
C ALA A 1622 8.13 -35.84 18.77
N TYR A 1623 7.42 -36.94 18.50
CA TYR A 1623 8.04 -38.06 17.82
C TYR A 1623 8.36 -37.70 16.36
N PRO A 1624 9.51 -38.13 15.84
CA PRO A 1624 10.04 -37.54 14.60
C PRO A 1624 9.25 -37.84 13.32
N CYS A 1625 8.95 -39.11 13.05
CA CYS A 1625 8.43 -39.47 11.74
C CYS A 1625 7.54 -40.70 11.87
N GLU A 1626 6.85 -41.00 10.77
CA GLU A 1626 6.02 -42.20 10.55
C GLU A 1626 4.84 -42.30 11.51
N SER A 1627 4.07 -43.40 11.38
CA SER A 1627 2.72 -43.53 11.93
C SER A 1627 1.84 -42.35 11.50
N ARG A 1628 1.77 -42.19 10.18
CA ARG A 1628 1.04 -41.11 9.49
C ARG A 1628 1.53 -39.73 9.94
N LYS A 1629 2.85 -39.56 10.01
CA LYS A 1629 3.43 -38.24 10.25
C LYS A 1629 4.26 -37.74 9.08
N ARG A 1630 5.30 -38.47 8.69
CA ARG A 1630 6.33 -37.94 7.79
C ARG A 1630 6.68 -38.99 6.74
N ASP A 1631 5.66 -39.50 6.05
CA ASP A 1631 5.92 -40.53 5.04
C ASP A 1631 6.44 -39.96 3.73
N ASN A 1632 6.51 -38.65 3.58
CA ASN A 1632 7.02 -38.02 2.36
C ASN A 1632 8.08 -36.98 2.73
N TYR A 1633 8.95 -36.68 1.77
CA TYR A 1633 10.13 -35.87 2.06
C TYR A 1633 10.42 -34.77 1.05
N ASN A 1634 9.63 -34.62 -0.01
CA ASN A 1634 9.81 -33.53 -0.97
C ASN A 1634 9.05 -32.32 -0.44
N PHE A 1635 9.71 -31.59 0.48
CA PHE A 1635 9.20 -30.41 1.20
C PHE A 1635 7.86 -30.68 1.92
N ARG A 1636 7.57 -31.97 2.16
CA ARG A 1636 6.39 -32.39 2.91
C ARG A 1636 6.70 -32.60 4.39
N TRP A 1637 7.78 -31.99 4.89
CA TRP A 1637 8.01 -31.88 6.32
C TRP A 1637 7.73 -30.49 6.84
N PHE A 1638 7.78 -29.47 5.97
CA PHE A 1638 7.34 -28.12 6.30
C PHE A 1638 5.85 -28.03 6.60
N GLN A 1639 5.07 -29.05 6.25
CA GLN A 1639 3.65 -29.09 6.55
C GLN A 1639 3.35 -29.85 7.84
N THR A 1640 3.84 -31.08 7.96
CA THR A 1640 3.38 -31.95 9.04
C THR A 1640 3.94 -31.54 10.40
N GLU A 1641 5.25 -31.38 10.51
CA GLU A 1641 5.83 -31.10 11.83
C GLU A 1641 5.61 -29.65 12.24
N LYS A 1642 5.16 -28.80 11.32
CA LYS A 1642 4.81 -27.43 11.67
C LYS A 1642 3.56 -27.39 12.54
N TRP A 1643 2.52 -28.13 12.14
CA TRP A 1643 1.21 -27.90 12.74
C TRP A 1643 0.49 -29.15 13.23
N ILE A 1644 0.78 -30.33 12.65
CA ILE A 1644 -0.02 -31.52 12.96
C ILE A 1644 0.11 -31.96 14.42
N PRO A 1645 1.30 -31.97 15.06
CA PRO A 1645 1.29 -32.07 16.53
C PRO A 1645 0.61 -30.88 17.22
N VAL A 1646 0.61 -29.69 16.62
CA VAL A 1646 0.07 -28.50 17.26
C VAL A 1646 -1.44 -28.42 17.11
N VAL A 1647 -1.97 -28.61 15.89
CA VAL A 1647 -3.41 -28.68 15.70
C VAL A 1647 -3.94 -30.06 16.05
N GLU A 1648 -3.08 -30.98 16.48
CA GLU A 1648 -3.54 -32.11 17.27
C GLU A 1648 -3.34 -31.89 18.76
N GLY A 1649 -2.40 -31.02 19.15
CA GLY A 1649 -2.32 -30.56 20.52
C GLY A 1649 -3.47 -29.62 20.84
N SER A 1650 -3.73 -28.68 19.94
CA SER A 1650 -4.95 -27.89 19.96
C SER A 1650 -5.91 -28.52 18.97
N PRO A 1651 -6.77 -29.45 19.41
CA PRO A 1651 -7.33 -30.46 18.51
C PRO A 1651 -8.43 -29.91 17.60
N GLY A 1652 -8.95 -30.82 16.77
CA GLY A 1652 -10.01 -30.49 15.84
C GLY A 1652 -9.62 -30.58 14.38
N LEU A 1653 -8.71 -31.49 14.05
CA LEU A 1653 -8.27 -31.65 12.66
C LEU A 1653 -7.80 -33.07 12.42
N VAL A 1654 -7.78 -33.44 11.15
CA VAL A 1654 -7.30 -34.75 10.70
C VAL A 1654 -6.32 -34.66 9.55
N VAL A 1655 -6.00 -33.44 9.10
CA VAL A 1655 -5.21 -33.22 7.88
C VAL A 1655 -3.76 -33.66 8.07
N MET A 1656 -3.10 -33.97 6.95
CA MET A 1656 -1.67 -34.16 6.87
C MET A 1656 -1.00 -33.08 6.01
N HIS A 1657 -1.69 -32.58 5.00
CA HIS A 1657 -1.15 -31.59 4.06
C HIS A 1657 -2.16 -30.47 3.87
N ALA A 1658 -1.83 -29.27 4.32
CA ALA A 1658 -2.78 -28.17 4.33
C ALA A 1658 -2.07 -26.84 4.11
N VAL A 1659 -2.86 -25.82 3.78
CA VAL A 1659 -2.42 -24.43 3.71
C VAL A 1659 -3.24 -23.65 4.73
N TYR A 1660 -2.56 -22.94 5.62
CA TYR A 1660 -3.18 -22.40 6.82
C TYR A 1660 -3.45 -20.91 6.71
N GLY A 1661 -4.60 -20.50 7.23
CA GLY A 1661 -4.86 -19.10 7.54
C GLY A 1661 -5.17 -18.97 9.02
N SER A 1662 -4.26 -18.36 9.77
CA SER A 1662 -4.27 -18.45 11.22
C SER A 1662 -5.09 -17.33 11.84
N ASN A 1663 -5.51 -17.56 13.09
CA ASN A 1663 -6.22 -16.58 13.88
C ASN A 1663 -5.25 -15.56 14.49
N TYR A 1664 -5.80 -14.58 15.17
CA TYR A 1664 -5.00 -13.66 15.98
C TYR A 1664 -4.95 -14.13 17.43
N ILE A 1665 -4.58 -15.39 17.63
CA ILE A 1665 -4.56 -15.97 18.96
C ILE A 1665 -3.42 -15.39 19.80
N GLU A 1666 -2.31 -15.01 19.16
CA GLU A 1666 -1.19 -14.40 19.87
C GLU A 1666 -1.47 -12.92 20.07
N ASN A 1667 -2.41 -12.65 20.98
CA ASN A 1667 -2.78 -11.29 21.36
C ASN A 1667 -2.09 -10.94 22.68
N LEU A 1668 -0.78 -10.74 22.60
CA LEU A 1668 0.02 -10.36 23.76
C LEU A 1668 0.04 -8.83 23.85
N GLY A 1669 -1.12 -8.27 24.16
CA GLY A 1669 -1.27 -6.84 24.25
C GLY A 1669 -2.20 -6.40 25.36
N LEU A 1670 -2.48 -7.30 26.30
CA LEU A 1670 -3.34 -7.00 27.44
C LEU A 1670 -2.56 -6.55 28.67
N LYS A 1671 -1.24 -6.41 28.56
CA LYS A 1671 -0.38 -5.96 29.64
C LYS A 1671 0.40 -4.71 29.27
N ASN A 1672 0.84 -4.61 28.02
CA ASN A 1672 1.54 -3.42 27.56
C ASN A 1672 0.63 -2.19 27.52
N ILE A 1673 -0.65 -2.38 27.20
CA ILE A 1673 -1.62 -1.28 27.21
C ILE A 1673 -1.89 -0.80 28.65
N PRO A 1674 -2.09 -1.66 29.68
CA PRO A 1674 -2.08 -1.12 31.05
C PRO A 1674 -0.78 -0.44 31.45
N LEU A 1675 0.38 -0.97 31.02
CA LEU A 1675 1.66 -0.32 31.33
C LEU A 1675 1.72 1.08 30.72
N THR A 1676 1.27 1.21 29.46
CA THR A 1676 1.28 2.50 28.79
C THR A 1676 0.31 3.48 29.44
N ASP A 1677 -0.88 2.99 29.84
CA ASP A 1677 -1.88 3.87 30.42
C ASP A 1677 -1.46 4.40 31.80
N ASP A 1678 -1.00 3.52 32.69
CA ASP A 1678 -0.60 4.05 33.99
C ASP A 1678 0.75 4.76 33.93
N SER A 1679 1.60 4.47 32.93
CA SER A 1679 2.79 5.28 32.72
C SER A 1679 2.42 6.68 32.22
N ILE A 1680 1.37 6.79 31.42
CA ILE A 1680 0.89 8.09 30.96
C ILE A 1680 0.34 8.90 32.14
N ASN A 1681 -0.41 8.24 33.02
CA ASN A 1681 -0.91 8.92 34.21
C ASN A 1681 0.23 9.33 35.14
N VAL A 1682 1.25 8.47 35.29
CA VAL A 1682 2.43 8.81 36.08
C VAL A 1682 3.17 9.99 35.46
N LEU A 1683 3.23 10.03 34.12
CA LEU A 1683 3.92 11.12 33.42
C LEU A 1683 3.21 12.45 33.61
N THR A 1684 1.88 12.47 33.48
CA THR A 1684 1.18 13.75 33.67
C THR A 1684 1.13 14.16 35.14
N SER A 1685 1.13 13.18 36.05
CA SER A 1685 1.26 13.50 37.48
C SER A 1685 2.65 14.07 37.78
N THR A 1686 3.68 13.55 37.11
CA THR A 1686 5.04 14.06 37.26
C THR A 1686 5.14 15.49 36.73
N PHE A 1687 4.51 15.77 35.59
CA PHE A 1687 4.47 17.13 35.07
C PHE A 1687 3.75 18.09 36.01
N GLY A 1688 2.63 17.64 36.57
CA GLY A 1688 1.89 18.48 37.52
C GLY A 1688 2.67 18.76 38.80
N THR A 1689 3.29 17.73 39.36
CA THR A 1689 4.04 17.94 40.60
C THR A 1689 5.36 18.67 40.37
N GLY A 1690 5.94 18.58 39.17
CA GLY A 1690 7.09 19.40 38.85
C GLY A 1690 6.74 20.83 38.57
N LEU A 1691 5.51 21.08 38.09
CA LEU A 1691 4.99 22.44 38.06
C LEU A 1691 4.76 22.97 39.47
N ILE A 1692 4.35 22.10 40.40
CA ILE A 1692 4.11 22.53 41.78
C ILE A 1692 5.42 22.88 42.46
N MET A 1693 6.36 21.93 42.52
CA MET A 1693 7.58 22.14 43.29
C MET A 1693 8.67 21.20 42.77
N GLU A 1694 9.90 21.44 43.23
CA GLU A 1694 11.03 20.60 42.85
C GLU A 1694 11.30 19.55 43.94
N ASP A 1695 12.36 18.76 43.72
CA ASP A 1695 12.80 17.60 44.53
C ASP A 1695 11.65 16.75 45.04
N VAL A 1696 10.80 16.32 44.10
CA VAL A 1696 9.59 15.58 44.43
C VAL A 1696 9.98 14.13 44.70
N LYS A 1697 10.18 13.80 45.99
CA LYS A 1697 10.27 12.43 46.45
C LYS A 1697 9.19 12.11 47.46
N SER A 1698 8.98 12.98 48.44
CA SER A 1698 7.82 12.94 49.32
C SER A 1698 7.15 14.31 49.27
N LEU A 1699 5.82 14.29 49.18
CA LEU A 1699 5.05 15.51 48.95
C LEU A 1699 4.93 16.34 50.23
N VAL A 1700 4.33 17.52 50.09
CA VAL A 1700 4.18 18.48 51.19
C VAL A 1700 2.75 18.47 51.69
N LYS A 1701 2.09 17.31 51.57
CA LYS A 1701 0.73 17.05 52.04
C LYS A 1701 -0.29 17.97 51.35
N GLY A 1702 -0.44 17.75 50.05
CA GLY A 1702 -1.43 18.46 49.27
C GLY A 1702 -2.80 17.81 49.35
N LYS A 1703 -3.40 17.48 48.20
CA LYS A 1703 -4.71 16.86 48.23
C LYS A 1703 -4.58 15.34 48.14
N ASP A 1704 -5.74 14.67 48.13
CA ASP A 1704 -5.78 13.20 48.21
C ASP A 1704 -5.19 12.56 46.96
N SER A 1705 -5.45 13.13 45.78
CA SER A 1705 -4.86 12.61 44.55
C SER A 1705 -3.35 12.76 44.56
N PHE A 1706 -2.84 13.87 45.09
CA PHE A 1706 -1.39 14.05 45.20
C PHE A 1706 -0.78 13.07 46.19
N GLU A 1707 -1.45 12.81 47.33
CA GLU A 1707 -0.92 11.84 48.28
C GLU A 1707 -0.93 10.43 47.71
N THR A 1708 -1.98 10.06 46.98
CA THR A 1708 -2.04 8.73 46.40
C THR A 1708 -1.05 8.58 45.26
N GLU A 1709 -0.80 9.65 44.49
CA GLU A 1709 0.22 9.57 43.45
C GLU A 1709 1.62 9.57 44.05
N ALA A 1710 1.81 10.18 45.22
CA ALA A 1710 3.09 10.08 45.91
C ALA A 1710 3.34 8.66 46.41
N PHE A 1711 2.31 8.03 46.98
CA PHE A 1711 2.42 6.62 47.37
C PHE A 1711 2.57 5.71 46.16
N SER A 1712 2.04 6.13 45.00
CA SER A 1712 2.18 5.34 43.78
C SER A 1712 3.61 5.39 43.25
N ASN A 1713 4.21 6.58 43.15
CA ASN A 1713 5.53 6.69 42.56
C ASN A 1713 6.66 6.58 43.59
N SER A 1714 6.35 6.35 44.87
CA SER A 1714 7.38 5.91 45.81
C SER A 1714 7.95 4.56 45.38
N ASN A 1715 7.08 3.63 44.99
CA ASN A 1715 7.47 2.39 44.36
C ASN A 1715 7.19 2.50 42.86
N GLU A 1716 7.30 1.38 42.16
CA GLU A 1716 6.93 1.33 40.74
C GLU A 1716 5.41 1.24 40.64
N CYS A 1717 4.79 2.30 40.11
CA CYS A 1717 3.33 2.45 40.17
C CYS A 1717 2.61 1.44 39.32
N GLN A 1718 3.13 1.17 38.11
CA GLN A 1718 2.52 0.18 37.22
C GLN A 1718 2.56 -1.21 37.84
N ARG A 1719 3.68 -1.55 38.47
CA ARG A 1719 3.81 -2.88 39.05
C ARG A 1719 2.96 -3.03 40.30
N LEU A 1720 2.86 -1.99 41.14
CA LEU A 1720 2.06 -2.20 42.34
C LEU A 1720 0.56 -2.12 42.03
N VAL A 1721 0.16 -1.38 41.00
CA VAL A 1721 -1.25 -1.44 40.61
C VAL A 1721 -1.57 -2.74 39.88
N LYS A 1722 -0.57 -3.35 39.23
CA LYS A 1722 -0.76 -4.69 38.68
C LYS A 1722 -0.92 -5.72 39.79
N ALA A 1723 -0.10 -5.60 40.85
CA ALA A 1723 -0.22 -6.50 42.00
C ALA A 1723 -1.53 -6.28 42.75
N CYS A 1724 -2.03 -5.04 42.78
CA CYS A 1724 -3.31 -4.77 43.43
C CYS A 1724 -4.47 -5.33 42.61
N ASN A 1725 -4.45 -5.15 41.29
CA ASN A 1725 -5.51 -5.68 40.45
C ASN A 1725 -5.43 -7.20 40.30
N TYR A 1726 -4.28 -7.79 40.62
CA TYR A 1726 -4.18 -9.24 40.67
C TYR A 1726 -5.06 -9.84 41.77
N MET A 1727 -5.18 -9.14 42.90
CA MET A 1727 -5.96 -9.66 44.02
C MET A 1727 -7.35 -9.06 44.15
N ILE A 1728 -7.57 -7.82 43.72
CA ILE A 1728 -8.91 -7.24 43.82
C ILE A 1728 -9.72 -7.64 42.60
N ALA A 1729 -11.05 -7.67 42.78
CA ALA A 1729 -11.99 -8.04 41.73
C ALA A 1729 -13.18 -7.09 41.73
N ALA A 1730 -12.90 -5.79 41.76
CA ALA A 1730 -13.97 -4.80 41.87
C ALA A 1730 -14.78 -4.70 40.58
N GLN A 1731 -14.14 -4.25 39.49
CA GLN A 1731 -14.71 -4.16 38.14
C GLN A 1731 -15.99 -3.33 38.13
N ASN A 1732 -15.82 -2.04 38.41
CA ASN A 1732 -16.95 -1.13 38.50
C ASN A 1732 -17.58 -0.89 37.13
N ARG A 1733 -18.85 -0.47 37.16
CA ARG A 1733 -19.70 -0.46 35.98
C ARG A 1733 -19.47 0.74 35.06
N LEU A 1734 -18.63 1.70 35.47
CA LEU A 1734 -18.23 2.86 34.67
C LEU A 1734 -19.44 3.71 34.26
N LEU A 1735 -20.08 4.28 35.28
CA LEU A 1735 -21.13 5.27 35.09
C LEU A 1735 -20.62 6.69 35.13
N ALA A 1736 -19.31 6.88 35.33
CA ALA A 1736 -18.62 8.17 35.45
C ALA A 1736 -19.16 9.04 36.59
N ILE A 1737 -19.80 8.42 37.58
CA ILE A 1737 -20.30 9.14 38.76
C ILE A 1737 -19.77 8.43 40.00
N ASN A 1738 -20.02 7.13 40.11
CA ASN A 1738 -19.59 6.36 41.26
C ASN A 1738 -18.10 6.02 41.22
N THR A 1739 -17.47 6.13 40.04
CA THR A 1739 -16.04 5.84 39.94
C THR A 1739 -15.21 6.88 40.70
N CYS A 1740 -15.61 8.15 40.63
CA CYS A 1740 -14.94 9.17 41.42
C CYS A 1740 -15.33 9.09 42.89
N PHE A 1741 -16.54 8.58 43.18
CA PHE A 1741 -17.00 8.48 44.56
C PHE A 1741 -16.34 7.34 45.32
N THR A 1742 -15.99 6.25 44.64
CA THR A 1742 -15.44 5.08 45.32
C THR A 1742 -14.01 5.34 45.79
N ARG A 1743 -13.09 5.53 44.85
CA ARG A 1743 -11.68 5.74 45.13
C ARG A 1743 -11.03 6.30 43.87
N LYS A 1744 -10.14 7.27 44.05
CA LYS A 1744 -9.67 8.05 42.90
C LYS A 1744 -8.58 7.33 42.12
N SER A 1745 -7.40 7.14 42.72
CA SER A 1745 -6.20 6.89 41.94
C SER A 1745 -6.12 5.45 41.43
N PHE A 1746 -6.09 4.48 42.34
CA PHE A 1746 -5.94 3.08 41.93
C PHE A 1746 -7.09 2.57 41.07
N PRO A 1747 -8.38 2.83 41.37
CA PRO A 1747 -9.40 2.51 40.36
C PRO A 1747 -9.31 3.34 39.09
N PHE A 1748 -8.91 4.61 39.18
CA PHE A 1748 -8.96 5.47 38.00
C PHE A 1748 -7.86 5.16 37.01
N TYR A 1749 -6.77 4.51 37.44
CA TYR A 1749 -5.81 3.99 36.47
C TYR A 1749 -5.66 2.47 36.54
N SER A 1750 -6.61 1.76 37.14
CA SER A 1750 -6.66 0.31 37.04
C SER A 1750 -7.90 -0.17 36.29
N LYS A 1751 -9.09 0.22 36.74
CA LYS A 1751 -10.32 -0.28 36.12
C LYS A 1751 -10.73 0.51 34.89
N PHE A 1752 -10.05 1.63 34.61
CA PHE A 1752 -10.42 2.49 33.50
C PHE A 1752 -9.76 2.09 32.18
N ASN A 1753 -9.01 0.98 32.17
CA ASN A 1753 -8.55 0.38 30.92
C ASN A 1753 -9.43 -0.78 30.49
N LEU A 1754 -10.63 -0.88 31.07
CA LEU A 1754 -11.68 -1.84 30.72
C LEU A 1754 -11.24 -3.29 30.90
N GLY A 1755 -10.38 -3.56 31.88
CA GLY A 1755 -9.97 -4.93 32.14
C GLY A 1755 -8.73 -4.95 33.00
N ARG A 1756 -8.39 -6.17 33.44
CA ARG A 1756 -7.21 -6.44 34.24
C ARG A 1756 -6.40 -7.55 33.58
N GLY A 1757 -5.28 -7.91 34.20
CA GLY A 1757 -4.47 -9.01 33.70
C GLY A 1757 -5.14 -10.35 33.89
N PHE A 1758 -5.58 -10.96 32.79
CA PHE A 1758 -6.36 -12.18 32.84
C PHE A 1758 -5.84 -13.14 31.77
N ILE A 1759 -6.56 -14.25 31.58
CA ILE A 1759 -6.07 -15.34 30.74
C ILE A 1759 -6.31 -15.02 29.26
N SER A 1760 -5.57 -15.71 28.40
CA SER A 1760 -5.74 -15.62 26.96
C SER A 1760 -6.59 -16.79 26.47
N ASN A 1761 -6.70 -16.95 25.15
CA ASN A 1761 -7.50 -18.01 24.57
C ASN A 1761 -6.76 -18.63 23.40
N THR A 1762 -6.99 -19.93 23.20
CA THR A 1762 -6.36 -20.70 22.14
C THR A 1762 -7.42 -21.25 21.19
N LEU A 1763 -7.07 -21.34 19.91
CA LEU A 1763 -8.00 -21.87 18.91
C LEU A 1763 -7.19 -22.60 17.82
N ALA A 1764 -7.86 -23.42 17.00
CA ALA A 1764 -7.22 -24.47 16.23
C ALA A 1764 -6.78 -24.02 14.84
N LEU A 1765 -6.38 -22.77 14.70
CA LEU A 1765 -5.53 -22.22 13.63
C LEU A 1765 -6.22 -22.09 12.27
N LEU A 1766 -7.44 -22.64 12.12
CA LEU A 1766 -8.34 -22.42 10.98
C LEU A 1766 -7.69 -22.82 9.65
N SER A 1767 -7.44 -24.11 9.49
CA SER A 1767 -7.02 -24.64 8.20
C SER A 1767 -8.11 -24.41 7.17
N THR A 1768 -7.84 -23.58 6.15
CA THR A 1768 -8.88 -23.21 5.18
C THR A 1768 -9.29 -24.41 4.34
N ILE A 1769 -8.36 -24.95 3.57
CA ILE A 1769 -8.60 -26.17 2.80
C ILE A 1769 -7.27 -26.87 2.54
N TYR A 1770 -7.37 -28.14 2.15
CA TYR A 1770 -6.22 -29.02 2.02
C TYR A 1770 -5.38 -28.60 0.81
N SER A 1771 -4.10 -28.95 0.85
CA SER A 1771 -3.36 -29.05 -0.39
C SER A 1771 -3.58 -30.44 -1.00
N LYS A 1772 -2.98 -30.68 -2.15
CA LYS A 1772 -3.13 -32.00 -2.77
C LYS A 1772 -2.30 -33.01 -1.99
N GLU A 1773 -2.97 -34.03 -1.47
CA GLU A 1773 -2.36 -34.98 -0.56
C GLU A 1773 -1.38 -35.88 -1.30
N GLU A 1774 -0.17 -36.00 -0.76
CA GLU A 1774 0.86 -36.88 -1.29
C GLU A 1774 1.16 -37.97 -0.27
N SER A 1775 1.51 -39.15 -0.77
CA SER A 1775 1.77 -40.30 0.09
C SER A 1775 2.69 -41.31 -0.59
#